data_3PUW
#
_entry.id   3PUW
#
_cell.length_a   81.881
_cell.length_b   97.344
_cell.length_c   112.336
_cell.angle_alpha   85.76
_cell.angle_beta   79.42
_cell.angle_gamma   72.45
#
_symmetry.space_group_name_H-M   'P 1'
#
loop_
_entity.id
_entity.type
_entity.pdbx_description
1 polymer 'Maltose-binding periplasmic protein'
2 polymer 'Maltose transport system permease protein malF'
3 polymer 'Maltose transport system permease protein malG'
4 polymer 'Maltose/maltodextrin import ATP-binding protein MalK'
5 branched alpha-D-glucopyranose-(1-4)-alpha-D-glucopyranose
6 non-polymer '(1R)-2-{[{[(2S)-2,3-DIHYDROXYPROPYL]OXY}(HYDROXY)PHOSPHORYL]OXY}-1-[(PALMITOYLOXY)METHYL]ETHYL (11E)-OCTADEC-11-ENOATE'
7 non-polymer UNDECYL-MALTOSIDE
8 non-polymer 'MAGNESIUM ION'
9 non-polymer "ADENOSINE-5'-DIPHOSPHATE"
10 non-polymer 'TETRAFLUOROALUMINATE ION'
11 water water
#
loop_
_entity_poly.entity_id
_entity_poly.type
_entity_poly.pdbx_seq_one_letter_code
_entity_poly.pdbx_strand_id
1 'polypeptide(L)'
;KIEEGKLVIWINGDKGYNGLAEVGKKFEKDTGIKVTVEHPDKLEEKFPQVAATGDGPDIIFWAHDRFGGYAQSGLLAEIT
PDKAFQDKLYPFTWDAVRYNGKLIAYPIAVEALSLIYNKDLLPNPPKTWEEIPALDKELKAKGKSALMFNLQEPYFTWPL
IAADGGYAFKYENGKYDIKDVGVDNAGAKAGLTFLVDLIKNKHMNADTDYSIAEAAFNKGETAMTINGPWAWSNIDTSKV
NYGVTVLPTFKGQPSKPFVGVLSAGINAASPNKELAKEFLENYLLTDEGLEAVNKDKPLGAVALKSYEEELAKDPRIAAT
MENAQKGEIMPNIPQMSAFWYAVRTAVINAASGRQTVDEALKDAQTRITKASASHHHH
;
E
2 'polypeptide(L)'
;MDVIKKKHWWQSDALKWSVLGLLGLLVGYLVVLMYAQGEYLFAITTLILSSAGLYIFANRKAYAWRYVYPGMAGMGLFVL
FPLVCTIAIAFTNYSSTNQLTFERAQEVLLDRSWQAGKTYNFGLYPAGDEWQLALSDGETGKNYLSDAFKFGGEQKLQLK
ETTAQPEGERANLRVITQNRQALSDITAILPDGNKVMMSSLRQFSGTQPLYTLDGDGTLTNNQSGVKYRPNNQIGFYQSI
TADGNWGDEKLSPGYTVTTGWKNFTRVFTDEGIQKPFLAIFVWTVVFSLITVFLTVAVGMVLACLVQWEALRGKAVYRVL
LILPYAVPSFISILIFKGLFNQSFGEINMMLSALFGVKPAWFSDPTTARTMLIIVNTWLGYPYMMILCMGLLKAIPDDLY
EASAMDGAGPFQNFFKITLPLLIKPLTPLMIASFAFNFNNFVLIQLLTNGGPDRLGTTTPAGYTDLLVNYTYRIAFEGGG
GQDFGLAAAIATLIFLLVGALAIVNLKATRMKFD
;
F
3 'polypeptide(L)'
;MAMVQPKSQKARLFITHLLLLLFIAAIMFPLLMVVAISLRQGNFATGSLIPEQISWDHWKLALGFSVEQADGRITPPPFP
VLLWLWNSVKVAGISAIGIVALSTTCAYAFARMRFPGKATLLKGMLIFQMFPAVLSLVALYALFDRLGEYIPFIGLNTHG
GVIFAYLGGIALHVWTIKGYFETIDSSLEEAAALDGATPWQAFRLVLLPLSVPILAVVFILSFIAAITEVPVASLLLRDV
NSYTLAVGMQQYLNPQNYLWGDFAAAAVMSALPITIVFLLAQRWLVNGLTAGGVKG
;
G
4 'polypeptide(L)'
;MASVQLQNVTKAWGEVVVSKDINLDIHEGEFVVFVGPSGCGKSTLLRMIAGLETITSGDLFIGEKRMNDTPPAERGVGMV
FQSYALYPHLSVAENMSFGLKLAGAKKEVINQRVNQVAEVLQLAHLLDRKPKALSGGQRQRVAIGRTLVAEPSVFLLDEP
LSNLDAALRVQMRIEISRLHKRLGRTMIYVTHDQVEAMTLADKIVVLDAGRVAQVGKPLELYHYPADRFVAGFIGSPKMN
FLPVKVTATAIDQVQVELPMPNRQQVWLPVESRDVQVGANMSLGIRPEHLLPSDIADVILEGEVQVVEQLGNETQIHIQI
PSIRQNLVYRQNDVVLVEEGATFAIGLPPERCHLFREDGTACRRLHKEPGVASASHHHHHH
;
A,B
#
loop_
_chem_comp.id
_chem_comp.type
_chem_comp.name
_chem_comp.formula
ADP non-polymer ADENOSINE-5'-DIPHOSPHATE 'C10 H15 N5 O10 P2'
ALF non-polymer 'TETRAFLUOROALUMINATE ION' 'Al F4 -1'
GLC D-saccharide, alpha linking alpha-D-glucopyranose 'C6 H12 O6'
MG non-polymer 'MAGNESIUM ION' 'Mg 2'
PGV non-polymer '(1R)-2-{[{[(2S)-2,3-DIHYDROXYPROPYL]OXY}(HYDROXY)PHOSPHORYL]OXY}-1-[(PALMITOYLOXY)METHYL]ETHYL (11E)-OCTADEC-11-ENOATE' 'C40 H77 O10 P'
UMQ non-polymer UNDECYL-MALTOSIDE 'C23 H44 O11'
#
# COMPACT_ATOMS: atom_id res chain seq x y z
N LYS A 1 -22.61 -19.94 -30.53
CA LYS A 1 -23.13 -21.13 -31.27
C LYS A 1 -23.02 -22.41 -30.43
N ILE A 2 -24.18 -22.99 -30.11
CA ILE A 2 -24.24 -24.26 -29.38
C ILE A 2 -23.85 -25.41 -30.31
N GLU A 3 -22.98 -26.29 -29.83
CA GLU A 3 -22.45 -27.39 -30.64
C GLU A 3 -23.52 -28.41 -30.99
N GLU A 4 -23.60 -28.75 -32.28
CA GLU A 4 -24.61 -29.68 -32.79
C GLU A 4 -24.22 -31.14 -32.53
N GLY A 5 -25.22 -31.96 -32.25
CA GLY A 5 -25.01 -33.41 -32.11
C GLY A 5 -24.56 -33.87 -30.75
N LYS A 6 -24.87 -33.09 -29.73
CA LYS A 6 -24.66 -33.46 -28.32
C LYS A 6 -25.64 -32.70 -27.45
N LEU A 7 -25.74 -33.06 -26.17
CA LEU A 7 -26.63 -32.35 -25.24
C LEU A 7 -25.91 -31.86 -23.99
N VAL A 8 -25.80 -30.53 -23.86
CA VAL A 8 -25.30 -29.93 -22.64
C VAL A 8 -26.50 -29.55 -21.75
N ILE A 9 -26.47 -30.02 -20.50
CA ILE A 9 -27.54 -29.73 -19.54
C ILE A 9 -27.01 -29.00 -18.32
N TRP A 10 -27.77 -28.01 -17.86
CA TRP A 10 -27.45 -27.29 -16.62
C TRP A 10 -28.51 -27.57 -15.56
N ILE A 11 -28.04 -27.93 -14.38
CA ILE A 11 -28.92 -28.22 -13.24
C ILE A 11 -28.22 -27.76 -11.97
N ASN A 12 -28.98 -27.41 -10.93
CA ASN A 12 -28.38 -26.89 -9.71
C ASN A 12 -27.59 -27.95 -8.94
N GLY A 13 -26.68 -27.51 -8.09
CA GLY A 13 -25.79 -28.40 -7.34
C GLY A 13 -26.44 -29.18 -6.22
N ASP A 14 -27.69 -28.88 -5.89
CA ASP A 14 -28.42 -29.65 -4.87
C ASP A 14 -29.41 -30.66 -5.46
N LYS A 15 -29.44 -30.76 -6.78
CA LYS A 15 -30.25 -31.77 -7.46
C LYS A 15 -29.36 -32.97 -7.78
N GLY A 16 -29.99 -34.10 -8.10
CA GLY A 16 -29.27 -35.34 -8.36
C GLY A 16 -28.58 -35.38 -9.72
N TYR A 17 -27.56 -34.54 -9.89
CA TYR A 17 -26.88 -34.41 -11.18
C TYR A 17 -26.14 -35.66 -11.65
N ASN A 18 -25.59 -36.43 -10.71
CA ASN A 18 -25.00 -37.73 -11.04
C ASN A 18 -26.06 -38.73 -11.49
N GLY A 19 -27.23 -38.64 -10.88
CA GLY A 19 -28.38 -39.44 -11.29
C GLY A 19 -28.79 -39.07 -12.69
N LEU A 20 -28.87 -37.76 -12.96
CA LEU A 20 -29.27 -37.25 -14.28
C LEU A 20 -28.30 -37.69 -15.36
N ALA A 21 -27.01 -37.74 -15.01
CA ALA A 21 -25.95 -38.15 -15.94
C ALA A 21 -26.08 -39.62 -16.36
N GLU A 22 -26.64 -40.44 -15.48
CA GLU A 22 -26.91 -41.85 -15.81
C GLU A 22 -28.05 -41.98 -16.81
N VAL A 23 -29.09 -41.16 -16.65
CA VAL A 23 -30.18 -41.06 -17.63
C VAL A 23 -29.59 -40.63 -18.99
N GLY A 24 -28.63 -39.72 -18.95
CA GLY A 24 -27.91 -39.30 -20.16
C GLY A 24 -27.04 -40.37 -20.78
N LYS A 25 -26.42 -41.20 -19.93
CA LYS A 25 -25.60 -42.33 -20.38
C LYS A 25 -26.41 -43.42 -21.06
N LYS A 26 -27.67 -43.56 -20.65
CA LYS A 26 -28.62 -44.48 -21.29
C LYS A 26 -29.04 -43.91 -22.64
N PHE A 27 -29.35 -42.63 -22.66
CA PHE A 27 -29.66 -41.90 -23.89
C PHE A 27 -28.54 -42.06 -24.92
N GLU A 28 -27.29 -42.00 -24.46
CA GLU A 28 -26.14 -42.22 -25.34
C GLU A 28 -26.06 -43.64 -25.88
N LYS A 29 -26.37 -44.62 -25.04
CA LYS A 29 -26.37 -46.02 -25.45
C LYS A 29 -27.39 -46.28 -26.56
N ASP A 30 -28.50 -45.55 -26.54
CA ASP A 30 -29.57 -45.74 -27.51
C ASP A 30 -29.48 -44.83 -28.74
N THR A 31 -28.75 -43.73 -28.64
CA THR A 31 -28.71 -42.74 -29.72
C THR A 31 -27.31 -42.41 -30.25
N GLY A 32 -26.29 -42.61 -29.41
CA GLY A 32 -24.93 -42.21 -29.74
C GLY A 32 -24.65 -40.75 -29.45
N ILE A 33 -25.69 -40.05 -28.97
CA ILE A 33 -25.58 -38.66 -28.56
C ILE A 33 -25.04 -38.60 -27.12
N LYS A 34 -23.89 -37.95 -26.96
CA LYS A 34 -23.29 -37.71 -25.66
C LYS A 34 -24.07 -36.62 -24.91
N VAL A 35 -24.37 -36.89 -23.64
CA VAL A 35 -25.04 -35.93 -22.77
C VAL A 35 -24.10 -35.50 -21.64
N THR A 36 -23.88 -34.20 -21.53
CA THR A 36 -23.03 -33.64 -20.48
C THR A 36 -23.85 -32.79 -19.51
N VAL A 37 -23.69 -33.07 -18.22
CA VAL A 37 -24.40 -32.37 -17.17
C VAL A 37 -23.43 -31.51 -16.37
N GLU A 38 -23.80 -30.24 -16.21
CA GLU A 38 -23.01 -29.30 -15.43
C GLU A 38 -23.87 -28.64 -14.36
N HIS A 39 -23.24 -28.29 -13.25
CA HIS A 39 -23.91 -27.59 -12.16
C HIS A 39 -23.11 -26.35 -11.77
N PRO A 40 -23.01 -25.38 -12.69
CA PRO A 40 -22.22 -24.19 -12.35
C PRO A 40 -22.94 -23.33 -11.33
N ASP A 41 -22.15 -22.56 -10.58
CA ASP A 41 -22.68 -21.63 -9.59
CA ASP A 41 -22.67 -21.62 -9.59
C ASP A 41 -23.46 -20.52 -10.28
N LYS A 42 -24.54 -20.10 -9.64
CA LYS A 42 -25.41 -19.04 -10.15
C LYS A 42 -25.77 -19.25 -11.62
N LEU A 43 -26.18 -20.47 -11.94
CA LEU A 43 -26.55 -20.83 -13.31
C LEU A 43 -27.79 -20.05 -13.80
N GLU A 44 -28.64 -19.66 -12.86
CA GLU A 44 -29.84 -18.87 -13.15
C GLU A 44 -29.53 -17.45 -13.65
N GLU A 45 -28.36 -16.94 -13.27
N GLU A 45 -28.36 -16.93 -13.26
CA GLU A 45 -27.90 -15.62 -13.72
CA GLU A 45 -27.88 -15.63 -13.70
C GLU A 45 -26.97 -15.75 -14.93
C GLU A 45 -26.99 -15.76 -14.93
N LYS A 46 -26.25 -16.86 -15.01
CA LYS A 46 -25.34 -17.14 -16.12
C LYS A 46 -26.08 -17.38 -17.43
N PHE A 47 -27.14 -18.20 -17.37
CA PHE A 47 -27.89 -18.59 -18.56
C PHE A 47 -28.37 -17.41 -19.42
N PRO A 48 -29.07 -16.42 -18.83
CA PRO A 48 -29.53 -15.26 -19.61
C PRO A 48 -28.42 -14.57 -20.41
N GLN A 49 -27.21 -14.52 -19.85
CA GLN A 49 -26.09 -13.84 -20.50
C GLN A 49 -25.45 -14.66 -21.63
N VAL A 50 -25.33 -15.96 -21.44
CA VAL A 50 -24.78 -16.81 -22.50
C VAL A 50 -25.80 -17.14 -23.60
N ALA A 51 -27.06 -17.34 -23.23
CA ALA A 51 -28.10 -17.68 -24.20
C ALA A 51 -28.48 -16.51 -25.10
N ALA A 52 -28.28 -15.30 -24.58
CA ALA A 52 -28.51 -14.07 -25.34
C ALA A 52 -27.67 -14.04 -26.61
N THR A 53 -26.42 -14.48 -26.50
CA THR A 53 -25.51 -14.53 -27.63
C THR A 53 -25.66 -15.82 -28.45
N GLY A 54 -26.62 -16.64 -28.07
CA GLY A 54 -26.90 -17.88 -28.78
C GLY A 54 -26.00 -19.02 -28.34
N ASP A 55 -25.47 -18.91 -27.13
CA ASP A 55 -24.69 -19.99 -26.53
C ASP A 55 -25.45 -20.61 -25.35
N GLY A 56 -24.70 -21.25 -24.44
CA GLY A 56 -25.27 -21.86 -23.24
C GLY A 56 -25.63 -23.33 -23.43
N PRO A 57 -26.19 -23.95 -22.39
CA PRO A 57 -26.63 -25.35 -22.42
C PRO A 57 -27.85 -25.52 -23.32
N ASP A 58 -28.05 -26.75 -23.80
CA ASP A 58 -29.22 -27.08 -24.62
C ASP A 58 -30.46 -27.12 -23.75
N ILE A 59 -30.31 -27.67 -22.54
CA ILE A 59 -31.41 -27.74 -21.57
C ILE A 59 -31.00 -27.09 -20.26
N ILE A 60 -31.92 -26.33 -19.67
CA ILE A 60 -31.71 -25.76 -18.34
C ILE A 60 -32.79 -26.20 -17.35
N PHE A 61 -32.36 -26.65 -16.17
CA PHE A 61 -33.26 -27.01 -15.09
C PHE A 61 -33.23 -25.95 -13.99
N TRP A 62 -34.40 -25.38 -13.70
CA TRP A 62 -34.56 -24.44 -12.60
C TRP A 62 -36.02 -24.41 -12.17
N ALA A 63 -36.31 -23.70 -11.08
CA ALA A 63 -37.69 -23.40 -10.70
C ALA A 63 -38.39 -22.60 -11.80
N HIS A 64 -39.68 -22.88 -12.00
CA HIS A 64 -40.46 -22.33 -13.10
C HIS A 64 -40.52 -20.80 -13.15
N ASP A 65 -40.52 -20.14 -12.00
CA ASP A 65 -40.78 -18.70 -11.90
C ASP A 65 -39.77 -17.83 -12.66
N ARG A 66 -38.55 -18.32 -12.80
CA ARG A 66 -37.50 -17.64 -13.56
C ARG A 66 -37.70 -17.81 -15.06
N PHE A 67 -38.39 -18.89 -15.45
CA PHE A 67 -38.55 -19.24 -16.87
C PHE A 67 -39.47 -18.30 -17.64
N GLY A 68 -40.39 -17.64 -16.93
CA GLY A 68 -41.22 -16.60 -17.51
C GLY A 68 -40.41 -15.38 -17.92
N GLY A 69 -39.32 -15.13 -17.18
CA GLY A 69 -38.37 -14.08 -17.53
C GLY A 69 -37.55 -14.45 -18.76
N TYR A 70 -36.96 -15.64 -18.74
CA TYR A 70 -36.19 -16.17 -19.86
C TYR A 70 -37.00 -16.19 -21.15
N ALA A 71 -38.26 -16.62 -21.05
CA ALA A 71 -39.15 -16.70 -22.20
C ALA A 71 -39.38 -15.34 -22.85
N GLN A 72 -39.67 -14.33 -22.02
CA GLN A 72 -39.89 -12.96 -22.48
C GLN A 72 -38.67 -12.39 -23.19
N SER A 73 -37.49 -12.76 -22.71
CA SER A 73 -36.22 -12.36 -23.29
C SER A 73 -35.92 -13.08 -24.61
N GLY A 74 -36.68 -14.13 -24.91
CA GLY A 74 -36.54 -14.87 -26.17
C GLY A 74 -35.45 -15.92 -26.14
N LEU A 75 -35.34 -16.60 -25.00
CA LEU A 75 -34.23 -17.53 -24.76
C LEU A 75 -34.67 -18.98 -24.64
N LEU A 76 -35.97 -19.23 -24.73
CA LEU A 76 -36.50 -20.58 -24.59
C LEU A 76 -37.34 -21.00 -25.79
N ALA A 77 -37.11 -22.22 -26.25
CA ALA A 77 -37.93 -22.82 -27.31
C ALA A 77 -39.33 -23.13 -26.79
N GLU A 78 -40.32 -22.94 -27.65
CA GLU A 78 -41.68 -23.37 -27.34
C GLU A 78 -41.80 -24.87 -27.57
N ILE A 79 -42.07 -25.61 -26.50
CA ILE A 79 -42.13 -27.07 -26.55
C ILE A 79 -43.49 -27.56 -27.06
N THR A 80 -43.51 -28.78 -27.61
CA THR A 80 -44.73 -29.34 -28.19
C THR A 80 -45.00 -30.80 -27.78
N PRO A 81 -45.27 -31.04 -26.47
CA PRO A 81 -45.79 -32.36 -26.13
C PRO A 81 -47.24 -32.47 -26.56
N ASP A 82 -47.64 -33.63 -27.10
CA ASP A 82 -49.04 -33.83 -27.49
C ASP A 82 -49.93 -34.02 -26.27
N LYS A 83 -51.23 -34.12 -26.52
CA LYS A 83 -52.23 -34.29 -25.47
C LYS A 83 -51.98 -35.54 -24.62
N ALA A 84 -51.47 -36.59 -25.26
CA ALA A 84 -51.19 -37.85 -24.59
C ALA A 84 -50.06 -37.74 -23.57
N PHE A 85 -49.01 -36.99 -23.92
CA PHE A 85 -47.90 -36.78 -22.99
C PHE A 85 -48.33 -35.89 -21.81
N GLN A 86 -49.13 -34.87 -22.09
CA GLN A 86 -49.63 -33.95 -21.06
C GLN A 86 -50.50 -34.64 -20.01
N ASP A 87 -51.24 -35.66 -20.41
CA ASP A 87 -52.06 -36.48 -19.51
C ASP A 87 -51.24 -37.20 -18.43
N LYS A 88 -49.95 -37.43 -18.71
CA LYS A 88 -49.06 -38.11 -17.77
C LYS A 88 -48.62 -37.24 -16.57
N LEU A 89 -48.75 -35.93 -16.70
CA LEU A 89 -48.39 -35.02 -15.61
C LEU A 89 -49.62 -34.33 -15.03
N TYR A 90 -49.56 -33.96 -13.76
CA TYR A 90 -50.64 -33.24 -13.09
C TYR A 90 -50.89 -31.91 -13.81
N PRO A 91 -52.16 -31.65 -14.20
CA PRO A 91 -52.49 -30.50 -15.03
C PRO A 91 -52.08 -29.15 -14.45
N PHE A 92 -52.07 -29.03 -13.12
CA PHE A 92 -51.71 -27.77 -12.48
C PHE A 92 -50.24 -27.40 -12.68
N THR A 93 -49.39 -28.41 -12.88
CA THR A 93 -47.98 -28.17 -13.20
C THR A 93 -47.80 -27.57 -14.60
N TRP A 94 -48.69 -27.92 -15.52
CA TRP A 94 -48.67 -27.33 -16.86
C TRP A 94 -49.03 -25.85 -16.83
N ASP A 95 -49.77 -25.44 -15.79
CA ASP A 95 -50.11 -24.04 -15.60
C ASP A 95 -48.88 -23.20 -15.24
N ALA A 96 -47.89 -23.84 -14.62
CA ALA A 96 -46.70 -23.16 -14.10
C ALA A 96 -45.70 -22.80 -15.19
N VAL A 97 -45.72 -23.57 -16.28
CA VAL A 97 -44.71 -23.46 -17.35
C VAL A 97 -45.28 -22.86 -18.64
N ARG A 98 -46.10 -21.82 -18.49
CA ARG A 98 -46.70 -21.15 -19.63
C ARG A 98 -46.28 -19.68 -19.72
N TYR A 99 -45.85 -19.25 -20.90
CA TYR A 99 -45.64 -17.83 -21.19
C TYR A 99 -46.50 -17.41 -22.39
N ASN A 100 -47.34 -16.39 -22.16
CA ASN A 100 -48.30 -15.91 -23.17
C ASN A 100 -49.17 -17.03 -23.74
N GLY A 101 -49.61 -17.91 -22.84
CA GLY A 101 -50.46 -19.04 -23.20
C GLY A 101 -49.77 -20.16 -23.97
N LYS A 102 -48.44 -20.24 -23.86
CA LYS A 102 -47.67 -21.26 -24.57
C LYS A 102 -46.70 -21.97 -23.65
N LEU A 103 -46.59 -23.29 -23.80
CA LEU A 103 -45.71 -24.11 -22.97
C LEU A 103 -44.23 -23.85 -23.28
N ILE A 104 -43.44 -23.63 -22.24
CA ILE A 104 -42.03 -23.27 -22.42
C ILE A 104 -41.03 -24.13 -21.63
N ALA A 105 -41.53 -25.19 -20.99
CA ALA A 105 -40.71 -26.11 -20.19
C ALA A 105 -41.48 -27.35 -19.72
N TYR A 106 -40.73 -28.42 -19.43
CA TYR A 106 -41.30 -29.66 -18.92
C TYR A 106 -41.21 -29.71 -17.39
N PRO A 107 -42.37 -29.77 -16.70
CA PRO A 107 -42.34 -29.88 -15.24
C PRO A 107 -41.69 -31.19 -14.78
N ILE A 108 -40.89 -31.11 -13.72
CA ILE A 108 -40.12 -32.25 -13.23
C ILE A 108 -40.51 -32.61 -11.79
N ALA A 109 -40.33 -31.65 -10.88
CA ALA A 109 -40.65 -31.87 -9.47
C ALA A 109 -41.49 -30.74 -8.91
N VAL A 110 -42.14 -31.00 -7.79
CA VAL A 110 -43.03 -30.05 -7.11
C VAL A 110 -42.52 -29.79 -5.70
N GLU A 111 -42.46 -28.52 -5.32
CA GLU A 111 -41.94 -28.11 -4.01
C GLU A 111 -42.90 -27.14 -3.31
N ALA A 112 -43.18 -27.42 -2.05
CA ALA A 112 -44.03 -26.57 -1.20
C ALA A 112 -43.80 -26.84 0.29
N LEU A 113 -44.10 -25.83 1.12
CA LEU A 113 -43.97 -25.94 2.57
C LEU A 113 -45.01 -26.87 3.18
N SER A 114 -44.58 -27.61 4.21
CA SER A 114 -45.47 -28.50 4.96
C SER A 114 -45.33 -28.31 6.47
N LEU A 115 -46.30 -28.85 7.21
CA LEU A 115 -46.28 -28.80 8.65
C LEU A 115 -45.48 -29.98 9.22
N ILE A 116 -44.32 -29.68 9.78
CA ILE A 116 -43.45 -30.68 10.39
C ILE A 116 -43.68 -30.66 11.89
N TYR A 117 -43.88 -31.83 12.49
CA TYR A 117 -44.19 -31.93 13.92
C TYR A 117 -43.43 -33.05 14.63
N ASN A 118 -43.23 -32.86 15.93
CA ASN A 118 -42.55 -33.84 16.78
C ASN A 118 -43.56 -34.86 17.31
N LYS A 119 -43.47 -36.10 16.82
CA LYS A 119 -44.40 -37.16 17.20
C LYS A 119 -44.41 -37.43 18.70
N ASP A 120 -43.23 -37.36 19.34
CA ASP A 120 -43.08 -37.62 20.77
C ASP A 120 -43.72 -36.55 21.65
N LEU A 121 -43.70 -35.30 21.19
CA LEU A 121 -44.31 -34.19 21.92
C LEU A 121 -45.76 -33.97 21.52
N LEU A 122 -46.06 -34.21 20.25
CA LEU A 122 -47.38 -33.95 19.68
C LEU A 122 -47.80 -35.08 18.73
N PRO A 123 -48.42 -36.15 19.28
CA PRO A 123 -48.81 -37.32 18.48
C PRO A 123 -49.87 -36.99 17.43
N ASN A 124 -50.85 -36.18 17.83
CA ASN A 124 -51.92 -35.75 16.92
C ASN A 124 -51.84 -34.25 16.63
N PRO A 125 -51.27 -33.90 15.47
CA PRO A 125 -51.04 -32.50 15.11
C PRO A 125 -52.33 -31.76 14.74
N PRO A 126 -52.41 -30.46 15.12
CA PRO A 126 -53.62 -29.66 14.94
C PRO A 126 -53.96 -29.42 13.47
N LYS A 127 -55.26 -29.41 13.17
CA LYS A 127 -55.75 -29.20 11.81
C LYS A 127 -56.01 -27.73 11.53
N THR A 128 -56.08 -26.93 12.59
CA THR A 128 -56.40 -25.51 12.47
C THR A 128 -55.36 -24.61 13.16
N TRP A 129 -55.22 -23.39 12.66
CA TRP A 129 -54.36 -22.37 13.30
C TRP A 129 -54.95 -21.91 14.65
N GLU A 130 -56.27 -21.80 14.72
CA GLU A 130 -56.98 -21.35 15.93
C GLU A 130 -56.72 -22.24 17.15
N GLU A 131 -56.31 -23.47 16.87
CA GLU A 131 -56.04 -24.50 17.86
C GLU A 131 -54.67 -24.30 18.54
N ILE A 132 -53.77 -23.59 17.87
CA ILE A 132 -52.40 -23.36 18.34
C ILE A 132 -52.32 -22.64 19.70
N PRO A 133 -52.96 -21.45 19.82
CA PRO A 133 -52.84 -20.69 21.07
C PRO A 133 -53.08 -21.51 22.34
N ALA A 134 -54.14 -22.34 22.33
CA ALA A 134 -54.46 -23.21 23.45
C ALA A 134 -53.43 -24.33 23.63
N LEU A 135 -52.93 -24.85 22.51
CA LEU A 135 -51.93 -25.91 22.51
C LEU A 135 -50.56 -25.44 23.00
N ASP A 136 -50.23 -24.17 22.75
CA ASP A 136 -48.98 -23.59 23.23
C ASP A 136 -48.98 -23.49 24.76
N LYS A 137 -50.14 -23.20 25.33
CA LYS A 137 -50.29 -22.99 26.77
C LYS A 137 -50.06 -24.25 27.60
N GLU A 138 -50.46 -25.40 27.08
CA GLU A 138 -50.24 -26.66 27.78
C GLU A 138 -48.83 -27.22 27.55
N LEU A 139 -48.18 -26.73 26.50
CA LEU A 139 -46.78 -27.08 26.23
C LEU A 139 -45.82 -26.19 27.01
N LYS A 140 -46.23 -24.94 27.24
CA LYS A 140 -45.44 -23.99 28.03
C LYS A 140 -45.24 -24.46 29.47
N ALA A 141 -46.18 -25.28 29.96
CA ALA A 141 -46.08 -25.86 31.30
C ALA A 141 -45.00 -26.93 31.39
N LYS A 142 -44.69 -27.56 30.25
CA LYS A 142 -43.64 -28.57 30.18
C LYS A 142 -42.29 -27.98 29.77
N GLY A 143 -42.27 -26.67 29.51
CA GLY A 143 -41.05 -25.96 29.13
C GLY A 143 -40.86 -25.83 27.63
N LYS A 144 -41.71 -26.49 26.86
CA LYS A 144 -41.65 -26.47 25.39
C LYS A 144 -42.59 -25.41 24.81
N SER A 145 -42.60 -25.29 23.49
CA SER A 145 -43.52 -24.39 22.79
C SER A 145 -44.20 -25.14 21.64
N ALA A 146 -45.31 -24.62 21.15
CA ALA A 146 -46.05 -25.27 20.07
C ALA A 146 -45.36 -25.14 18.72
N LEU A 147 -45.25 -23.90 18.23
CA LEU A 147 -44.84 -23.65 16.85
C LEU A 147 -43.77 -22.55 16.74
N MET A 148 -42.70 -22.87 16.02
CA MET A 148 -41.66 -21.90 15.68
C MET A 148 -41.25 -22.04 14.22
N PHE A 149 -41.52 -21.01 13.43
CA PHE A 149 -41.06 -20.98 12.03
C PHE A 149 -40.47 -19.60 11.67
N ASN A 150 -39.89 -19.50 10.47
CA ASN A 150 -39.31 -18.24 10.00
C ASN A 150 -40.37 -17.16 9.79
N LEU A 151 -40.38 -16.18 10.68
CA LEU A 151 -41.32 -15.06 10.62
C LEU A 151 -40.75 -13.84 9.90
N GLN A 152 -39.53 -13.98 9.37
CA GLN A 152 -38.83 -12.87 8.73
C GLN A 152 -39.04 -12.83 7.22
N GLU A 153 -39.25 -14.00 6.63
CA GLU A 153 -39.39 -14.10 5.18
C GLU A 153 -40.83 -14.44 4.77
N PRO A 154 -41.43 -13.58 3.94
CA PRO A 154 -42.85 -13.69 3.55
C PRO A 154 -43.20 -15.03 2.93
N TYR A 155 -42.18 -15.71 2.38
CA TYR A 155 -42.35 -17.04 1.83
C TYR A 155 -42.94 -17.98 2.89
N PHE A 156 -42.44 -17.87 4.12
CA PHE A 156 -42.83 -18.76 5.20
C PHE A 156 -44.14 -18.36 5.88
N THR A 157 -44.44 -17.06 5.88
CA THR A 157 -45.64 -16.52 6.54
C THR A 157 -46.85 -16.39 5.62
N TRP A 158 -46.59 -16.33 4.32
CA TRP A 158 -47.65 -16.19 3.30
C TRP A 158 -48.76 -17.26 3.32
N PRO A 159 -48.40 -18.54 3.57
CA PRO A 159 -49.46 -19.56 3.59
C PRO A 159 -50.68 -19.17 4.43
N LEU A 160 -50.44 -18.65 5.64
CA LEU A 160 -51.52 -18.23 6.53
C LEU A 160 -52.20 -16.94 6.05
N ILE A 161 -51.40 -15.99 5.60
CA ILE A 161 -51.87 -14.70 5.08
C ILE A 161 -52.80 -14.88 3.87
N ALA A 162 -52.49 -15.87 3.03
CA ALA A 162 -53.23 -16.13 1.79
C ALA A 162 -54.51 -16.92 2.01
N ALA A 163 -54.55 -17.68 3.10
CA ALA A 163 -55.59 -18.67 3.36
C ALA A 163 -57.03 -18.15 3.24
N ASP A 164 -57.26 -16.90 3.63
CA ASP A 164 -58.61 -16.34 3.65
C ASP A 164 -58.93 -15.39 2.48
N GLY A 165 -58.07 -15.37 1.47
CA GLY A 165 -58.32 -14.58 0.27
C GLY A 165 -57.18 -13.69 -0.16
N GLY A 166 -56.04 -13.80 0.52
CA GLY A 166 -54.84 -13.06 0.15
C GLY A 166 -54.21 -13.69 -1.08
N TYR A 167 -53.68 -12.85 -1.98
CA TYR A 167 -53.01 -13.32 -3.19
C TYR A 167 -52.02 -12.27 -3.71
N ALA A 168 -51.07 -12.72 -4.53
CA ALA A 168 -50.12 -11.83 -5.17
C ALA A 168 -50.80 -11.05 -6.29
N PHE A 169 -50.97 -11.71 -7.43
CA PHE A 169 -51.66 -11.15 -8.58
C PHE A 169 -52.74 -12.13 -9.00
N LYS A 170 -53.93 -11.60 -9.32
CA LYS A 170 -55.06 -12.43 -9.72
C LYS A 170 -54.74 -13.23 -10.98
N TYR A 171 -54.83 -14.55 -10.88
CA TYR A 171 -54.63 -15.45 -12.01
C TYR A 171 -55.99 -15.77 -12.63
N GLU A 172 -56.35 -14.99 -13.65
CA GLU A 172 -57.68 -15.06 -14.27
C GLU A 172 -57.89 -16.36 -15.04
N ASN A 173 -57.47 -16.38 -16.31
CA ASN A 173 -57.63 -17.57 -17.16
C ASN A 173 -56.37 -17.83 -18.00
N GLY A 174 -55.28 -18.15 -17.31
CA GLY A 174 -53.98 -18.34 -17.95
C GLY A 174 -53.21 -17.04 -18.06
N LYS A 175 -53.79 -15.96 -17.54
CA LYS A 175 -53.17 -14.64 -17.57
C LYS A 175 -53.18 -13.99 -16.19
N TYR A 176 -52.02 -13.53 -15.74
CA TYR A 176 -51.89 -12.79 -14.50
C TYR A 176 -52.24 -11.33 -14.70
N ASP A 177 -53.28 -10.87 -13.99
CA ASP A 177 -53.66 -9.46 -14.00
C ASP A 177 -52.71 -8.69 -13.09
N ILE A 178 -51.78 -7.96 -13.70
CA ILE A 178 -50.76 -7.19 -12.97
C ILE A 178 -51.35 -6.02 -12.17
N LYS A 179 -52.55 -5.59 -12.56
CA LYS A 179 -53.22 -4.47 -11.92
C LYS A 179 -54.07 -4.92 -10.73
N ASP A 180 -54.31 -6.22 -10.63
CA ASP A 180 -55.14 -6.79 -9.56
C ASP A 180 -54.28 -7.44 -8.46
N VAL A 181 -53.86 -6.63 -7.50
CA VAL A 181 -53.03 -7.09 -6.38
C VAL A 181 -53.89 -7.28 -5.13
N GLY A 182 -53.70 -8.41 -4.44
CA GLY A 182 -54.53 -8.74 -3.28
C GLY A 182 -53.79 -8.94 -1.98
N VAL A 183 -52.92 -7.99 -1.63
CA VAL A 183 -52.27 -7.99 -0.32
C VAL A 183 -53.00 -7.07 0.67
N ASP A 184 -53.94 -6.28 0.15
CA ASP A 184 -54.70 -5.30 0.94
C ASP A 184 -56.03 -5.87 1.46
N ASN A 185 -56.59 -6.84 0.76
CA ASN A 185 -57.96 -7.32 1.03
C ASN A 185 -58.21 -7.92 2.42
N ALA A 186 -59.48 -8.14 2.74
CA ALA A 186 -59.92 -8.62 4.05
C ALA A 186 -59.24 -9.92 4.50
N GLY A 187 -59.02 -10.83 3.55
CA GLY A 187 -58.41 -12.11 3.84
C GLY A 187 -56.96 -12.01 4.28
N ALA A 188 -56.21 -11.11 3.65
CA ALA A 188 -54.82 -10.87 4.00
C ALA A 188 -54.69 -10.23 5.38
N LYS A 189 -55.56 -9.24 5.64
CA LYS A 189 -55.59 -8.56 6.93
C LYS A 189 -55.87 -9.53 8.07
N ALA A 190 -56.85 -10.41 7.86
CA ALA A 190 -57.23 -11.41 8.85
C ALA A 190 -56.10 -12.41 9.12
N GLY A 191 -55.43 -12.84 8.06
CA GLY A 191 -54.28 -13.75 8.15
C GLY A 191 -53.15 -13.16 8.97
N LEU A 192 -52.74 -11.95 8.62
CA LEU A 192 -51.66 -11.26 9.30
C LEU A 192 -52.03 -10.87 10.74
N THR A 193 -53.28 -10.47 10.95
CA THR A 193 -53.78 -10.16 12.29
C THR A 193 -53.62 -11.37 13.23
N PHE A 194 -53.91 -12.56 12.72
CA PHE A 194 -53.78 -13.79 13.51
C PHE A 194 -52.33 -14.05 13.90
N LEU A 195 -51.42 -13.87 12.94
CA LEU A 195 -49.99 -14.04 13.17
C LEU A 195 -49.48 -13.08 14.24
N VAL A 196 -49.85 -11.81 14.10
CA VAL A 196 -49.46 -10.75 15.04
C VAL A 196 -49.93 -11.08 16.46
N ASP A 197 -51.14 -11.61 16.56
CA ASP A 197 -51.73 -11.96 17.85
C ASP A 197 -51.08 -13.18 18.51
N LEU A 198 -50.52 -14.08 17.71
CA LEU A 198 -49.71 -15.18 18.21
C LEU A 198 -48.44 -14.66 18.90
N ILE A 199 -47.88 -13.59 18.34
CA ILE A 199 -46.72 -12.92 18.92
C ILE A 199 -47.16 -12.12 20.15
N LYS A 200 -48.27 -11.40 20.01
CA LYS A 200 -48.85 -10.61 21.11
C LYS A 200 -49.11 -11.45 22.35
N ASN A 201 -49.57 -12.69 22.15
CA ASN A 201 -49.84 -13.61 23.26
C ASN A 201 -48.64 -14.50 23.61
N LYS A 202 -47.47 -14.13 23.08
CA LYS A 202 -46.20 -14.80 23.36
C LYS A 202 -46.18 -16.30 23.02
N HIS A 203 -46.91 -16.68 21.97
CA HIS A 203 -46.84 -18.03 21.45
C HIS A 203 -45.68 -18.12 20.46
N MET A 204 -45.36 -16.98 19.85
CA MET A 204 -44.24 -16.83 18.92
C MET A 204 -43.49 -15.52 19.17
N ASN A 205 -42.34 -15.36 18.52
CA ASN A 205 -41.51 -14.16 18.66
C ASN A 205 -41.30 -13.44 17.33
N ALA A 206 -41.42 -12.11 17.36
CA ALA A 206 -41.36 -11.27 16.15
C ALA A 206 -40.05 -11.32 15.38
N ASP A 207 -38.96 -11.72 16.04
CA ASP A 207 -37.68 -11.82 15.36
C ASP A 207 -37.11 -13.25 15.33
N THR A 208 -38.02 -14.22 15.23
CA THR A 208 -37.66 -15.62 14.98
C THR A 208 -37.33 -15.76 13.49
N ASP A 209 -36.08 -16.07 13.19
CA ASP A 209 -35.66 -16.27 11.79
C ASP A 209 -35.49 -17.75 11.45
N TYR A 210 -35.01 -18.05 10.24
CA TYR A 210 -34.87 -19.43 9.80
C TYR A 210 -34.03 -20.27 10.77
N SER A 211 -32.84 -19.78 11.10
CA SER A 211 -31.89 -20.52 11.92
C SER A 211 -32.38 -20.82 13.32
N ILE A 212 -32.97 -19.81 13.98
CA ILE A 212 -33.53 -19.98 15.32
C ILE A 212 -34.66 -21.00 15.33
N ALA A 213 -35.54 -20.94 14.33
CA ALA A 213 -36.66 -21.88 14.19
C ALA A 213 -36.18 -23.31 14.03
N GLU A 214 -35.32 -23.54 13.04
CA GLU A 214 -34.80 -24.86 12.72
C GLU A 214 -34.05 -25.51 13.89
N ALA A 215 -33.23 -24.73 14.59
CA ALA A 215 -32.45 -25.23 15.70
C ALA A 215 -33.36 -25.69 16.83
N ALA A 216 -34.44 -24.93 17.05
CA ALA A 216 -35.40 -25.21 18.12
C ALA A 216 -36.18 -26.49 17.86
N PHE A 217 -36.43 -26.81 16.59
CA PHE A 217 -37.14 -28.04 16.27
C PHE A 217 -36.21 -29.25 16.34
N ASN A 218 -35.00 -29.11 15.82
CA ASN A 218 -34.03 -30.20 15.80
C ASN A 218 -33.50 -30.59 17.18
N LYS A 219 -33.58 -29.66 18.13
CA LYS A 219 -33.16 -29.91 19.51
C LYS A 219 -34.32 -30.39 20.40
N GLY A 220 -35.52 -30.41 19.84
CA GLY A 220 -36.71 -30.89 20.56
C GLY A 220 -37.34 -29.85 21.47
N GLU A 221 -37.10 -28.58 21.18
CA GLU A 221 -37.58 -27.48 22.01
C GLU A 221 -38.96 -26.97 21.61
N THR A 222 -39.29 -27.15 20.33
CA THR A 222 -40.62 -26.79 19.84
C THR A 222 -41.30 -28.01 19.20
N ALA A 223 -42.62 -28.06 19.33
CA ALA A 223 -43.40 -29.23 18.93
C ALA A 223 -43.61 -29.33 17.42
N MET A 224 -43.58 -28.18 16.75
CA MET A 224 -43.73 -28.14 15.29
C MET A 224 -43.06 -26.93 14.65
N THR A 225 -42.78 -27.07 13.36
CA THR A 225 -42.27 -25.98 12.53
C THR A 225 -42.90 -26.03 11.14
N ILE A 226 -42.62 -25.00 10.34
CA ILE A 226 -43.07 -24.96 8.95
C ILE A 226 -41.83 -24.80 8.07
N ASN A 227 -41.57 -25.82 7.24
CA ASN A 227 -40.38 -25.84 6.39
C ASN A 227 -40.56 -26.79 5.21
N GLY A 228 -39.62 -26.72 4.25
CA GLY A 228 -39.70 -27.52 3.03
C GLY A 228 -38.88 -28.81 3.08
N PRO A 229 -38.90 -29.59 1.98
CA PRO A 229 -38.22 -30.88 1.90
C PRO A 229 -36.70 -30.81 2.02
N TRP A 230 -36.14 -29.62 1.83
CA TRP A 230 -34.71 -29.38 2.00
C TRP A 230 -34.26 -29.56 3.46
N ALA A 231 -35.23 -29.45 4.38
CA ALA A 231 -34.96 -29.51 5.81
C ALA A 231 -34.95 -30.91 6.42
N TRP A 232 -35.43 -31.90 5.67
CA TRP A 232 -35.62 -33.24 6.25
C TRP A 232 -34.33 -33.92 6.70
N SER A 233 -33.26 -33.78 5.92
CA SER A 233 -31.99 -34.45 6.23
C SER A 233 -31.38 -34.02 7.56
N ASN A 234 -31.53 -32.73 7.90
CA ASN A 234 -31.11 -32.23 9.20
C ASN A 234 -31.86 -32.90 10.36
N ILE A 235 -33.16 -33.11 10.17
CA ILE A 235 -34.01 -33.72 11.19
C ILE A 235 -33.70 -35.22 11.32
N ASP A 236 -33.33 -35.84 10.21
CA ASP A 236 -32.88 -37.23 10.21
C ASP A 236 -31.61 -37.41 11.05
N THR A 237 -30.67 -36.46 10.92
CA THR A 237 -29.42 -36.46 11.68
C THR A 237 -29.67 -36.24 13.16
N SER A 238 -30.67 -35.40 13.47
CA SER A 238 -31.05 -35.09 14.83
C SER A 238 -31.81 -36.24 15.49
N LYS A 239 -32.34 -37.14 14.66
CA LYS A 239 -33.08 -38.34 15.08
C LYS A 239 -34.39 -38.01 15.83
N VAL A 240 -34.90 -36.81 15.61
CA VAL A 240 -36.20 -36.40 16.11
C VAL A 240 -37.27 -37.25 15.43
N ASN A 241 -38.06 -37.97 16.24
CA ASN A 241 -39.18 -38.74 15.72
C ASN A 241 -40.22 -37.80 15.13
N TYR A 242 -40.15 -37.59 13.82
CA TYR A 242 -40.92 -36.51 13.19
C TYR A 242 -41.84 -36.94 12.05
N GLY A 243 -42.90 -36.17 11.87
CA GLY A 243 -43.84 -36.36 10.76
C GLY A 243 -43.97 -35.11 9.92
N VAL A 244 -44.37 -35.29 8.67
CA VAL A 244 -44.67 -34.20 7.76
C VAL A 244 -46.12 -34.36 7.32
N THR A 245 -46.93 -33.33 7.55
CA THR A 245 -48.36 -33.38 7.26
C THR A 245 -48.88 -32.11 6.56
N VAL A 246 -50.17 -32.08 6.26
CA VAL A 246 -50.83 -30.92 5.68
C VAL A 246 -50.80 -29.72 6.64
N LEU A 247 -50.61 -28.53 6.09
CA LEU A 247 -50.62 -27.31 6.88
C LEU A 247 -51.99 -27.07 7.52
N PRO A 248 -52.01 -26.50 8.74
CA PRO A 248 -53.26 -26.23 9.44
C PRO A 248 -54.14 -25.23 8.71
N THR A 249 -55.46 -25.38 8.85
CA THR A 249 -56.42 -24.51 8.18
C THR A 249 -56.64 -23.21 8.94
N PHE A 250 -57.00 -22.16 8.22
CA PHE A 250 -57.38 -20.89 8.83
C PHE A 250 -58.79 -20.50 8.41
N LYS A 251 -59.65 -20.30 9.40
CA LYS A 251 -61.07 -20.00 9.17
C LYS A 251 -61.73 -21.00 8.21
N GLY A 252 -61.47 -22.29 8.45
CA GLY A 252 -62.02 -23.38 7.63
C GLY A 252 -61.34 -23.56 6.28
N GLN A 253 -60.34 -22.72 6.00
CA GLN A 253 -59.71 -22.68 4.69
C GLN A 253 -58.22 -23.05 4.74
N PRO A 254 -57.76 -23.86 3.77
CA PRO A 254 -56.36 -24.32 3.76
C PRO A 254 -55.34 -23.20 3.61
N SER A 255 -54.18 -23.38 4.24
CA SER A 255 -53.04 -22.53 3.98
C SER A 255 -52.67 -22.68 2.51
N LYS A 256 -52.20 -21.58 1.92
CA LYS A 256 -51.87 -21.58 0.50
C LYS A 256 -50.39 -21.26 0.29
N PRO A 257 -49.51 -22.25 0.55
CA PRO A 257 -48.09 -21.98 0.35
C PRO A 257 -47.79 -21.78 -1.13
N PHE A 258 -46.73 -21.04 -1.43
CA PHE A 258 -46.29 -20.87 -2.80
C PHE A 258 -45.72 -22.19 -3.32
N VAL A 259 -45.97 -22.48 -4.59
CA VAL A 259 -45.52 -23.72 -5.20
C VAL A 259 -44.41 -23.45 -6.19
N GLY A 260 -43.29 -24.15 -6.02
CA GLY A 260 -42.18 -24.08 -6.95
C GLY A 260 -42.10 -25.39 -7.71
N VAL A 261 -42.15 -25.29 -9.05
CA VAL A 261 -42.07 -26.45 -9.92
C VAL A 261 -40.75 -26.49 -10.69
N LEU A 262 -39.86 -27.40 -10.29
CA LEU A 262 -38.60 -27.63 -11.00
C LEU A 262 -38.94 -28.01 -12.44
N SER A 263 -38.42 -27.25 -13.40
CA SER A 263 -38.80 -27.41 -14.80
C SER A 263 -37.59 -27.38 -15.72
N ALA A 264 -37.68 -28.11 -16.83
CA ALA A 264 -36.61 -28.17 -17.80
C ALA A 264 -37.01 -27.45 -19.08
N GLY A 265 -36.32 -26.36 -19.39
CA GLY A 265 -36.55 -25.61 -20.63
C GLY A 265 -35.51 -25.93 -21.68
N ILE A 266 -35.89 -25.85 -22.94
CA ILE A 266 -34.95 -26.01 -24.05
C ILE A 266 -34.52 -24.63 -24.52
N ASN A 267 -33.21 -24.43 -24.65
CA ASN A 267 -32.65 -23.18 -25.14
C ASN A 267 -33.13 -22.91 -26.56
N ALA A 268 -33.65 -21.70 -26.81
CA ALA A 268 -34.16 -21.32 -28.14
C ALA A 268 -33.10 -21.38 -29.23
N ALA A 269 -31.83 -21.26 -28.83
CA ALA A 269 -30.71 -21.23 -29.75
C ALA A 269 -30.11 -22.62 -30.03
N SER A 270 -30.64 -23.65 -29.40
CA SER A 270 -30.12 -25.01 -29.58
C SER A 270 -30.46 -25.60 -30.95
N PRO A 271 -29.46 -26.17 -31.64
CA PRO A 271 -29.71 -26.91 -32.86
C PRO A 271 -30.12 -28.35 -32.55
N ASN A 272 -30.35 -28.65 -31.27
CA ASN A 272 -30.66 -30.01 -30.82
C ASN A 272 -32.04 -30.14 -30.15
N LYS A 273 -32.99 -29.33 -30.61
CA LYS A 273 -34.35 -29.28 -30.03
C LYS A 273 -35.04 -30.64 -30.06
N GLU A 274 -34.94 -31.33 -31.20
CA GLU A 274 -35.54 -32.65 -31.36
C GLU A 274 -34.89 -33.69 -30.45
N LEU A 275 -33.57 -33.65 -30.33
CA LEU A 275 -32.83 -34.54 -29.43
C LEU A 275 -33.23 -34.29 -27.97
N ALA A 276 -33.36 -33.01 -27.63
CA ALA A 276 -33.71 -32.58 -26.28
C ALA A 276 -35.12 -33.06 -25.91
N LYS A 277 -36.06 -32.82 -26.82
CA LYS A 277 -37.44 -33.31 -26.71
C LYS A 277 -37.47 -34.82 -26.41
N GLU A 278 -36.75 -35.60 -27.18
CA GLU A 278 -36.68 -37.06 -27.00
C GLU A 278 -36.14 -37.41 -25.62
N PHE A 279 -35.02 -36.81 -25.27
CA PHE A 279 -34.41 -37.04 -23.96
C PHE A 279 -35.39 -36.74 -22.82
N LEU A 280 -36.03 -35.57 -22.88
CA LEU A 280 -36.89 -35.12 -21.79
C LEU A 280 -38.17 -35.92 -21.72
N GLU A 281 -38.80 -36.16 -22.87
CA GLU A 281 -40.08 -36.85 -22.91
C GLU A 281 -39.99 -38.35 -22.65
N ASN A 282 -39.14 -39.03 -23.41
CA ASN A 282 -39.11 -40.50 -23.39
C ASN A 282 -37.99 -41.12 -22.54
N TYR A 283 -37.11 -40.29 -21.99
CA TYR A 283 -36.00 -40.83 -21.17
C TYR A 283 -36.06 -40.37 -19.72
N LEU A 284 -36.09 -39.05 -19.51
CA LEU A 284 -36.14 -38.52 -18.15
C LEU A 284 -37.53 -38.68 -17.51
N LEU A 285 -38.55 -38.24 -18.21
CA LEU A 285 -39.91 -38.23 -17.66
C LEU A 285 -40.60 -39.60 -17.74
N THR A 286 -39.90 -40.61 -17.21
CA THR A 286 -40.43 -41.95 -17.01
C THR A 286 -40.13 -42.36 -15.58
N ASP A 287 -40.83 -43.37 -15.08
CA ASP A 287 -40.55 -43.92 -13.75
C ASP A 287 -39.07 -44.22 -13.56
N GLU A 288 -38.44 -44.86 -14.55
CA GLU A 288 -37.05 -45.28 -14.47
C GLU A 288 -36.10 -44.08 -14.47
N GLY A 289 -36.40 -43.10 -15.32
CA GLY A 289 -35.59 -41.89 -15.44
C GLY A 289 -35.57 -41.07 -14.17
N LEU A 290 -36.75 -40.73 -13.68
CA LEU A 290 -36.87 -39.96 -12.45
C LEU A 290 -36.29 -40.70 -11.25
N GLU A 291 -36.43 -42.02 -11.24
CA GLU A 291 -35.86 -42.87 -10.17
C GLU A 291 -34.34 -42.79 -10.11
N ALA A 292 -33.70 -42.63 -11.27
CA ALA A 292 -32.24 -42.50 -11.34
C ALA A 292 -31.76 -41.23 -10.64
N VAL A 293 -32.44 -40.10 -10.93
CA VAL A 293 -32.14 -38.83 -10.27
CA VAL A 293 -32.14 -38.83 -10.29
C VAL A 293 -32.50 -38.87 -8.80
N ASN A 294 -33.71 -39.34 -8.50
CA ASN A 294 -34.20 -39.44 -7.12
C ASN A 294 -33.26 -40.20 -6.17
N LYS A 295 -32.68 -41.29 -6.67
CA LYS A 295 -31.75 -42.13 -5.90
C LYS A 295 -30.46 -41.40 -5.56
N ASP A 296 -30.05 -40.49 -6.44
CA ASP A 296 -28.87 -39.65 -6.22
C ASP A 296 -29.18 -38.62 -5.14
N LYS A 297 -30.11 -37.71 -5.44
CA LYS A 297 -30.66 -36.76 -4.47
C LYS A 297 -32.17 -36.69 -4.68
N PRO A 298 -32.95 -36.90 -3.60
CA PRO A 298 -34.41 -37.01 -3.70
C PRO A 298 -35.08 -35.77 -4.28
N LEU A 299 -36.01 -35.98 -5.21
CA LEU A 299 -36.66 -34.91 -5.95
C LEU A 299 -37.85 -34.33 -5.20
N GLY A 300 -38.24 -34.98 -4.11
CA GLY A 300 -39.46 -34.64 -3.40
C GLY A 300 -40.64 -35.22 -4.16
N ALA A 301 -41.66 -34.38 -4.38
CA ALA A 301 -42.81 -34.76 -5.19
C ALA A 301 -42.55 -34.42 -6.64
N VAL A 302 -42.83 -35.38 -7.53
CA VAL A 302 -42.62 -35.20 -8.97
C VAL A 302 -43.94 -34.90 -9.67
N ALA A 303 -43.85 -34.31 -10.87
CA ALA A 303 -45.03 -33.99 -11.68
C ALA A 303 -45.61 -35.19 -12.41
N LEU A 304 -44.79 -36.21 -12.66
CA LEU A 304 -45.22 -37.42 -13.37
C LEU A 304 -46.18 -38.24 -12.50
N LYS A 305 -47.44 -38.29 -12.93
CA LYS A 305 -48.50 -39.02 -12.21
C LYS A 305 -48.09 -40.39 -11.69
N SER A 306 -47.55 -41.23 -12.57
CA SER A 306 -47.22 -42.61 -12.24
C SER A 306 -46.13 -42.74 -11.17
N TYR A 307 -45.08 -41.92 -11.26
CA TYR A 307 -43.99 -42.01 -10.30
C TYR A 307 -44.30 -41.34 -8.96
N GLU A 308 -45.07 -40.26 -8.99
CA GLU A 308 -45.54 -39.62 -7.77
C GLU A 308 -46.32 -40.59 -6.88
N GLU A 309 -47.14 -41.42 -7.52
CA GLU A 309 -47.96 -42.40 -6.82
C GLU A 309 -47.15 -43.45 -6.06
N GLU A 310 -45.99 -43.81 -6.61
CA GLU A 310 -45.06 -44.70 -5.90
C GLU A 310 -44.29 -43.95 -4.80
N LEU A 311 -43.97 -42.68 -5.05
CA LEU A 311 -43.29 -41.84 -4.06
C LEU A 311 -44.18 -41.48 -2.88
N ALA A 312 -45.46 -41.23 -3.15
CA ALA A 312 -46.42 -40.77 -2.14
C ALA A 312 -46.72 -41.80 -1.04
N LYS A 313 -46.19 -43.02 -1.19
CA LYS A 313 -46.25 -44.03 -0.14
C LYS A 313 -45.42 -43.62 1.08
N ASP A 314 -44.49 -42.70 0.85
CA ASP A 314 -43.84 -41.95 1.91
C ASP A 314 -44.75 -40.76 2.23
N PRO A 315 -45.32 -40.72 3.45
CA PRO A 315 -46.33 -39.72 3.84
C PRO A 315 -45.82 -38.28 3.77
N ARG A 316 -44.51 -38.10 3.94
CA ARG A 316 -43.89 -36.77 3.84
C ARG A 316 -44.05 -36.22 2.43
N ILE A 317 -43.82 -37.08 1.44
CA ILE A 317 -43.92 -36.69 0.03
C ILE A 317 -45.39 -36.44 -0.35
N ALA A 318 -46.28 -37.28 0.16
CA ALA A 318 -47.73 -37.09 -0.04
C ALA A 318 -48.23 -35.78 0.56
N ALA A 319 -47.71 -35.43 1.73
CA ALA A 319 -48.05 -34.17 2.38
C ALA A 319 -47.57 -32.96 1.58
N THR A 320 -46.35 -33.06 1.04
CA THR A 320 -45.80 -32.02 0.16
C THR A 320 -46.73 -31.76 -1.01
N MET A 321 -47.11 -32.84 -1.71
CA MET A 321 -47.99 -32.75 -2.88
C MET A 321 -49.35 -32.17 -2.52
N GLU A 322 -49.87 -32.56 -1.37
CA GLU A 322 -51.15 -32.06 -0.87
C GLU A 322 -51.12 -30.55 -0.61
N ASN A 323 -50.12 -30.09 0.13
CA ASN A 323 -49.93 -28.66 0.39
C ASN A 323 -49.65 -27.88 -0.89
N ALA A 324 -48.93 -28.50 -1.82
CA ALA A 324 -48.67 -27.93 -3.13
C ALA A 324 -49.96 -27.72 -3.92
N GLN A 325 -50.83 -28.74 -3.89
CA GLN A 325 -52.05 -28.72 -4.69
C GLN A 325 -53.06 -27.71 -4.15
N LYS A 326 -53.10 -27.57 -2.82
CA LYS A 326 -53.97 -26.60 -2.17
C LYS A 326 -53.36 -25.20 -2.16
N GLY A 327 -52.07 -25.13 -2.46
CA GLY A 327 -51.35 -23.87 -2.51
C GLY A 327 -51.46 -23.17 -3.85
N GLU A 328 -50.78 -22.03 -3.96
CA GLU A 328 -50.81 -21.23 -5.18
C GLU A 328 -49.48 -21.34 -5.92
N ILE A 329 -49.56 -21.38 -7.24
CA ILE A 329 -48.37 -21.39 -8.09
C ILE A 329 -47.66 -20.03 -8.00
N MET A 330 -46.33 -20.06 -7.98
CA MET A 330 -45.54 -18.84 -8.01
C MET A 330 -45.68 -18.18 -9.38
N PRO A 331 -46.14 -16.91 -9.41
CA PRO A 331 -46.24 -16.20 -10.68
C PRO A 331 -44.87 -16.02 -11.32
N ASN A 332 -44.80 -16.28 -12.61
CA ASN A 332 -43.54 -16.22 -13.35
C ASN A 332 -43.33 -14.86 -14.02
N ILE A 333 -43.96 -13.82 -13.46
CA ILE A 333 -43.91 -12.48 -14.04
C ILE A 333 -42.89 -11.59 -13.33
N PRO A 334 -42.32 -10.59 -14.04
CA PRO A 334 -41.32 -9.69 -13.46
C PRO A 334 -41.83 -8.85 -12.30
N GLN A 335 -43.15 -8.63 -12.24
CA GLN A 335 -43.76 -7.81 -11.20
C GLN A 335 -43.71 -8.42 -9.79
N MET A 336 -43.29 -9.68 -9.71
CA MET A 336 -43.15 -10.39 -8.44
C MET A 336 -42.01 -9.85 -7.57
N SER A 337 -41.04 -9.18 -8.20
CA SER A 337 -39.92 -8.56 -7.49
C SER A 337 -40.44 -7.55 -6.47
N ALA A 338 -41.30 -6.65 -6.93
CA ALA A 338 -41.95 -5.65 -6.08
C ALA A 338 -42.72 -6.30 -4.94
N PHE A 339 -43.42 -7.39 -5.24
CA PHE A 339 -44.20 -8.13 -4.26
C PHE A 339 -43.37 -8.54 -3.05
N TRP A 340 -42.22 -9.15 -3.30
CA TRP A 340 -41.39 -9.73 -2.25
C TRP A 340 -40.93 -8.73 -1.19
N TYR A 341 -40.30 -7.64 -1.63
CA TYR A 341 -39.80 -6.63 -0.70
C TYR A 341 -40.95 -5.99 0.10
N ALA A 342 -41.99 -5.57 -0.62
CA ALA A 342 -43.13 -4.88 -0.02
C ALA A 342 -43.85 -5.72 1.04
N VAL A 343 -44.04 -7.00 0.75
CA VAL A 343 -44.72 -7.90 1.70
C VAL A 343 -43.80 -8.24 2.88
N ARG A 344 -42.53 -8.55 2.59
CA ARG A 344 -41.52 -8.77 3.62
C ARG A 344 -41.50 -7.64 4.64
N THR A 345 -41.46 -6.41 4.14
CA THR A 345 -41.44 -5.20 4.96
C THR A 345 -42.70 -5.07 5.83
N ALA A 346 -43.86 -5.26 5.20
CA ALA A 346 -45.15 -5.14 5.86
C ALA A 346 -45.31 -6.07 7.07
N VAL A 347 -44.85 -7.31 6.91
CA VAL A 347 -44.91 -8.31 7.99
C VAL A 347 -43.98 -7.93 9.14
N ILE A 348 -42.78 -7.45 8.82
CA ILE A 348 -41.84 -6.93 9.81
C ILE A 348 -42.47 -5.76 10.57
N ASN A 349 -43.06 -4.83 9.81
CA ASN A 349 -43.76 -3.67 10.37
C ASN A 349 -44.90 -4.04 11.33
N ALA A 350 -45.68 -5.03 10.94
CA ALA A 350 -46.81 -5.50 11.75
C ALA A 350 -46.35 -6.27 12.97
N ALA A 351 -45.33 -7.11 12.82
CA ALA A 351 -44.82 -7.94 13.91
C ALA A 351 -44.09 -7.16 15.00
N SER A 352 -43.25 -6.20 14.59
CA SER A 352 -42.46 -5.39 15.53
C SER A 352 -43.28 -4.32 16.26
N GLY A 353 -44.40 -3.92 15.66
CA GLY A 353 -45.28 -2.92 16.25
C GLY A 353 -45.12 -1.54 15.62
N ARG A 354 -44.29 -1.44 14.59
CA ARG A 354 -44.06 -0.17 13.88
C ARG A 354 -45.34 0.34 13.21
N GLN A 355 -46.08 -0.59 12.61
CA GLN A 355 -47.38 -0.30 12.00
C GLN A 355 -48.41 -1.33 12.43
N THR A 356 -49.68 -0.96 12.37
CA THR A 356 -50.77 -1.93 12.53
C THR A 356 -50.89 -2.74 11.24
N VAL A 357 -51.61 -3.86 11.30
CA VAL A 357 -51.80 -4.75 10.15
C VAL A 357 -52.41 -4.00 8.96
N ASP A 358 -53.48 -3.26 9.20
CA ASP A 358 -54.19 -2.51 8.17
C ASP A 358 -53.27 -1.63 7.31
N GLU A 359 -52.65 -0.64 7.96
CA GLU A 359 -51.80 0.33 7.26
C GLU A 359 -50.55 -0.31 6.61
N ALA A 360 -49.99 -1.31 7.28
CA ALA A 360 -48.80 -2.01 6.78
C ALA A 360 -49.06 -2.69 5.44
N LEU A 361 -50.21 -3.35 5.33
CA LEU A 361 -50.61 -4.02 4.08
C LEU A 361 -51.18 -3.03 3.06
N LYS A 362 -51.78 -1.94 3.53
CA LYS A 362 -52.28 -0.89 2.66
C LYS A 362 -51.11 -0.23 1.92
N ASP A 363 -50.05 0.10 2.66
CA ASP A 363 -48.83 0.65 2.07
C ASP A 363 -48.13 -0.34 1.15
N ALA A 364 -48.10 -1.62 1.55
CA ALA A 364 -47.51 -2.68 0.72
C ALA A 364 -48.27 -2.90 -0.59
N GLN A 365 -49.59 -2.73 -0.55
CA GLN A 365 -50.43 -2.78 -1.75
C GLN A 365 -50.09 -1.63 -2.69
N THR A 366 -49.98 -0.43 -2.12
CA THR A 366 -49.65 0.77 -2.88
C THR A 366 -48.28 0.63 -3.56
N ARG A 367 -47.30 0.10 -2.84
CA ARG A 367 -45.93 -0.02 -3.35
C ARG A 367 -45.82 -1.02 -4.51
N ILE A 368 -46.58 -2.12 -4.44
CA ILE A 368 -46.60 -3.11 -5.52
C ILE A 368 -47.34 -2.57 -6.76
N THR A 369 -48.47 -1.88 -6.53
CA THR A 369 -49.31 -1.38 -7.62
C THR A 369 -48.67 -0.26 -8.43
N LYS A 370 -47.88 0.58 -7.77
CA LYS A 370 -47.19 1.68 -8.45
C LYS A 370 -45.94 1.19 -9.19
N ALA A 371 -45.32 0.13 -8.66
CA ALA A 371 -44.17 -0.49 -9.30
C ALA A 371 -44.59 -1.36 -10.49
N SER A 372 -45.79 -1.93 -10.43
CA SER A 372 -46.32 -2.78 -11.49
C SER A 372 -46.85 -1.98 -12.67
N ALA A 373 -47.29 -0.75 -12.41
CA ALA A 373 -47.86 0.13 -13.44
C ALA A 373 -46.81 1.04 -14.08
N SER A 374 -46.23 1.93 -13.27
CA SER A 374 -45.25 2.91 -13.75
C SER A 374 -43.82 2.46 -13.45
N TRP B 10 27.81 -10.39 -22.15
CA TRP B 10 26.88 -9.30 -22.56
C TRP B 10 25.97 -9.75 -23.70
N GLN B 11 24.68 -9.43 -23.58
CA GLN B 11 23.70 -9.72 -24.63
C GLN B 11 23.87 -8.75 -25.80
N SER B 12 23.62 -9.25 -27.00
CA SER B 12 23.83 -8.49 -28.23
C SER B 12 22.98 -7.22 -28.31
N ASP B 13 23.51 -6.21 -29.01
CA ASP B 13 22.78 -4.96 -29.26
C ASP B 13 21.79 -5.14 -30.40
N ALA B 14 22.14 -6.01 -31.35
CA ALA B 14 21.25 -6.36 -32.46
C ALA B 14 20.08 -7.20 -31.98
N LEU B 15 20.27 -7.90 -30.86
CA LEU B 15 19.25 -8.74 -30.25
C LEU B 15 18.00 -7.94 -29.85
N LYS B 16 18.20 -6.66 -29.49
CA LYS B 16 17.08 -5.79 -29.14
C LYS B 16 16.16 -5.56 -30.33
N TRP B 17 16.74 -5.25 -31.48
CA TRP B 17 15.98 -5.05 -32.71
C TRP B 17 15.40 -6.36 -33.26
N SER B 18 16.05 -7.47 -32.92
CA SER B 18 15.58 -8.80 -33.30
C SER B 18 14.30 -9.18 -32.54
N VAL B 19 14.34 -9.00 -31.22
CA VAL B 19 13.17 -9.26 -30.36
C VAL B 19 12.03 -8.31 -30.71
N LEU B 20 12.36 -7.03 -30.87
CA LEU B 20 11.39 -6.00 -31.26
C LEU B 20 10.83 -6.26 -32.66
N GLY B 21 11.61 -6.95 -33.49
CA GLY B 21 11.17 -7.38 -34.82
C GLY B 21 10.30 -8.62 -34.76
N LEU B 22 10.69 -9.56 -33.90
CA LEU B 22 9.93 -10.79 -33.66
C LEU B 22 8.57 -10.53 -33.02
N LEU B 23 8.52 -9.56 -32.11
CA LEU B 23 7.26 -9.11 -31.50
C LEU B 23 6.46 -8.28 -32.51
N GLY B 24 7.17 -7.51 -33.32
CA GLY B 24 6.56 -6.73 -34.40
C GLY B 24 6.01 -7.60 -35.51
N LEU B 25 6.28 -8.90 -35.43
CA LEU B 25 5.73 -9.88 -36.36
C LEU B 25 4.41 -10.45 -35.84
N LEU B 26 4.40 -10.88 -34.57
CA LEU B 26 3.19 -11.39 -33.91
C LEU B 26 2.04 -10.38 -34.00
N VAL B 27 2.36 -9.12 -33.74
CA VAL B 27 1.45 -8.01 -34.01
C VAL B 27 1.43 -7.82 -35.53
N GLY B 28 0.23 -7.84 -36.11
CA GLY B 28 0.07 -7.85 -37.55
C GLY B 28 -0.33 -9.24 -38.00
N TYR B 29 0.38 -10.25 -37.48
CA TYR B 29 0.01 -11.64 -37.66
C TYR B 29 -1.28 -11.93 -36.91
N LEU B 30 -1.47 -11.22 -35.78
CA LEU B 30 -2.70 -11.32 -35.01
C LEU B 30 -3.70 -10.23 -35.38
N VAL B 31 -3.20 -9.06 -35.80
CA VAL B 31 -4.04 -7.91 -36.12
C VAL B 31 -4.86 -8.11 -37.41
N VAL B 32 -4.18 -8.50 -38.48
CA VAL B 32 -4.83 -8.77 -39.77
C VAL B 32 -5.71 -10.03 -39.66
N LEU B 33 -5.29 -10.96 -38.81
CA LEU B 33 -6.05 -12.17 -38.51
C LEU B 33 -7.33 -11.85 -37.73
N MET B 34 -7.26 -10.80 -36.89
CA MET B 34 -8.44 -10.28 -36.21
C MET B 34 -9.34 -9.50 -37.17
N TYR B 35 -8.72 -8.87 -38.17
CA TYR B 35 -9.44 -8.11 -39.19
C TYR B 35 -10.39 -9.00 -40.00
N ALA B 36 -10.00 -10.26 -40.16
CA ALA B 36 -10.82 -11.25 -40.84
C ALA B 36 -11.99 -11.72 -39.97
N GLN B 37 -12.79 -12.65 -40.49
CA GLN B 37 -14.03 -13.17 -39.88
C GLN B 37 -15.04 -12.12 -39.37
N GLY B 38 -14.57 -11.21 -38.51
CA GLY B 38 -15.40 -10.11 -38.01
C GLY B 38 -15.08 -9.70 -36.58
N GLU B 39 -13.90 -9.12 -36.38
CA GLU B 39 -13.47 -8.63 -35.06
C GLU B 39 -12.79 -7.27 -35.20
N TYR B 40 -13.56 -6.26 -35.58
CA TYR B 40 -13.03 -4.93 -35.91
C TYR B 40 -12.61 -4.11 -34.68
N LEU B 41 -13.52 -4.00 -33.71
CA LEU B 41 -13.25 -3.26 -32.47
C LEU B 41 -12.04 -3.82 -31.75
N PHE B 42 -11.85 -5.13 -31.82
CA PHE B 42 -10.73 -5.80 -31.17
C PHE B 42 -9.42 -5.61 -31.94
N ALA B 43 -9.52 -5.38 -33.25
CA ALA B 43 -8.35 -5.18 -34.09
C ALA B 43 -7.81 -3.76 -33.97
N ILE B 44 -8.70 -2.79 -33.82
CA ILE B 44 -8.33 -1.38 -33.68
C ILE B 44 -7.71 -1.13 -32.30
N THR B 45 -8.33 -1.71 -31.27
CA THR B 45 -7.87 -1.54 -29.90
C THR B 45 -6.49 -2.18 -29.67
N THR B 46 -6.27 -3.36 -30.26
CA THR B 46 -5.01 -4.08 -30.09
C THR B 46 -3.87 -3.43 -30.88
N LEU B 47 -4.23 -2.72 -31.94
CA LEU B 47 -3.25 -2.04 -32.78
C LEU B 47 -2.63 -0.84 -32.06
N ILE B 48 -3.47 0.06 -31.55
CA ILE B 48 -3.00 1.26 -30.86
C ILE B 48 -2.23 0.92 -29.58
N LEU B 49 -2.63 -0.16 -28.92
CA LEU B 49 -2.02 -0.62 -27.69
C LEU B 49 -0.62 -1.19 -27.91
N SER B 50 -0.49 -2.07 -28.90
CA SER B 50 0.79 -2.69 -29.24
C SER B 50 1.79 -1.70 -29.86
N SER B 51 1.29 -0.85 -30.77
CA SER B 51 2.12 0.15 -31.44
C SER B 51 2.72 1.14 -30.46
N ALA B 52 1.95 1.49 -29.42
CA ALA B 52 2.43 2.36 -28.36
C ALA B 52 3.51 1.65 -27.54
N GLY B 53 3.32 0.35 -27.31
CA GLY B 53 4.28 -0.47 -26.58
C GLY B 53 5.60 -0.63 -27.31
N LEU B 54 5.52 -0.79 -28.63
CA LEU B 54 6.72 -0.92 -29.45
C LEU B 54 7.48 0.38 -29.60
N TYR B 55 6.73 1.48 -29.79
CA TYR B 55 7.31 2.82 -29.91
C TYR B 55 8.02 3.23 -28.62
N ILE B 56 7.40 2.91 -27.48
CA ILE B 56 7.94 3.21 -26.15
C ILE B 56 9.31 2.54 -25.94
N PHE B 57 9.43 1.28 -26.36
CA PHE B 57 10.68 0.53 -26.22
C PHE B 57 11.65 0.75 -27.37
N ALA B 58 11.20 1.45 -28.41
CA ALA B 58 12.04 1.76 -29.57
C ALA B 58 13.01 2.90 -29.25
N ASN B 59 12.47 4.10 -29.06
CA ASN B 59 13.30 5.26 -28.75
C ASN B 59 13.52 5.44 -27.25
N ARG B 60 14.77 5.70 -26.89
CA ARG B 60 15.19 5.81 -25.49
C ARG B 60 14.74 7.14 -24.85
N LYS B 61 14.04 7.97 -25.64
CA LYS B 61 13.50 9.25 -25.15
C LYS B 61 12.19 9.04 -24.38
N ALA B 62 11.53 7.92 -24.62
CA ALA B 62 10.31 7.55 -23.92
C ALA B 62 10.59 6.55 -22.79
N TYR B 63 11.78 6.64 -22.20
CA TYR B 63 12.28 5.70 -21.20
C TYR B 63 11.35 5.53 -20.00
N ALA B 64 10.90 6.65 -19.44
CA ALA B 64 10.03 6.64 -18.27
C ALA B 64 8.74 5.84 -18.51
N TRP B 65 8.23 5.88 -19.74
CA TRP B 65 6.99 5.21 -20.12
C TRP B 65 7.09 3.69 -20.08
N ARG B 66 8.30 3.16 -20.22
CA ARG B 66 8.56 1.72 -20.12
C ARG B 66 8.11 1.15 -18.78
N TYR B 67 8.18 1.98 -17.75
CA TYR B 67 7.81 1.60 -16.39
C TYR B 67 6.31 1.70 -16.16
N VAL B 68 5.67 2.61 -16.87
CA VAL B 68 4.25 2.89 -16.70
C VAL B 68 3.39 2.02 -17.63
N TYR B 69 3.91 1.75 -18.83
CA TYR B 69 3.14 1.09 -19.89
C TYR B 69 2.50 -0.25 -19.52
N PRO B 70 3.29 -1.21 -18.96
CA PRO B 70 2.69 -2.51 -18.62
C PRO B 70 1.53 -2.39 -17.63
N GLY B 71 1.70 -1.54 -16.62
CA GLY B 71 0.67 -1.32 -15.62
C GLY B 71 -0.54 -0.60 -16.17
N MET B 72 -0.33 0.42 -17.00
CA MET B 72 -1.44 1.15 -17.61
C MET B 72 -2.18 0.31 -18.66
N ALA B 73 -1.47 -0.60 -19.30
CA ALA B 73 -2.07 -1.54 -20.24
C ALA B 73 -3.08 -2.45 -19.52
N GLY B 74 -2.67 -2.98 -18.37
CA GLY B 74 -3.53 -3.82 -17.54
C GLY B 74 -4.76 -3.08 -17.06
N MET B 75 -4.55 -1.86 -16.57
CA MET B 75 -5.63 -1.00 -16.09
C MET B 75 -6.65 -0.65 -17.17
N GLY B 76 -6.15 -0.23 -18.34
CA GLY B 76 -7.02 0.13 -19.44
C GLY B 76 -7.91 -1.03 -19.86
N LEU B 77 -7.33 -2.22 -19.84
CA LEU B 77 -7.99 -3.42 -20.31
C LEU B 77 -9.10 -3.89 -19.37
N PHE B 78 -8.81 -3.92 -18.07
CA PHE B 78 -9.71 -4.54 -17.09
C PHE B 78 -10.41 -3.57 -16.15
N VAL B 79 -10.09 -2.29 -16.24
CA VAL B 79 -10.77 -1.26 -15.45
C VAL B 79 -11.47 -0.27 -16.37
N LEU B 80 -10.71 0.33 -17.29
CA LEU B 80 -11.23 1.39 -18.17
C LEU B 80 -12.21 0.84 -19.20
N PHE B 81 -11.87 -0.27 -19.83
CA PHE B 81 -12.74 -0.90 -20.83
C PHE B 81 -14.11 -1.28 -20.25
N PRO B 82 -14.15 -1.95 -19.08
CA PRO B 82 -15.44 -2.20 -18.42
C PRO B 82 -16.17 -0.91 -18.05
N LEU B 83 -15.41 0.10 -17.64
CA LEU B 83 -15.96 1.42 -17.32
C LEU B 83 -16.69 2.02 -18.52
N VAL B 84 -16.04 2.00 -19.69
CA VAL B 84 -16.61 2.60 -20.90
C VAL B 84 -17.90 1.89 -21.33
N CYS B 85 -17.89 0.55 -21.30
CA CYS B 85 -19.06 -0.26 -21.65
C CYS B 85 -20.27 0.06 -20.78
N THR B 86 -20.06 0.16 -19.47
CA THR B 86 -21.12 0.50 -18.52
C THR B 86 -21.76 1.84 -18.89
N ILE B 87 -20.93 2.84 -19.14
CA ILE B 87 -21.38 4.15 -19.61
C ILE B 87 -22.12 4.01 -20.95
N ALA B 88 -21.55 3.23 -21.87
CA ALA B 88 -22.15 3.00 -23.18
C ALA B 88 -23.56 2.46 -23.06
N ILE B 89 -23.70 1.44 -22.22
CA ILE B 89 -24.99 0.77 -21.98
C ILE B 89 -26.06 1.73 -21.48
N ALA B 90 -25.65 2.73 -20.69
CA ALA B 90 -26.57 3.72 -20.12
C ALA B 90 -27.35 4.52 -21.16
N PHE B 91 -26.83 4.58 -22.39
CA PHE B 91 -27.51 5.27 -23.49
C PHE B 91 -28.40 4.35 -24.31
N THR B 92 -28.71 3.17 -23.75
CA THR B 92 -29.57 2.18 -24.41
C THR B 92 -30.61 1.61 -23.44
N ASN B 93 -31.57 0.84 -23.95
CA ASN B 93 -32.60 0.20 -23.11
C ASN B 93 -32.29 -1.26 -22.75
N TYR B 94 -31.00 -1.60 -22.75
CA TYR B 94 -30.54 -2.94 -22.41
C TYR B 94 -31.10 -3.39 -21.05
N SER B 95 -31.98 -4.39 -21.10
CA SER B 95 -32.72 -4.89 -19.94
C SER B 95 -33.17 -6.32 -20.16
N SER B 96 -33.78 -6.93 -19.15
CA SER B 96 -34.40 -8.26 -19.28
C SER B 96 -35.33 -8.31 -20.49
N THR B 97 -36.13 -7.26 -20.65
CA THR B 97 -37.10 -7.16 -21.72
C THR B 97 -36.42 -6.95 -23.07
N ASN B 98 -35.36 -6.16 -23.09
CA ASN B 98 -34.63 -5.84 -24.32
C ASN B 98 -33.17 -6.28 -24.21
N GLN B 99 -32.94 -7.59 -24.26
CA GLN B 99 -31.61 -8.14 -23.99
C GLN B 99 -30.86 -8.58 -25.26
N LEU B 100 -31.61 -8.98 -26.28
CA LEU B 100 -31.03 -9.46 -27.53
C LEU B 100 -30.72 -8.32 -28.49
N THR B 101 -29.77 -8.55 -29.41
CA THR B 101 -29.55 -7.67 -30.55
C THR B 101 -30.72 -7.85 -31.52
N PHE B 102 -30.89 -6.90 -32.44
CA PHE B 102 -31.94 -7.01 -33.46
C PHE B 102 -31.84 -8.33 -34.22
N GLU B 103 -30.65 -8.60 -34.77
CA GLU B 103 -30.39 -9.83 -35.52
C GLU B 103 -30.88 -11.08 -34.77
N ARG B 104 -30.42 -11.23 -33.53
CA ARG B 104 -30.81 -12.35 -32.67
C ARG B 104 -32.32 -12.41 -32.45
N ALA B 105 -32.93 -11.26 -32.17
CA ALA B 105 -34.38 -11.18 -31.95
C ALA B 105 -35.17 -11.61 -33.18
N GLN B 106 -34.72 -11.16 -34.35
CA GLN B 106 -35.30 -11.56 -35.62
C GLN B 106 -35.12 -13.06 -35.85
N GLU B 107 -33.93 -13.56 -35.54
CA GLU B 107 -33.61 -14.98 -35.68
C GLU B 107 -34.54 -15.84 -34.81
N VAL B 108 -34.68 -15.44 -33.55
CA VAL B 108 -35.60 -16.10 -32.60
C VAL B 108 -37.02 -16.20 -33.16
N LEU B 109 -37.53 -15.08 -33.69
CA LEU B 109 -38.88 -15.00 -34.24
C LEU B 109 -39.05 -15.88 -35.47
N LEU B 110 -38.04 -15.92 -36.32
CA LEU B 110 -38.06 -16.74 -37.53
C LEU B 110 -37.90 -18.24 -37.27
N ASP B 111 -37.49 -18.60 -36.05
CA ASP B 111 -37.41 -19.99 -35.62
C ASP B 111 -38.74 -20.48 -35.05
N ARG B 112 -39.61 -19.54 -34.68
CA ARG B 112 -40.95 -19.83 -34.17
C ARG B 112 -41.80 -20.59 -35.19
N SER B 113 -42.62 -21.51 -34.70
CA SER B 113 -43.45 -22.33 -35.58
C SER B 113 -44.87 -22.57 -35.06
N TRP B 114 -45.76 -22.97 -35.97
CA TRP B 114 -47.12 -23.38 -35.60
C TRP B 114 -47.54 -24.63 -36.35
N GLN B 115 -48.38 -25.46 -35.73
CA GLN B 115 -48.88 -26.67 -36.36
C GLN B 115 -50.01 -26.33 -37.34
N ALA B 116 -49.70 -26.43 -38.63
CA ALA B 116 -50.65 -26.03 -39.69
C ALA B 116 -51.57 -27.16 -40.15
N GLY B 117 -51.17 -28.41 -39.89
CA GLY B 117 -51.93 -29.56 -40.36
C GLY B 117 -51.97 -30.76 -39.42
N LYS B 118 -51.92 -31.95 -40.01
CA LYS B 118 -52.03 -33.21 -39.28
C LYS B 118 -50.70 -33.63 -38.64
N THR B 119 -50.74 -34.68 -37.82
CA THR B 119 -49.55 -35.23 -37.17
C THR B 119 -49.52 -36.74 -37.30
N TYR B 120 -48.38 -37.27 -37.75
CA TYR B 120 -48.23 -38.69 -38.03
C TYR B 120 -47.01 -39.28 -37.35
N ASN B 121 -47.19 -40.42 -36.70
CA ASN B 121 -46.07 -41.17 -36.15
CA ASN B 121 -46.07 -41.17 -36.15
C ASN B 121 -45.37 -41.89 -37.29
N PHE B 122 -44.05 -41.79 -37.35
CA PHE B 122 -43.32 -42.38 -38.47
C PHE B 122 -42.38 -43.51 -38.06
N GLY B 123 -42.12 -44.39 -39.02
CA GLY B 123 -41.14 -45.45 -38.87
C GLY B 123 -40.21 -45.48 -40.06
N LEU B 124 -39.03 -46.05 -39.85
CA LEU B 124 -38.05 -46.15 -40.92
C LEU B 124 -37.73 -47.61 -41.16
N TYR B 125 -37.84 -48.04 -42.42
CA TYR B 125 -37.72 -49.45 -42.77
C TYR B 125 -36.76 -49.66 -43.94
N PRO B 126 -35.70 -50.46 -43.73
CA PRO B 126 -34.74 -50.78 -44.79
C PRO B 126 -35.33 -51.68 -45.88
N ALA B 127 -35.05 -51.32 -47.13
CA ALA B 127 -35.35 -52.15 -48.28
C ALA B 127 -34.02 -52.40 -49.00
N GLY B 128 -33.32 -53.44 -48.55
CA GLY B 128 -31.98 -53.76 -49.05
C GLY B 128 -30.98 -52.72 -48.58
N ASP B 129 -30.48 -51.92 -49.52
CA ASP B 129 -29.56 -50.82 -49.23
C ASP B 129 -30.28 -49.47 -49.22
N GLU B 130 -31.58 -49.48 -49.47
CA GLU B 130 -32.39 -48.27 -49.51
C GLU B 130 -33.39 -48.24 -48.35
N TRP B 131 -34.17 -47.16 -48.26
CA TRP B 131 -35.09 -46.99 -47.15
C TRP B 131 -36.54 -46.81 -47.60
N GLN B 132 -37.45 -47.01 -46.66
CA GLN B 132 -38.88 -46.86 -46.89
C GLN B 132 -39.45 -46.12 -45.69
N LEU B 133 -40.25 -45.09 -45.96
CA LEU B 133 -40.87 -44.31 -44.89
C LEU B 133 -42.35 -44.63 -44.71
N ALA B 134 -42.71 -45.02 -43.50
CA ALA B 134 -44.11 -45.25 -43.14
C ALA B 134 -44.66 -44.12 -42.29
N LEU B 135 -45.93 -43.78 -42.52
CA LEU B 135 -46.65 -42.85 -41.66
C LEU B 135 -47.93 -43.52 -41.17
N SER B 136 -48.33 -43.19 -39.95
CA SER B 136 -49.56 -43.73 -39.39
C SER B 136 -50.52 -42.62 -39.00
N ASP B 137 -51.71 -42.63 -39.60
CA ASP B 137 -52.73 -41.66 -39.23
C ASP B 137 -53.54 -42.19 -38.05
N GLY B 138 -53.41 -41.52 -36.92
CA GLY B 138 -54.09 -41.93 -35.70
C GLY B 138 -55.60 -41.76 -35.73
N GLU B 139 -56.07 -40.67 -36.34
CA GLU B 139 -57.48 -40.32 -36.29
C GLU B 139 -58.36 -41.09 -37.27
N THR B 140 -57.76 -41.69 -38.29
CA THR B 140 -58.51 -42.49 -39.26
C THR B 140 -58.13 -43.97 -39.25
N GLY B 141 -57.00 -44.28 -38.62
CA GLY B 141 -56.47 -45.65 -38.63
C GLY B 141 -55.93 -46.06 -39.98
N LYS B 142 -55.68 -45.07 -40.84
CA LYS B 142 -55.09 -45.30 -42.15
C LYS B 142 -53.56 -45.30 -42.06
N ASN B 143 -52.93 -46.13 -42.87
CA ASN B 143 -51.46 -46.22 -42.90
C ASN B 143 -50.90 -45.97 -44.28
N TYR B 144 -49.78 -45.25 -44.31
CA TYR B 144 -49.18 -44.83 -45.56
C TYR B 144 -47.71 -45.24 -45.61
N LEU B 145 -47.24 -45.58 -46.81
CA LEU B 145 -45.89 -46.10 -47.00
C LEU B 145 -45.33 -45.60 -48.33
N SER B 146 -44.03 -45.30 -48.35
CA SER B 146 -43.37 -44.76 -49.54
C SER B 146 -42.62 -45.83 -50.33
N ASP B 147 -42.15 -45.48 -51.52
CA ASP B 147 -41.27 -46.34 -52.30
C ASP B 147 -39.86 -46.30 -51.72
N ALA B 148 -39.02 -47.24 -52.16
CA ALA B 148 -37.60 -47.26 -51.76
C ALA B 148 -36.90 -45.97 -52.19
N PHE B 149 -36.20 -45.35 -51.24
CA PHE B 149 -35.48 -44.10 -51.50
C PHE B 149 -34.11 -44.11 -50.83
N LYS B 150 -33.26 -43.17 -51.24
CA LYS B 150 -31.92 -43.03 -50.68
C LYS B 150 -31.81 -41.71 -49.93
N PHE B 151 -31.04 -41.71 -48.84
CA PHE B 151 -30.82 -40.49 -48.07
C PHE B 151 -29.89 -39.54 -48.77
N GLY B 152 -30.11 -38.24 -48.55
CA GLY B 152 -29.24 -37.20 -49.08
C GLY B 152 -29.97 -36.05 -49.74
N GLY B 153 -29.96 -34.89 -49.09
CA GLY B 153 -30.50 -33.66 -49.67
C GLY B 153 -32.02 -33.57 -49.64
N GLU B 154 -32.54 -32.43 -50.08
CA GLU B 154 -33.98 -32.20 -50.15
C GLU B 154 -34.62 -33.06 -51.23
N GLN B 155 -35.62 -33.85 -50.83
CA GLN B 155 -36.34 -34.73 -51.75
C GLN B 155 -37.80 -34.90 -51.33
N LYS B 156 -38.67 -35.08 -52.32
CA LYS B 156 -40.09 -35.27 -52.07
C LYS B 156 -40.51 -36.71 -52.32
N LEU B 157 -41.25 -37.28 -51.36
CA LEU B 157 -41.71 -38.66 -51.46
C LEU B 157 -43.22 -38.76 -51.53
N GLN B 158 -43.70 -39.38 -52.61
CA GLN B 158 -45.11 -39.69 -52.76
C GLN B 158 -45.40 -40.91 -51.89
N LEU B 159 -46.32 -40.73 -50.94
CA LEU B 159 -46.77 -41.82 -50.08
C LEU B 159 -48.04 -42.43 -50.65
N LYS B 160 -48.21 -43.73 -50.42
CA LYS B 160 -49.38 -44.47 -50.89
C LYS B 160 -50.04 -45.16 -49.72
N GLU B 161 -51.38 -45.15 -49.71
CA GLU B 161 -52.14 -45.85 -48.67
C GLU B 161 -51.92 -47.35 -48.79
N THR B 162 -51.69 -48.00 -47.64
CA THR B 162 -51.41 -49.43 -47.62
C THR B 162 -52.07 -50.17 -46.46
N THR B 163 -52.32 -51.45 -46.70
CA THR B 163 -52.84 -52.37 -45.69
C THR B 163 -51.72 -53.30 -45.25
N ALA B 164 -50.69 -53.40 -46.09
CA ALA B 164 -49.55 -54.28 -45.87
C ALA B 164 -48.54 -53.72 -44.88
N GLN B 165 -47.72 -54.63 -44.35
CA GLN B 165 -46.57 -54.28 -43.53
C GLN B 165 -45.34 -54.14 -44.40
N PRO B 166 -44.43 -53.22 -44.06
CA PRO B 166 -43.15 -53.14 -44.77
C PRO B 166 -42.32 -54.40 -44.54
N GLU B 167 -41.51 -54.76 -45.54
CA GLU B 167 -40.73 -56.00 -45.50
C GLU B 167 -39.56 -55.94 -44.52
N GLY B 168 -38.94 -54.76 -44.40
CA GLY B 168 -37.80 -54.58 -43.50
C GLY B 168 -38.20 -54.48 -42.03
N GLU B 169 -37.21 -54.69 -41.17
CA GLU B 169 -37.41 -54.57 -39.73
C GLU B 169 -37.28 -53.10 -39.33
N ARG B 170 -38.17 -52.64 -38.44
CA ARG B 170 -38.19 -51.24 -38.00
C ARG B 170 -36.84 -50.77 -37.50
N ALA B 171 -36.44 -49.58 -37.93
CA ALA B 171 -35.17 -48.98 -37.53
C ALA B 171 -35.17 -48.51 -36.08
N ASN B 172 -34.03 -48.72 -35.42
CA ASN B 172 -33.70 -48.15 -34.12
C ASN B 172 -33.82 -46.64 -34.04
N LEU B 173 -33.86 -46.13 -32.81
CA LEU B 173 -33.70 -44.71 -32.55
C LEU B 173 -32.29 -44.26 -32.96
N ARG B 174 -31.30 -45.13 -32.75
CA ARG B 174 -29.92 -44.87 -33.14
C ARG B 174 -29.79 -44.59 -34.64
N VAL B 175 -30.44 -45.43 -35.45
CA VAL B 175 -30.43 -45.29 -36.91
C VAL B 175 -31.20 -44.04 -37.35
N ILE B 176 -32.33 -43.77 -36.70
CA ILE B 176 -33.10 -42.55 -36.96
C ILE B 176 -32.27 -41.31 -36.64
N THR B 177 -31.59 -41.35 -35.50
CA THR B 177 -30.73 -40.24 -35.04
C THR B 177 -29.52 -40.00 -35.97
N GLN B 178 -28.86 -41.07 -36.40
CA GLN B 178 -27.71 -40.95 -37.29
C GLN B 178 -28.10 -40.33 -38.63
N ASN B 179 -29.32 -40.59 -39.07
CA ASN B 179 -29.83 -40.13 -40.36
C ASN B 179 -30.80 -38.95 -40.23
N ARG B 180 -30.76 -38.27 -39.09
CA ARG B 180 -31.75 -37.22 -38.78
C ARG B 180 -31.72 -36.01 -39.73
N GLN B 181 -30.51 -35.57 -40.12
CA GLN B 181 -30.37 -34.44 -41.03
C GLN B 181 -31.01 -34.73 -42.38
N ALA B 182 -30.60 -35.84 -43.00
CA ALA B 182 -31.18 -36.29 -44.27
C ALA B 182 -32.69 -36.55 -44.14
N LEU B 183 -33.10 -37.07 -42.98
CA LEU B 183 -34.51 -37.32 -42.69
C LEU B 183 -35.31 -36.02 -42.60
N SER B 184 -34.68 -34.97 -42.05
CA SER B 184 -35.33 -33.67 -41.88
C SER B 184 -35.45 -32.87 -43.17
N ASP B 185 -34.85 -33.37 -44.25
CA ASP B 185 -34.92 -32.70 -45.54
C ASP B 185 -35.98 -33.31 -46.45
N ILE B 186 -36.66 -34.35 -45.95
CA ILE B 186 -37.71 -35.03 -46.71
C ILE B 186 -39.06 -34.32 -46.55
N THR B 187 -39.70 -34.01 -47.67
CA THR B 187 -41.09 -33.59 -47.65
C THR B 187 -41.94 -34.78 -48.06
N ALA B 188 -42.74 -35.28 -47.12
CA ALA B 188 -43.64 -36.40 -47.40
C ALA B 188 -44.97 -35.88 -47.94
N ILE B 189 -45.49 -36.57 -48.96
CA ILE B 189 -46.72 -36.14 -49.61
C ILE B 189 -47.80 -37.21 -49.49
N LEU B 190 -48.88 -36.85 -48.80
CA LEU B 190 -50.03 -37.73 -48.66
C LEU B 190 -50.82 -37.80 -49.97
N PRO B 191 -51.62 -38.88 -50.16
CA PRO B 191 -52.41 -39.05 -51.40
C PRO B 191 -53.39 -37.92 -51.68
N ASP B 192 -53.73 -37.13 -50.66
CA ASP B 192 -54.70 -36.05 -50.79
C ASP B 192 -54.05 -34.67 -51.02
N GLY B 193 -52.73 -34.66 -51.18
CA GLY B 193 -52.01 -33.44 -51.55
C GLY B 193 -51.26 -32.72 -50.43
N ASN B 194 -51.50 -33.12 -49.19
CA ASN B 194 -50.85 -32.48 -48.04
C ASN B 194 -49.36 -32.78 -47.96
N LYS B 195 -48.58 -31.76 -47.59
CA LYS B 195 -47.16 -31.89 -47.36
C LYS B 195 -46.90 -32.03 -45.86
N VAL B 196 -45.89 -32.83 -45.51
CA VAL B 196 -45.60 -33.16 -44.13
C VAL B 196 -44.09 -33.40 -43.94
N MET B 197 -43.51 -32.77 -42.92
CA MET B 197 -42.07 -32.88 -42.66
C MET B 197 -41.78 -33.31 -41.23
N MET B 198 -40.58 -33.82 -40.99
CA MET B 198 -40.16 -34.27 -39.66
C MET B 198 -40.16 -33.16 -38.60
N SER B 199 -40.95 -33.36 -37.54
CA SER B 199 -41.07 -32.38 -36.46
C SER B 199 -40.45 -32.89 -35.16
N SER B 200 -40.23 -34.19 -35.09
CA SER B 200 -39.55 -34.83 -33.96
C SER B 200 -38.90 -36.12 -34.45
N LEU B 201 -38.22 -36.83 -33.56
CA LEU B 201 -37.60 -38.11 -33.91
C LEU B 201 -38.64 -39.23 -34.06
N ARG B 202 -39.89 -38.93 -33.71
CA ARG B 202 -40.97 -39.93 -33.75
C ARG B 202 -42.11 -39.53 -34.68
N GLN B 203 -42.16 -38.27 -35.09
CA GLN B 203 -43.32 -37.76 -35.83
C GLN B 203 -42.98 -36.91 -37.04
N PHE B 204 -43.79 -37.08 -38.09
CA PHE B 204 -43.85 -36.18 -39.22
C PHE B 204 -45.15 -35.39 -39.10
N SER B 205 -45.11 -34.10 -39.42
CA SER B 205 -46.30 -33.25 -39.31
C SER B 205 -46.27 -32.06 -40.26
N GLY B 206 -47.36 -31.29 -40.27
CA GLY B 206 -47.44 -30.06 -41.05
C GLY B 206 -46.96 -28.83 -40.28
N THR B 207 -45.87 -28.98 -39.53
CA THR B 207 -45.27 -27.85 -38.82
C THR B 207 -44.74 -26.84 -39.83
N GLN B 208 -44.98 -25.56 -39.57
CA GLN B 208 -44.55 -24.49 -40.47
C GLN B 208 -44.12 -23.22 -39.74
N PRO B 209 -43.25 -22.40 -40.38
CA PRO B 209 -42.78 -21.16 -39.77
C PRO B 209 -43.92 -20.20 -39.47
N LEU B 210 -43.87 -19.56 -38.29
CA LEU B 210 -44.92 -18.66 -37.84
C LEU B 210 -44.90 -17.33 -38.61
N TYR B 211 -43.70 -16.87 -38.97
CA TYR B 211 -43.52 -15.63 -39.71
C TYR B 211 -42.66 -15.83 -40.96
N THR B 212 -42.81 -14.93 -41.93
CA THR B 212 -41.94 -14.88 -43.12
C THR B 212 -41.34 -13.48 -43.28
N LEU B 213 -40.04 -13.42 -43.54
CA LEU B 213 -39.35 -12.15 -43.75
C LEU B 213 -39.50 -11.67 -45.19
N ASP B 214 -40.12 -10.50 -45.35
CA ASP B 214 -40.47 -9.96 -46.66
C ASP B 214 -39.26 -9.48 -47.46
N GLY B 215 -38.34 -8.80 -46.79
CA GLY B 215 -37.16 -8.25 -47.45
C GLY B 215 -36.97 -6.76 -47.21
N ASP B 216 -38.10 -6.04 -47.12
CA ASP B 216 -38.05 -4.61 -46.81
C ASP B 216 -38.07 -4.36 -45.30
N GLY B 217 -38.19 -5.43 -44.51
CA GLY B 217 -38.17 -5.36 -43.05
C GLY B 217 -39.37 -5.99 -42.37
N THR B 218 -40.52 -5.94 -43.03
CA THR B 218 -41.79 -6.40 -42.46
C THR B 218 -41.89 -7.92 -42.26
N LEU B 219 -42.25 -8.32 -41.04
CA LEU B 219 -42.58 -9.71 -40.72
C LEU B 219 -44.09 -9.88 -40.72
N THR B 220 -44.54 -11.02 -41.23
CA THR B 220 -45.97 -11.31 -41.27
C THR B 220 -46.30 -12.71 -40.75
N ASN B 221 -47.27 -12.76 -39.84
CA ASN B 221 -47.72 -14.00 -39.23
C ASN B 221 -48.52 -14.86 -40.21
N ASN B 222 -48.04 -16.08 -40.44
CA ASN B 222 -48.67 -17.00 -41.39
C ASN B 222 -49.98 -17.62 -40.88
N GLN B 223 -50.27 -17.40 -39.60
CA GLN B 223 -51.46 -17.94 -38.96
C GLN B 223 -52.61 -16.92 -38.89
N SER B 224 -52.27 -15.65 -38.70
CA SER B 224 -53.28 -14.60 -38.50
C SER B 224 -53.29 -13.56 -39.62
N GLY B 225 -52.20 -13.46 -40.37
CA GLY B 225 -52.07 -12.49 -41.46
C GLY B 225 -51.64 -11.10 -41.02
N VAL B 226 -51.43 -10.94 -39.71
CA VAL B 226 -51.04 -9.66 -39.12
C VAL B 226 -49.61 -9.31 -39.53
N LYS B 227 -49.36 -8.04 -39.77
CA LYS B 227 -48.04 -7.57 -40.21
C LYS B 227 -47.35 -6.72 -39.13
N TYR B 228 -46.06 -6.97 -38.95
CA TYR B 228 -45.26 -6.31 -37.92
C TYR B 228 -44.02 -5.68 -38.54
N ARG B 229 -43.58 -4.55 -37.97
CA ARG B 229 -42.38 -3.85 -38.42
C ARG B 229 -41.51 -3.41 -37.25
N PRO B 230 -40.18 -3.29 -37.47
CA PRO B 230 -39.26 -2.87 -36.41
C PRO B 230 -39.53 -1.46 -35.91
N ASN B 231 -39.86 -1.34 -34.63
CA ASN B 231 -40.01 -0.03 -34.00
C ASN B 231 -38.76 0.26 -33.16
N ASN B 232 -37.78 0.88 -33.79
CA ASN B 232 -36.47 1.12 -33.19
C ASN B 232 -36.46 2.22 -32.13
N GLN B 233 -37.63 2.82 -31.88
CA GLN B 233 -37.76 3.81 -30.81
C GLN B 233 -37.90 3.16 -29.44
N ILE B 234 -38.58 2.01 -29.41
CA ILE B 234 -38.79 1.25 -28.16
C ILE B 234 -38.13 -0.13 -28.19
N GLY B 235 -37.79 -0.61 -29.38
CA GLY B 235 -37.05 -1.87 -29.55
C GLY B 235 -37.90 -3.13 -29.64
N PHE B 236 -39.04 -3.02 -30.31
CA PHE B 236 -39.93 -4.16 -30.50
C PHE B 236 -40.45 -4.20 -31.92
N TYR B 237 -40.73 -5.41 -32.40
CA TYR B 237 -41.57 -5.59 -33.58
C TYR B 237 -42.98 -5.25 -33.15
N GLN B 238 -43.55 -4.23 -33.77
CA GLN B 238 -44.89 -3.76 -33.44
C GLN B 238 -45.76 -3.87 -34.69
N SER B 239 -47.02 -4.21 -34.49
CA SER B 239 -47.99 -4.37 -35.58
C SER B 239 -48.19 -3.07 -36.34
N ILE B 240 -48.47 -3.19 -37.63
CA ILE B 240 -48.76 -2.02 -38.49
C ILE B 240 -50.21 -2.01 -38.96
N ASN B 245 -49.76 4.74 -37.92
CA ASN B 245 -49.71 3.49 -38.65
C ASN B 245 -49.44 2.27 -37.77
N TRP B 246 -48.89 2.51 -36.58
CA TRP B 246 -48.61 1.43 -35.62
C TRP B 246 -49.89 0.88 -34.99
N GLY B 247 -49.90 -0.43 -34.75
CA GLY B 247 -51.00 -1.10 -34.05
C GLY B 247 -50.73 -1.23 -32.57
N ASP B 248 -51.67 -1.86 -31.86
CA ASP B 248 -51.59 -2.00 -30.41
C ASP B 248 -50.73 -3.18 -29.92
N GLU B 249 -50.53 -4.17 -30.79
CA GLU B 249 -49.80 -5.39 -30.43
C GLU B 249 -48.29 -5.25 -30.54
N LYS B 250 -47.57 -5.82 -29.57
CA LYS B 250 -46.11 -5.80 -29.56
C LYS B 250 -45.56 -7.21 -29.38
N LEU B 251 -44.70 -7.63 -30.30
CA LEU B 251 -44.09 -8.95 -30.25
C LEU B 251 -42.89 -8.97 -29.31
N SER B 252 -42.75 -10.07 -28.57
CA SER B 252 -41.53 -10.34 -27.81
C SER B 252 -40.83 -11.51 -28.48
N PRO B 253 -39.49 -11.61 -28.35
CA PRO B 253 -38.56 -10.79 -27.58
C PRO B 253 -38.28 -9.41 -28.18
N GLY B 254 -38.00 -8.45 -27.31
CA GLY B 254 -37.54 -7.14 -27.74
C GLY B 254 -36.05 -7.14 -27.97
N TYR B 255 -35.54 -6.07 -28.57
CA TYR B 255 -34.12 -5.94 -28.86
C TYR B 255 -33.55 -4.66 -28.27
N THR B 256 -32.24 -4.69 -27.97
CA THR B 256 -31.55 -3.54 -27.40
C THR B 256 -31.47 -2.40 -28.42
N VAL B 257 -31.77 -1.18 -27.98
CA VAL B 257 -31.79 -0.04 -28.86
C VAL B 257 -31.35 1.24 -28.11
N THR B 258 -30.81 2.21 -28.85
CA THR B 258 -30.34 3.46 -28.24
C THR B 258 -31.50 4.33 -27.75
N THR B 259 -31.36 4.85 -26.52
CA THR B 259 -32.40 5.66 -25.90
C THR B 259 -31.88 7.03 -25.42
N GLY B 260 -30.67 7.38 -25.81
CA GLY B 260 -30.07 8.67 -25.46
C GLY B 260 -30.10 8.96 -23.97
N TRP B 261 -30.75 10.06 -23.59
CA TRP B 261 -30.76 10.54 -22.21
C TRP B 261 -31.90 9.98 -21.34
N LYS B 262 -32.76 9.15 -21.93
CA LYS B 262 -33.96 8.62 -21.25
C LYS B 262 -33.69 7.95 -19.90
N ASN B 263 -32.59 7.21 -19.80
CA ASN B 263 -32.22 6.55 -18.55
C ASN B 263 -31.63 7.51 -17.51
N PHE B 264 -30.94 8.55 -17.99
CA PHE B 264 -30.39 9.58 -17.11
C PHE B 264 -31.46 10.51 -16.58
N THR B 265 -32.34 10.97 -17.47
CA THR B 265 -33.40 11.91 -17.11
C THR B 265 -34.43 11.32 -16.16
N ARG B 266 -34.63 10.00 -16.21
CA ARG B 266 -35.61 9.32 -15.35
C ARG B 266 -35.30 9.46 -13.86
N VAL B 267 -34.03 9.63 -13.53
CA VAL B 267 -33.61 9.87 -12.15
C VAL B 267 -33.94 11.32 -11.74
N PHE B 268 -34.06 12.20 -12.73
CA PHE B 268 -34.42 13.60 -12.50
C PHE B 268 -35.91 13.87 -12.75
N THR B 269 -36.55 13.03 -13.57
CA THR B 269 -37.96 13.18 -13.92
C THR B 269 -38.86 12.67 -12.79
N ASP B 270 -38.58 11.46 -12.31
CA ASP B 270 -39.45 10.75 -11.39
C ASP B 270 -39.37 11.26 -9.94
N GLU B 271 -40.42 11.97 -9.52
CA GLU B 271 -40.64 12.27 -8.11
C GLU B 271 -41.16 11.01 -7.43
N GLY B 272 -40.63 10.72 -6.24
CA GLY B 272 -40.94 9.46 -5.57
C GLY B 272 -39.69 8.62 -5.42
N ILE B 273 -38.86 8.63 -6.46
CA ILE B 273 -37.51 8.07 -6.35
C ILE B 273 -36.53 9.15 -5.85
N GLN B 274 -37.05 10.37 -5.74
CA GLN B 274 -36.27 11.53 -5.29
C GLN B 274 -36.57 11.94 -3.85
N LYS B 275 -37.71 11.49 -3.33
CA LYS B 275 -38.15 11.86 -1.98
C LYS B 275 -37.14 11.55 -0.88
N PRO B 276 -36.65 10.29 -0.80
CA PRO B 276 -35.71 10.01 0.26
C PRO B 276 -34.24 10.13 -0.17
N PHE B 277 -33.98 10.63 -1.38
CA PHE B 277 -32.62 10.75 -1.89
C PHE B 277 -31.67 11.49 -0.95
N LEU B 278 -32.04 12.71 -0.55
CA LEU B 278 -31.21 13.54 0.31
C LEU B 278 -30.91 12.87 1.65
N ALA B 279 -31.94 12.30 2.26
CA ALA B 279 -31.83 11.64 3.56
C ALA B 279 -30.94 10.39 3.51
N ILE B 280 -31.07 9.63 2.42
CA ILE B 280 -30.25 8.44 2.21
C ILE B 280 -28.80 8.84 1.97
N PHE B 281 -28.60 9.83 1.10
CA PHE B 281 -27.27 10.38 0.79
C PHE B 281 -26.50 10.78 2.05
N VAL B 282 -27.16 11.48 2.97
CA VAL B 282 -26.52 11.94 4.21
C VAL B 282 -26.01 10.74 5.01
N TRP B 283 -26.86 9.72 5.16
CA TRP B 283 -26.48 8.53 5.90
C TRP B 283 -25.33 7.78 5.23
N THR B 284 -25.34 7.70 3.91
CA THR B 284 -24.27 7.03 3.18
C THR B 284 -22.93 7.76 3.41
N VAL B 285 -22.95 9.09 3.34
CA VAL B 285 -21.76 9.90 3.60
C VAL B 285 -21.24 9.65 5.02
N VAL B 286 -22.14 9.76 6.00
CA VAL B 286 -21.83 9.56 7.41
C VAL B 286 -21.32 8.13 7.70
N PHE B 287 -21.99 7.13 7.12
CA PHE B 287 -21.59 5.74 7.27
C PHE B 287 -20.16 5.51 6.79
N SER B 288 -19.82 6.12 5.66
CA SER B 288 -18.48 5.99 5.08
C SER B 288 -17.42 6.67 5.94
N LEU B 289 -17.66 7.94 6.27
CA LEU B 289 -16.73 8.73 7.09
C LEU B 289 -16.40 8.04 8.41
N ILE B 290 -17.42 7.59 9.13
CA ILE B 290 -17.23 6.90 10.41
C ILE B 290 -16.47 5.59 10.22
N THR B 291 -16.80 4.85 9.16
CA THR B 291 -16.09 3.61 8.84
C THR B 291 -14.60 3.88 8.61
N VAL B 292 -14.29 4.86 7.76
CA VAL B 292 -12.90 5.20 7.44
C VAL B 292 -12.16 5.66 8.70
N PHE B 293 -12.76 6.59 9.42
CA PHE B 293 -12.18 7.08 10.68
C PHE B 293 -11.90 5.93 11.66
N LEU B 294 -12.93 5.14 11.96
CA LEU B 294 -12.79 4.07 12.95
C LEU B 294 -11.79 2.99 12.53
N THR B 295 -11.83 2.60 11.26
CA THR B 295 -10.89 1.58 10.75
C THR B 295 -9.44 2.06 10.74
N VAL B 296 -9.23 3.29 10.29
CA VAL B 296 -7.89 3.88 10.30
C VAL B 296 -7.34 3.95 11.73
N ALA B 297 -8.14 4.51 12.64
CA ALA B 297 -7.75 4.68 14.04
C ALA B 297 -7.43 3.36 14.73
N VAL B 298 -8.38 2.41 14.66
CA VAL B 298 -8.22 1.09 15.25
C VAL B 298 -7.01 0.36 14.65
N GLY B 299 -6.93 0.36 13.31
CA GLY B 299 -5.85 -0.29 12.59
C GLY B 299 -4.48 0.33 12.88
N MET B 300 -4.42 1.65 12.93
CA MET B 300 -3.15 2.36 13.19
C MET B 300 -2.57 2.02 14.57
N VAL B 301 -3.41 2.17 15.61
CA VAL B 301 -3.03 1.84 16.99
C VAL B 301 -2.54 0.40 17.11
N LEU B 302 -3.32 -0.54 16.59
CA LEU B 302 -2.98 -1.96 16.64
C LEU B 302 -1.62 -2.23 15.97
N ALA B 303 -1.43 -1.62 14.80
CA ALA B 303 -0.16 -1.72 14.10
C ALA B 303 0.99 -1.17 14.95
N CYS B 304 0.74 -0.07 15.66
CA CYS B 304 1.75 0.55 16.53
C CYS B 304 2.11 -0.36 17.70
N LEU B 305 1.09 -0.88 18.38
CA LEU B 305 1.27 -1.75 19.55
C LEU B 305 1.99 -3.05 19.21
N VAL B 306 1.75 -3.56 18.01
CA VAL B 306 2.25 -4.87 17.62
C VAL B 306 3.68 -4.83 17.02
N GLN B 307 4.23 -3.62 16.87
CA GLN B 307 5.66 -3.46 16.53
C GLN B 307 6.49 -3.02 17.74
N TRP B 308 5.81 -2.72 18.84
CA TRP B 308 6.43 -2.31 20.09
C TRP B 308 7.25 -3.48 20.65
N GLU B 309 8.58 -3.33 20.66
CA GLU B 309 9.49 -4.45 20.98
C GLU B 309 9.38 -4.98 22.41
N ALA B 310 8.81 -4.17 23.30
CA ALA B 310 8.58 -4.56 24.69
C ALA B 310 7.42 -5.57 24.81
N LEU B 311 6.52 -5.55 23.82
CA LEU B 311 5.35 -6.42 23.85
C LEU B 311 5.74 -7.85 23.48
N ARG B 312 5.80 -8.72 24.48
CA ARG B 312 6.43 -10.03 24.34
C ARG B 312 5.55 -11.11 23.68
N GLY B 313 4.39 -10.73 23.15
CA GLY B 313 3.51 -11.68 22.48
C GLY B 313 3.05 -11.24 21.10
N LYS B 314 3.68 -10.19 20.60
CA LYS B 314 3.23 -9.49 19.38
C LYS B 314 3.10 -10.37 18.13
N ALA B 315 4.01 -11.33 17.97
CA ALA B 315 3.99 -12.24 16.83
C ALA B 315 2.68 -13.02 16.75
N VAL B 316 2.16 -13.42 17.91
CA VAL B 316 0.88 -14.14 17.97
C VAL B 316 -0.28 -13.16 17.82
N TYR B 317 -0.21 -12.03 18.54
CA TYR B 317 -1.25 -11.00 18.46
C TYR B 317 -1.50 -10.55 17.03
N ARG B 318 -0.39 -10.31 16.32
CA ARG B 318 -0.37 -9.83 14.94
C ARG B 318 -1.26 -10.65 14.02
N VAL B 319 -1.03 -11.96 14.00
CA VAL B 319 -1.78 -12.91 13.18
C VAL B 319 -3.26 -12.92 13.54
N LEU B 320 -3.55 -13.06 14.83
CA LEU B 320 -4.94 -13.19 15.28
C LEU B 320 -5.76 -11.95 14.93
N LEU B 321 -5.12 -10.80 14.93
CA LEU B 321 -5.81 -9.53 14.67
C LEU B 321 -6.29 -9.37 13.22
N ILE B 322 -5.65 -10.08 12.29
CA ILE B 322 -6.00 -9.99 10.87
C ILE B 322 -6.95 -11.10 10.39
N LEU B 323 -7.30 -12.02 11.29
CA LEU B 323 -8.17 -13.15 10.95
C LEU B 323 -9.56 -12.76 10.43
N PRO B 324 -10.16 -11.67 10.98
CA PRO B 324 -11.44 -11.19 10.42
C PRO B 324 -11.35 -10.90 8.93
N TYR B 325 -10.14 -10.76 8.42
CA TYR B 325 -9.90 -10.45 7.03
C TYR B 325 -9.44 -11.69 6.25
N ALA B 326 -9.04 -12.74 6.99
CA ALA B 326 -8.60 -13.99 6.38
C ALA B 326 -9.77 -14.91 6.00
N VAL B 327 -10.86 -14.80 6.77
CA VAL B 327 -12.09 -15.53 6.48
C VAL B 327 -12.94 -14.68 5.52
N PRO B 328 -13.51 -15.32 4.47
CA PRO B 328 -14.37 -14.58 3.54
C PRO B 328 -15.55 -13.94 4.26
N SER B 329 -15.78 -12.66 4.00
CA SER B 329 -16.68 -11.84 4.81
C SER B 329 -18.13 -12.30 4.82
N PHE B 330 -18.54 -12.97 3.74
CA PHE B 330 -19.92 -13.42 3.54
C PHE B 330 -20.53 -14.18 4.72
N ILE B 331 -19.88 -15.27 5.15
CA ILE B 331 -20.35 -16.02 6.31
C ILE B 331 -20.35 -15.16 7.58
N SER B 332 -19.28 -14.38 7.76
CA SER B 332 -19.09 -13.53 8.95
C SER B 332 -20.23 -12.54 9.15
N ILE B 333 -20.66 -11.92 8.06
CA ILE B 333 -21.78 -10.98 8.08
C ILE B 333 -23.07 -11.68 8.53
N LEU B 334 -23.33 -12.85 7.97
CA LEU B 334 -24.55 -13.60 8.32
C LEU B 334 -24.50 -14.10 9.77
N ILE B 335 -23.31 -14.48 10.23
CA ILE B 335 -23.10 -14.83 11.63
C ILE B 335 -23.33 -13.63 12.56
N PHE B 336 -22.85 -12.46 12.17
CA PHE B 336 -23.15 -11.22 12.90
C PHE B 336 -24.66 -10.96 12.96
N LYS B 337 -25.36 -11.25 11.86
CA LYS B 337 -26.81 -11.14 11.82
C LYS B 337 -27.46 -12.05 12.86
N GLY B 338 -26.90 -13.24 13.03
CA GLY B 338 -27.31 -14.15 14.10
C GLY B 338 -27.00 -13.58 15.47
N LEU B 339 -25.76 -13.12 15.67
CA LEU B 339 -25.30 -12.60 16.96
C LEU B 339 -26.08 -11.37 17.44
N PHE B 340 -26.55 -10.57 16.49
CA PHE B 340 -27.26 -9.33 16.78
C PHE B 340 -28.78 -9.46 16.88
N ASN B 341 -29.31 -10.67 16.75
CA ASN B 341 -30.76 -10.90 16.90
C ASN B 341 -31.24 -10.31 18.22
N GLN B 342 -32.34 -9.56 18.16
CA GLN B 342 -32.82 -8.80 19.31
C GLN B 342 -33.24 -9.66 20.51
N SER B 343 -33.94 -10.76 20.25
CA SER B 343 -34.42 -11.64 21.33
C SER B 343 -33.49 -12.82 21.56
N PHE B 344 -32.92 -13.32 20.46
CA PHE B 344 -31.96 -14.40 20.50
C PHE B 344 -30.61 -13.79 20.15
N GLY B 345 -29.61 -14.61 19.83
CA GLY B 345 -28.30 -14.05 19.51
C GLY B 345 -27.53 -13.68 20.76
N GLU B 346 -26.31 -14.18 20.84
CA GLU B 346 -25.55 -14.19 22.10
C GLU B 346 -25.10 -12.83 22.65
N ILE B 347 -25.12 -11.80 21.80
CA ILE B 347 -24.82 -10.42 22.24
C ILE B 347 -25.86 -9.90 23.24
N ASN B 348 -27.13 -9.91 22.86
CA ASN B 348 -28.19 -9.42 23.75
C ASN B 348 -28.53 -10.37 24.90
N MET B 349 -28.09 -11.62 24.81
CA MET B 349 -28.19 -12.56 25.92
C MET B 349 -27.17 -12.22 27.01
N MET B 350 -26.06 -11.62 26.58
CA MET B 350 -25.02 -11.13 27.49
C MET B 350 -25.35 -9.72 28.02
N LEU B 351 -25.95 -8.90 27.17
CA LEU B 351 -26.43 -7.57 27.56
C LEU B 351 -27.71 -7.63 28.40
N SER B 352 -28.29 -8.82 28.51
CA SER B 352 -29.42 -9.05 29.39
C SER B 352 -28.94 -9.36 30.81
N ALA B 353 -27.90 -10.19 30.91
CA ALA B 353 -27.32 -10.59 32.18
C ALA B 353 -26.55 -9.44 32.83
N LEU B 354 -25.63 -8.85 32.08
CA LEU B 354 -24.92 -7.64 32.49
C LEU B 354 -25.66 -6.43 31.91
N PHE B 355 -25.68 -5.33 32.66
CA PHE B 355 -26.33 -4.07 32.24
C PHE B 355 -27.87 -4.14 32.20
N GLY B 356 -28.41 -5.22 31.65
CA GLY B 356 -29.85 -5.47 31.65
C GLY B 356 -30.65 -4.77 30.57
N VAL B 357 -30.02 -4.55 29.41
CA VAL B 357 -30.66 -3.87 28.28
C VAL B 357 -30.60 -4.72 27.01
N LYS B 358 -31.70 -4.73 26.26
CA LYS B 358 -31.74 -5.40 24.95
C LYS B 358 -31.97 -4.39 23.83
N PRO B 359 -30.87 -3.90 23.21
CA PRO B 359 -30.98 -2.90 22.14
C PRO B 359 -31.65 -3.44 20.88
N ALA B 360 -32.43 -2.58 20.23
CA ALA B 360 -33.15 -2.93 19.01
C ALA B 360 -32.26 -2.78 17.77
N TRP B 361 -31.29 -3.69 17.63
CA TRP B 361 -30.27 -3.62 16.57
C TRP B 361 -30.82 -3.61 15.13
N PHE B 362 -32.10 -3.96 14.96
CA PHE B 362 -32.76 -3.97 13.65
C PHE B 362 -33.98 -3.06 13.61
N SER B 363 -34.70 -2.98 14.72
CA SER B 363 -35.95 -2.22 14.80
C SER B 363 -35.73 -0.71 14.86
N ASP B 364 -34.76 -0.28 15.66
CA ASP B 364 -34.48 1.14 15.85
C ASP B 364 -33.43 1.62 14.86
N PRO B 365 -33.76 2.64 14.05
CA PRO B 365 -32.88 3.17 13.02
C PRO B 365 -31.45 3.47 13.49
N THR B 366 -31.32 4.16 14.62
CA THR B 366 -30.02 4.57 15.12
C THR B 366 -29.18 3.40 15.62
N THR B 367 -29.80 2.47 16.34
CA THR B 367 -29.08 1.29 16.86
C THR B 367 -28.69 0.34 15.74
N ALA B 368 -29.49 0.33 14.67
CA ALA B 368 -29.19 -0.44 13.46
C ALA B 368 -27.97 0.12 12.74
N ARG B 369 -27.87 1.44 12.74
CA ARG B 369 -26.74 2.16 12.16
C ARG B 369 -25.46 1.92 12.96
N THR B 370 -25.61 1.85 14.28
CA THR B 370 -24.53 1.49 15.19
C THR B 370 -24.04 0.06 14.94
N MET B 371 -24.99 -0.87 14.80
CA MET B 371 -24.69 -2.27 14.49
C MET B 371 -23.90 -2.38 13.18
N LEU B 372 -24.37 -1.68 12.16
CA LEU B 372 -23.76 -1.67 10.83
C LEU B 372 -22.33 -1.15 10.87
N ILE B 373 -22.10 -0.10 11.67
CA ILE B 373 -20.77 0.48 11.82
C ILE B 373 -19.85 -0.44 12.62
N ILE B 374 -20.38 -1.08 13.66
CA ILE B 374 -19.61 -2.04 14.45
C ILE B 374 -19.09 -3.18 13.57
N VAL B 375 -19.98 -3.72 12.74
CA VAL B 375 -19.64 -4.86 11.89
C VAL B 375 -18.62 -4.44 10.84
N ASN B 376 -18.85 -3.28 10.22
CA ASN B 376 -17.98 -2.77 9.16
C ASN B 376 -16.56 -2.46 9.65
N THR B 377 -16.46 -1.96 10.87
CA THR B 377 -15.16 -1.70 11.52
C THR B 377 -14.43 -3.02 11.78
N TRP B 378 -15.19 -4.04 12.18
CA TRP B 378 -14.65 -5.39 12.38
C TRP B 378 -14.13 -5.93 11.06
N LEU B 379 -14.91 -5.71 9.99
CA LEU B 379 -14.53 -6.13 8.65
C LEU B 379 -13.28 -5.40 8.13
N GLY B 380 -13.22 -4.10 8.39
CA GLY B 380 -12.26 -3.23 7.69
C GLY B 380 -10.98 -2.80 8.40
N TYR B 381 -10.88 -3.04 9.71
CA TYR B 381 -9.69 -2.61 10.46
C TYR B 381 -8.39 -3.31 10.03
N PRO B 382 -8.44 -4.62 9.66
CA PRO B 382 -7.20 -5.29 9.26
C PRO B 382 -6.58 -4.71 7.99
N TYR B 383 -7.42 -4.25 7.07
CA TYR B 383 -6.95 -3.56 5.87
C TYR B 383 -6.03 -2.40 6.24
N MET B 384 -6.52 -1.52 7.11
CA MET B 384 -5.77 -0.36 7.58
C MET B 384 -4.59 -0.77 8.46
N MET B 385 -4.79 -1.79 9.29
CA MET B 385 -3.72 -2.31 10.15
C MET B 385 -2.52 -2.75 9.33
N ILE B 386 -2.77 -3.55 8.29
CA ILE B 386 -1.71 -4.11 7.45
C ILE B 386 -0.92 -3.00 6.74
N LEU B 387 -1.64 -2.01 6.23
CA LEU B 387 -1.04 -0.85 5.59
C LEU B 387 -0.10 -0.13 6.55
N CYS B 388 -0.61 0.22 7.73
CA CYS B 388 0.18 0.91 8.74
C CYS B 388 1.39 0.08 9.19
N MET B 389 1.22 -1.23 9.27
CA MET B 389 2.32 -2.15 9.61
C MET B 389 3.54 -1.93 8.71
N GLY B 390 3.28 -1.73 7.43
CA GLY B 390 4.34 -1.46 6.46
C GLY B 390 4.73 0.00 6.45
N LEU B 391 3.74 0.89 6.50
CA LEU B 391 4.01 2.33 6.47
C LEU B 391 4.82 2.81 7.67
N LEU B 392 4.62 2.17 8.83
CA LEU B 392 5.36 2.51 10.04
C LEU B 392 6.85 2.27 9.89
N LYS B 393 7.24 1.38 8.97
CA LYS B 393 8.65 1.01 8.80
C LYS B 393 9.45 2.12 8.15
N ALA B 394 8.74 3.10 7.58
CA ALA B 394 9.33 4.24 6.88
C ALA B 394 9.75 5.36 7.82
N ILE B 395 9.34 5.26 9.08
CA ILE B 395 9.71 6.25 10.08
C ILE B 395 11.04 5.85 10.71
N PRO B 396 12.08 6.70 10.56
CA PRO B 396 13.35 6.41 11.22
C PRO B 396 13.25 6.45 12.74
N ASP B 397 13.99 5.54 13.39
CA ASP B 397 13.96 5.39 14.83
C ASP B 397 14.50 6.58 15.61
N ASP B 398 15.46 7.31 15.02
CA ASP B 398 16.10 8.42 15.73
C ASP B 398 15.17 9.62 15.98
N LEU B 399 14.07 9.70 15.25
CA LEU B 399 13.06 10.73 15.48
C LEU B 399 12.49 10.60 16.89
N TYR B 400 12.39 9.37 17.37
CA TYR B 400 11.92 9.08 18.72
C TYR B 400 13.02 9.25 19.77
N GLU B 401 14.28 9.18 19.35
CA GLU B 401 15.39 9.54 20.21
C GLU B 401 15.42 11.05 20.42
N ALA B 402 15.05 11.80 19.38
CA ALA B 402 14.97 13.25 19.44
C ALA B 402 13.82 13.69 20.33
N SER B 403 12.67 13.04 20.18
CA SER B 403 11.48 13.35 20.97
C SER B 403 11.68 13.02 22.45
N ALA B 404 12.49 12.01 22.71
CA ALA B 404 12.89 11.65 24.06
C ALA B 404 13.73 12.77 24.68
N MET B 405 14.58 13.38 23.85
CA MET B 405 15.40 14.50 24.29
C MET B 405 14.59 15.79 24.39
N ASP B 406 13.40 15.81 23.78
CA ASP B 406 12.46 16.91 23.92
C ASP B 406 11.45 16.66 25.05
N GLY B 407 11.49 15.46 25.62
CA GLY B 407 10.63 15.11 26.76
C GLY B 407 9.27 14.54 26.40
N ALA B 408 9.19 13.88 25.25
CA ALA B 408 7.94 13.27 24.81
C ALA B 408 7.67 11.92 25.49
N GLY B 409 6.39 11.63 25.69
CA GLY B 409 5.94 10.32 26.12
C GLY B 409 5.31 9.56 24.96
N PRO B 410 4.70 8.39 25.26
CA PRO B 410 4.11 7.56 24.20
C PRO B 410 2.96 8.26 23.48
N PHE B 411 2.09 8.92 24.24
CA PHE B 411 0.91 9.59 23.66
C PHE B 411 1.32 10.79 22.82
N GLN B 412 2.27 11.57 23.35
CA GLN B 412 2.83 12.71 22.62
C GLN B 412 3.56 12.27 21.32
N ASN B 413 4.37 11.22 21.43
CA ASN B 413 5.01 10.61 20.26
C ASN B 413 3.98 10.35 19.16
N PHE B 414 2.89 9.69 19.54
CA PHE B 414 1.86 9.28 18.59
C PHE B 414 1.20 10.45 17.85
N PHE B 415 0.81 11.49 18.59
CA PHE B 415 0.06 12.59 17.99
C PHE B 415 0.90 13.69 17.31
N LYS B 416 2.19 13.77 17.66
CA LYS B 416 3.07 14.82 17.13
C LYS B 416 4.08 14.32 16.09
N ILE B 417 4.27 13.01 16.02
CA ILE B 417 5.23 12.40 15.10
C ILE B 417 4.60 11.26 14.28
N THR B 418 4.12 10.22 14.95
CA THR B 418 3.63 9.02 14.27
C THR B 418 2.41 9.28 13.39
N LEU B 419 1.38 9.90 13.96
CA LEU B 419 0.16 10.21 13.21
C LEU B 419 0.40 11.09 11.97
N PRO B 420 1.06 12.27 12.12
CA PRO B 420 1.26 13.15 10.96
C PRO B 420 2.11 12.55 9.85
N LEU B 421 3.06 11.69 10.21
CA LEU B 421 3.94 11.03 9.24
C LEU B 421 3.19 9.96 8.46
N LEU B 422 2.09 9.48 9.03
CA LEU B 422 1.29 8.44 8.41
C LEU B 422 0.09 8.96 7.63
N ILE B 423 -0.53 10.05 8.08
CA ILE B 423 -1.74 10.54 7.40
C ILE B 423 -1.52 10.93 5.94
N LYS B 424 -0.32 11.39 5.60
CA LYS B 424 -0.02 11.79 4.22
C LYS B 424 -0.04 10.61 3.23
N PRO B 425 0.77 9.55 3.49
CA PRO B 425 0.62 8.36 2.63
C PRO B 425 -0.75 7.68 2.75
N LEU B 426 -1.36 7.76 3.92
CA LEU B 426 -2.70 7.20 4.15
C LEU B 426 -3.82 7.98 3.44
N THR B 427 -3.56 9.24 3.12
CA THR B 427 -4.60 10.12 2.56
C THR B 427 -5.31 9.55 1.32
N PRO B 428 -4.56 9.13 0.28
CA PRO B 428 -5.23 8.57 -0.89
C PRO B 428 -5.98 7.28 -0.56
N LEU B 429 -5.41 6.47 0.32
CA LEU B 429 -6.04 5.22 0.75
C LEU B 429 -7.34 5.46 1.49
N MET B 430 -7.40 6.55 2.24
CA MET B 430 -8.60 6.94 2.98
C MET B 430 -9.69 7.48 2.05
N ILE B 431 -9.28 8.23 1.03
CA ILE B 431 -10.23 8.75 0.04
C ILE B 431 -10.82 7.58 -0.76
N ALA B 432 -9.99 6.59 -1.05
CA ALA B 432 -10.43 5.38 -1.73
C ALA B 432 -11.39 4.57 -0.85
N SER B 433 -11.01 4.39 0.41
CA SER B 433 -11.84 3.68 1.38
C SER B 433 -13.20 4.36 1.58
N PHE B 434 -13.25 5.68 1.41
CA PHE B 434 -14.50 6.43 1.45
C PHE B 434 -15.41 6.06 0.29
N ALA B 435 -14.84 6.01 -0.91
CA ALA B 435 -15.59 5.71 -2.12
C ALA B 435 -16.09 4.27 -2.12
N PHE B 436 -15.25 3.36 -1.64
CA PHE B 436 -15.60 1.95 -1.53
C PHE B 436 -16.79 1.76 -0.60
N ASN B 437 -16.70 2.35 0.59
CA ASN B 437 -17.77 2.21 1.58
C ASN B 437 -19.05 2.94 1.20
N PHE B 438 -18.90 4.04 0.45
CA PHE B 438 -20.04 4.73 -0.14
C PHE B 438 -20.92 3.74 -0.91
N ASN B 439 -20.29 2.81 -1.62
CA ASN B 439 -21.01 1.84 -2.45
C ASN B 439 -21.04 0.42 -1.89
N ASN B 440 -20.92 0.31 -0.57
CA ASN B 440 -20.90 -1.00 0.10
C ASN B 440 -22.28 -1.66 0.11
N PHE B 441 -22.80 -1.95 -1.09
CA PHE B 441 -24.08 -2.62 -1.31
C PHE B 441 -24.24 -3.88 -0.47
N VAL B 442 -23.32 -4.83 -0.66
CA VAL B 442 -23.36 -6.16 -0.04
C VAL B 442 -23.65 -6.15 1.46
N LEU B 443 -22.88 -5.38 2.22
CA LEU B 443 -23.01 -5.35 3.69
C LEU B 443 -24.44 -5.04 4.15
N ILE B 444 -24.98 -3.95 3.62
CA ILE B 444 -26.32 -3.47 3.98
C ILE B 444 -27.40 -4.50 3.61
N GLN B 445 -27.26 -5.10 2.42
CA GLN B 445 -28.20 -6.12 1.94
C GLN B 445 -28.25 -7.32 2.86
N LEU B 446 -27.08 -7.90 3.11
CA LEU B 446 -26.96 -9.12 3.90
C LEU B 446 -27.35 -8.92 5.36
N LEU B 447 -26.98 -7.77 5.93
CA LEU B 447 -27.20 -7.55 7.36
C LEU B 447 -28.59 -7.01 7.71
N THR B 448 -29.07 -6.02 6.97
CA THR B 448 -30.28 -5.27 7.36
C THR B 448 -31.35 -5.19 6.27
N ASN B 449 -30.97 -5.52 5.03
CA ASN B 449 -31.82 -5.31 3.85
CA ASN B 449 -31.82 -5.31 3.85
C ASN B 449 -32.25 -3.84 3.73
N GLY B 450 -31.47 -2.95 4.34
CA GLY B 450 -31.74 -1.52 4.32
C GLY B 450 -32.63 -1.04 5.45
N GLY B 451 -33.22 -1.99 6.18
CA GLY B 451 -34.16 -1.71 7.26
C GLY B 451 -33.55 -1.04 8.49
N PRO B 452 -34.40 -0.51 9.38
CA PRO B 452 -35.87 -0.59 9.31
C PRO B 452 -36.47 0.31 8.22
N ASP B 453 -37.76 0.11 7.96
CA ASP B 453 -38.46 0.73 6.85
C ASP B 453 -38.72 2.22 7.03
N ARG B 454 -38.36 3.00 6.01
CA ARG B 454 -38.76 4.41 5.95
C ARG B 454 -40.21 4.47 5.45
N LEU B 455 -41.09 4.91 6.34
CA LEU B 455 -42.53 4.96 6.05
C LEU B 455 -42.86 6.10 5.11
N GLY B 456 -43.80 5.85 4.20
CA GLY B 456 -44.27 6.86 3.27
C GLY B 456 -43.50 6.93 1.97
N THR B 457 -42.42 6.16 1.87
CA THR B 457 -41.62 6.10 0.65
C THR B 457 -42.35 5.27 -0.41
N THR B 458 -42.89 5.96 -1.42
CA THR B 458 -43.74 5.33 -2.44
C THR B 458 -42.96 4.30 -3.27
N THR B 459 -41.71 4.65 -3.59
CA THR B 459 -40.75 3.64 -4.02
C THR B 459 -39.89 3.29 -2.80
N PRO B 460 -39.94 2.02 -2.38
CA PRO B 460 -39.47 1.52 -1.09
C PRO B 460 -38.04 1.94 -0.70
N ALA B 461 -37.92 2.55 0.48
CA ALA B 461 -36.63 2.93 1.06
C ALA B 461 -36.59 2.60 2.55
N GLY B 462 -35.37 2.40 3.06
CA GLY B 462 -35.17 2.09 4.47
C GLY B 462 -34.13 2.98 5.11
N TYR B 463 -34.03 2.92 6.44
CA TYR B 463 -33.16 3.80 7.21
C TYR B 463 -31.66 3.54 7.03
N THR B 464 -31.27 2.28 6.88
CA THR B 464 -29.85 1.94 6.72
C THR B 464 -29.44 1.71 5.26
N ASP B 465 -30.42 1.85 4.35
CA ASP B 465 -30.17 1.82 2.91
C ASP B 465 -29.08 2.81 2.53
N LEU B 466 -28.05 2.33 1.84
CA LEU B 466 -27.13 3.22 1.14
C LEU B 466 -27.79 3.71 -0.14
N LEU B 467 -27.08 4.54 -0.89
CA LEU B 467 -27.60 5.05 -2.15
C LEU B 467 -27.70 3.92 -3.17
N VAL B 468 -26.66 3.08 -3.19
CA VAL B 468 -26.60 1.91 -4.08
C VAL B 468 -27.75 0.91 -3.82
N ASN B 469 -28.07 0.70 -2.54
CA ASN B 469 -29.11 -0.26 -2.13
C ASN B 469 -30.50 0.18 -2.55
N TYR B 470 -30.79 1.47 -2.34
CA TYR B 470 -32.08 2.05 -2.70
C TYR B 470 -32.27 2.10 -4.21
N THR B 471 -31.18 2.37 -4.91
CA THR B 471 -31.18 2.53 -6.35
C THR B 471 -31.31 1.20 -7.11
N TYR B 472 -30.49 0.21 -6.76
CA TYR B 472 -30.51 -1.07 -7.48
C TYR B 472 -31.79 -1.87 -7.18
N ARG B 473 -32.50 -1.45 -6.15
CA ARG B 473 -33.83 -1.99 -5.87
C ARG B 473 -34.80 -1.51 -6.95
N ILE B 474 -34.65 -0.24 -7.36
CA ILE B 474 -35.48 0.32 -8.42
C ILE B 474 -35.19 -0.37 -9.76
N ALA B 475 -33.90 -0.61 -10.03
CA ALA B 475 -33.45 -1.19 -11.30
C ALA B 475 -33.70 -2.69 -11.45
N PHE B 476 -33.41 -3.46 -10.40
CA PHE B 476 -33.42 -4.92 -10.46
C PHE B 476 -34.62 -5.58 -9.78
N GLU B 477 -35.27 -4.85 -8.89
CA GLU B 477 -36.57 -5.25 -8.38
C GLU B 477 -37.59 -4.24 -8.90
N GLY B 478 -38.52 -3.80 -8.06
CA GLY B 478 -39.50 -2.81 -8.47
C GLY B 478 -40.40 -3.20 -9.63
N GLY B 479 -40.45 -4.51 -9.91
CA GLY B 479 -41.43 -5.08 -10.85
C GLY B 479 -41.24 -4.83 -12.34
N GLY B 480 -40.05 -4.38 -12.74
CA GLY B 480 -39.76 -4.11 -14.15
C GLY B 480 -38.78 -5.08 -14.78
N GLY B 481 -38.38 -6.10 -14.03
CA GLY B 481 -37.32 -7.01 -14.45
C GLY B 481 -35.98 -6.37 -14.19
N GLN B 482 -34.93 -6.90 -14.81
CA GLN B 482 -33.59 -6.37 -14.64
C GLN B 482 -33.23 -5.34 -15.71
N ASP B 483 -33.39 -4.06 -15.36
CA ASP B 483 -33.08 -2.94 -16.25
C ASP B 483 -31.62 -2.54 -16.07
N PHE B 484 -30.78 -3.00 -16.99
CA PHE B 484 -29.34 -2.77 -16.90
C PHE B 484 -28.97 -1.34 -17.31
N GLY B 485 -29.70 -0.80 -18.27
CA GLY B 485 -29.50 0.58 -18.76
C GLY B 485 -29.73 1.61 -17.67
N LEU B 486 -30.81 1.44 -16.91
CA LEU B 486 -31.10 2.30 -15.77
C LEU B 486 -30.00 2.20 -14.71
N ALA B 487 -29.65 0.97 -14.31
CA ALA B 487 -28.60 0.75 -13.31
C ALA B 487 -27.23 1.25 -13.76
N ALA B 488 -27.01 1.26 -15.08
CA ALA B 488 -25.79 1.77 -15.66
C ALA B 488 -25.76 3.30 -15.59
N ALA B 489 -26.90 3.92 -15.84
CA ALA B 489 -27.05 5.38 -15.79
C ALA B 489 -26.88 5.88 -14.37
N ILE B 490 -27.50 5.19 -13.41
CA ILE B 490 -27.38 5.56 -12.01
C ILE B 490 -25.96 5.30 -11.48
N ALA B 491 -25.29 4.29 -12.01
CA ALA B 491 -23.88 4.02 -11.67
C ALA B 491 -22.96 5.14 -12.14
N THR B 492 -23.31 5.75 -13.27
CA THR B 492 -22.60 6.91 -13.81
C THR B 492 -22.87 8.15 -12.94
N LEU B 493 -24.11 8.31 -12.50
CA LEU B 493 -24.50 9.47 -11.69
C LEU B 493 -23.89 9.47 -10.29
N ILE B 494 -23.91 8.31 -9.62
CA ILE B 494 -23.29 8.18 -8.30
C ILE B 494 -21.76 8.28 -8.39
N PHE B 495 -21.20 7.91 -9.53
CA PHE B 495 -19.77 8.08 -9.79
C PHE B 495 -19.41 9.55 -9.91
N LEU B 496 -20.24 10.29 -10.63
CA LEU B 496 -20.06 11.74 -10.78
C LEU B 496 -20.28 12.47 -9.46
N LEU B 497 -21.11 11.90 -8.59
CA LEU B 497 -21.37 12.48 -7.27
C LEU B 497 -20.18 12.26 -6.32
N VAL B 498 -19.68 11.04 -6.26
CA VAL B 498 -18.52 10.71 -5.41
C VAL B 498 -17.22 11.34 -5.93
N GLY B 499 -17.12 11.52 -7.25
CA GLY B 499 -15.99 12.21 -7.87
C GLY B 499 -16.00 13.70 -7.58
N ALA B 500 -17.20 14.28 -7.49
CA ALA B 500 -17.37 15.68 -7.10
C ALA B 500 -17.12 15.87 -5.60
N LEU B 501 -17.39 14.84 -4.81
CA LEU B 501 -17.15 14.87 -3.36
C LEU B 501 -15.67 14.95 -3.03
N ALA B 502 -14.85 14.16 -3.74
CA ALA B 502 -13.40 14.23 -3.61
C ALA B 502 -12.88 15.54 -4.22
N ILE B 503 -12.92 16.60 -3.41
CA ILE B 503 -12.62 17.96 -3.87
C ILE B 503 -11.93 18.77 -2.76
N GLN C 9 8.05 2.48 34.93
CA GLN C 9 6.62 2.06 34.91
C GLN C 9 6.30 1.15 33.72
N LYS C 10 6.14 -0.14 33.99
CA LYS C 10 5.74 -1.09 32.96
C LYS C 10 4.50 -1.91 33.37
N ALA C 11 3.62 -1.24 34.11
CA ALA C 11 2.25 -1.69 34.28
C ALA C 11 1.50 -1.38 32.98
N ARG C 12 2.14 -0.58 32.13
CA ARG C 12 1.65 -0.26 30.79
C ARG C 12 1.60 -1.48 29.88
N LEU C 13 2.58 -2.37 30.01
CA LEU C 13 2.55 -3.66 29.32
C LEU C 13 1.36 -4.50 29.77
N PHE C 14 1.15 -4.56 31.08
CA PHE C 14 0.04 -5.32 31.66
C PHE C 14 -1.32 -4.78 31.21
N ILE C 15 -1.46 -3.47 31.18
CA ILE C 15 -2.70 -2.82 30.73
C ILE C 15 -2.92 -3.02 29.23
N THR C 16 -1.83 -3.16 28.48
CA THR C 16 -1.88 -3.39 27.04
C THR C 16 -2.17 -4.86 26.74
N HIS C 17 -1.49 -5.76 27.45
CA HIS C 17 -1.77 -7.20 27.35
C HIS C 17 -3.24 -7.47 27.65
N LEU C 18 -3.75 -6.86 28.72
CA LEU C 18 -5.14 -7.02 29.13
C LEU C 18 -6.12 -6.49 28.07
N LEU C 19 -5.85 -5.30 27.56
CA LEU C 19 -6.74 -4.68 26.57
C LEU C 19 -6.73 -5.40 25.21
N LEU C 20 -5.54 -5.82 24.77
CA LEU C 20 -5.41 -6.62 23.55
C LEU C 20 -6.12 -7.96 23.69
N LEU C 21 -6.00 -8.59 24.85
CA LEU C 21 -6.66 -9.87 25.12
C LEU C 21 -8.19 -9.76 25.08
N LEU C 22 -8.71 -8.68 25.68
CA LEU C 22 -10.15 -8.41 25.65
C LEU C 22 -10.61 -8.05 24.23
N PHE C 23 -9.75 -7.37 23.49
CA PHE C 23 -10.04 -7.03 22.10
C PHE C 23 -10.01 -8.27 21.20
N ILE C 24 -8.99 -9.11 21.37
CA ILE C 24 -8.84 -10.35 20.60
C ILE C 24 -10.07 -11.26 20.78
N ALA C 25 -10.43 -11.53 22.04
CA ALA C 25 -11.61 -12.35 22.35
C ALA C 25 -12.85 -11.87 21.61
N ALA C 26 -13.13 -10.57 21.69
CA ALA C 26 -14.27 -9.96 21.02
C ALA C 26 -14.25 -10.18 19.51
N ILE C 27 -13.12 -9.88 18.87
CA ILE C 27 -13.00 -10.00 17.42
C ILE C 27 -12.89 -11.45 16.93
N MET C 28 -12.48 -12.35 17.83
CA MET C 28 -12.39 -13.78 17.52
C MET C 28 -13.74 -14.49 17.61
N PHE C 29 -14.61 -13.99 18.48
CA PHE C 29 -15.89 -14.66 18.78
C PHE C 29 -16.70 -15.04 17.53
N PRO C 30 -16.92 -14.09 16.60
CA PRO C 30 -17.66 -14.46 15.39
C PRO C 30 -16.99 -15.59 14.61
N LEU C 31 -15.66 -15.59 14.59
CA LEU C 31 -14.89 -16.61 13.87
C LEU C 31 -14.92 -17.98 14.53
N LEU C 32 -14.97 -18.00 15.85
CA LEU C 32 -15.10 -19.24 16.61
C LEU C 32 -16.47 -19.86 16.37
N MET C 33 -17.47 -19.00 16.17
CA MET C 33 -18.82 -19.45 15.82
C MET C 33 -18.86 -20.09 14.43
N VAL C 34 -17.98 -19.62 13.54
CA VAL C 34 -17.81 -20.23 12.22
C VAL C 34 -17.16 -21.60 12.37
N VAL C 35 -16.13 -21.68 13.21
CA VAL C 35 -15.44 -22.95 13.52
C VAL C 35 -16.44 -23.95 14.13
N ALA C 36 -17.30 -23.45 15.02
CA ALA C 36 -18.35 -24.27 15.64
C ALA C 36 -19.32 -24.87 14.62
N ILE C 37 -19.70 -24.09 13.61
CA ILE C 37 -20.62 -24.55 12.56
C ILE C 37 -19.97 -25.71 11.81
N SER C 38 -18.68 -25.58 11.52
CA SER C 38 -17.93 -26.60 10.78
C SER C 38 -17.80 -27.92 11.55
N LEU C 39 -18.03 -27.88 12.86
CA LEU C 39 -17.91 -29.08 13.70
C LEU C 39 -19.26 -29.59 14.25
N ARG C 40 -20.34 -28.93 13.85
CA ARG C 40 -21.68 -29.25 14.31
C ARG C 40 -22.31 -30.26 13.36
N GLN C 41 -23.01 -31.27 13.91
CA GLN C 41 -23.67 -32.27 13.08
C GLN C 41 -24.85 -31.66 12.32
N GLY C 42 -24.98 -32.05 11.05
CA GLY C 42 -25.96 -31.44 10.17
C GLY C 42 -25.50 -30.05 9.75
N ASN C 43 -26.43 -29.25 9.26
CA ASN C 43 -26.12 -27.91 8.74
C ASN C 43 -26.93 -26.82 9.42
N PHE C 44 -26.34 -26.22 10.45
CA PHE C 44 -27.02 -25.24 11.29
C PHE C 44 -26.16 -24.02 11.52
N ALA C 45 -26.72 -22.84 11.21
CA ALA C 45 -26.02 -21.57 11.33
C ALA C 45 -25.81 -21.11 12.78
N THR C 46 -26.69 -21.58 13.67
CA THR C 46 -26.65 -21.20 15.09
C THR C 46 -26.48 -22.41 16.01
N GLY C 47 -26.22 -22.14 17.28
CA GLY C 47 -26.01 -23.17 18.29
C GLY C 47 -24.96 -22.75 19.30
N SER C 48 -24.58 -23.67 20.16
CA SER C 48 -23.60 -23.37 21.22
C SER C 48 -22.17 -23.39 20.67
N LEU C 49 -21.32 -22.55 21.28
CA LEU C 49 -19.91 -22.45 20.91
C LEU C 49 -19.21 -23.80 20.86
N ILE C 50 -19.47 -24.63 21.86
CA ILE C 50 -19.12 -26.05 21.80
C ILE C 50 -20.40 -26.76 21.38
N PRO C 51 -20.44 -27.24 20.11
CA PRO C 51 -21.63 -27.91 19.59
C PRO C 51 -21.99 -29.12 20.43
N GLU C 52 -23.27 -29.24 20.79
CA GLU C 52 -23.74 -30.32 21.64
C GLU C 52 -23.48 -31.69 20.99
N GLN C 53 -23.85 -31.78 19.71
CA GLN C 53 -23.54 -32.98 18.92
C GLN C 53 -22.42 -32.65 17.92
N ILE C 54 -21.20 -33.02 18.30
CA ILE C 54 -20.01 -32.76 17.49
C ILE C 54 -19.92 -33.77 16.34
N SER C 55 -19.56 -33.28 15.16
CA SER C 55 -19.37 -34.11 13.98
C SER C 55 -18.11 -33.73 13.21
N TRP C 56 -17.37 -34.74 12.77
CA TRP C 56 -16.14 -34.54 12.01
C TRP C 56 -16.38 -34.65 10.50
N ASP C 57 -17.62 -34.96 10.13
CA ASP C 57 -17.99 -35.25 8.74
C ASP C 57 -17.72 -34.10 7.76
N HIS C 58 -18.01 -32.87 8.16
CA HIS C 58 -17.79 -31.72 7.28
C HIS C 58 -16.31 -31.57 6.95
N TRP C 59 -15.46 -31.79 7.94
CA TRP C 59 -14.01 -31.73 7.77
C TRP C 59 -13.46 -32.96 7.06
N LYS C 60 -14.15 -34.09 7.21
CA LYS C 60 -13.77 -35.33 6.52
C LYS C 60 -13.92 -35.19 5.00
N LEU C 61 -15.09 -34.71 4.57
CA LEU C 61 -15.39 -34.52 3.16
C LEU C 61 -14.52 -33.43 2.54
N ALA C 62 -14.21 -32.40 3.33
CA ALA C 62 -13.33 -31.33 2.88
C ALA C 62 -11.89 -31.80 2.68
N LEU C 63 -11.46 -32.76 3.50
CA LEU C 63 -10.09 -33.26 3.43
C LEU C 63 -9.93 -34.51 2.57
N GLY C 64 -11.03 -34.98 1.98
CA GLY C 64 -10.99 -36.07 1.01
C GLY C 64 -11.44 -37.43 1.52
N PHE C 65 -11.88 -37.49 2.77
CA PHE C 65 -12.33 -38.74 3.38
C PHE C 65 -13.76 -39.07 3.00
N SER C 66 -14.05 -40.38 2.90
CA SER C 66 -15.41 -40.86 2.75
C SER C 66 -16.07 -40.96 4.12
N VAL C 67 -17.40 -40.83 4.15
CA VAL C 67 -18.16 -40.81 5.40
C VAL C 67 -19.19 -41.94 5.45
N GLU C 68 -19.05 -42.83 6.43
CA GLU C 68 -20.06 -43.84 6.70
C GLU C 68 -21.24 -43.18 7.42
N GLN C 69 -22.44 -43.37 6.87
CA GLN C 69 -23.64 -42.72 7.43
C GLN C 69 -24.57 -43.67 8.19
N ALA C 70 -25.72 -43.13 8.60
CA ALA C 70 -26.67 -43.84 9.48
C ALA C 70 -27.23 -45.14 8.90
N ASP C 71 -27.61 -45.11 7.62
CA ASP C 71 -28.26 -46.28 6.99
C ASP C 71 -27.28 -47.36 6.51
N GLY C 72 -25.98 -47.08 6.62
CA GLY C 72 -24.94 -48.04 6.28
C GLY C 72 -24.07 -47.64 5.10
N ARG C 73 -24.69 -47.12 4.05
CA ARG C 73 -23.99 -46.75 2.82
C ARG C 73 -22.95 -45.64 3.03
N ILE C 74 -21.88 -45.71 2.24
CA ILE C 74 -20.74 -44.80 2.35
C ILE C 74 -20.89 -43.62 1.39
N THR C 75 -20.64 -42.43 1.90
CA THR C 75 -20.69 -41.20 1.11
C THR C 75 -19.28 -40.77 0.72
N PRO C 76 -18.97 -40.84 -0.59
CA PRO C 76 -17.69 -40.32 -1.06
C PRO C 76 -17.71 -38.79 -1.11
N PRO C 77 -16.54 -38.14 -1.05
CA PRO C 77 -16.51 -36.68 -1.13
C PRO C 77 -17.09 -36.18 -2.46
N PRO C 78 -18.15 -35.34 -2.41
CA PRO C 78 -18.76 -34.83 -3.64
C PRO C 78 -17.82 -33.87 -4.38
N PHE C 79 -16.99 -33.14 -3.64
CA PHE C 79 -16.14 -32.10 -4.21
C PHE C 79 -14.68 -32.23 -3.80
N PRO C 80 -13.75 -31.88 -4.72
CA PRO C 80 -12.33 -31.87 -4.40
C PRO C 80 -11.93 -30.55 -3.74
N VAL C 81 -12.30 -30.40 -2.47
CA VAL C 81 -12.07 -29.17 -1.73
C VAL C 81 -10.58 -28.82 -1.64
N LEU C 82 -9.72 -29.82 -1.46
CA LEU C 82 -8.28 -29.59 -1.34
C LEU C 82 -7.64 -29.10 -2.65
N LEU C 83 -8.08 -29.67 -3.76
CA LEU C 83 -7.68 -29.19 -5.09
C LEU C 83 -8.12 -27.74 -5.33
N TRP C 84 -9.35 -27.42 -4.90
CA TRP C 84 -9.85 -26.05 -4.94
C TRP C 84 -8.96 -25.10 -4.15
N LEU C 85 -8.51 -25.55 -2.98
CA LEU C 85 -7.61 -24.76 -2.13
C LEU C 85 -6.27 -24.53 -2.83
N TRP C 86 -5.77 -25.59 -3.47
CA TRP C 86 -4.51 -25.50 -4.22
C TRP C 86 -4.65 -24.56 -5.42
N ASN C 87 -5.80 -24.61 -6.09
CA ASN C 87 -6.10 -23.69 -7.19
C ASN C 87 -6.18 -22.24 -6.69
N SER C 88 -6.69 -22.05 -5.48
CA SER C 88 -6.74 -20.73 -4.84
C SER C 88 -5.34 -20.16 -4.61
N VAL C 89 -4.47 -20.99 -4.01
CA VAL C 89 -3.06 -20.63 -3.76
C VAL C 89 -2.38 -20.23 -5.06
N LYS C 90 -2.53 -21.06 -6.09
CA LYS C 90 -1.91 -20.82 -7.40
C LYS C 90 -2.36 -19.49 -7.98
N VAL C 91 -3.68 -19.29 -8.06
CA VAL C 91 -4.21 -18.06 -8.63
C VAL C 91 -3.83 -16.83 -7.80
N ALA C 92 -3.90 -16.96 -6.48
CA ALA C 92 -3.53 -15.86 -5.57
C ALA C 92 -2.03 -15.53 -5.59
N GLY C 93 -1.19 -16.57 -5.54
CA GLY C 93 0.27 -16.41 -5.52
C GLY C 93 0.84 -15.73 -6.76
N ILE C 94 0.59 -16.34 -7.92
CA ILE C 94 1.03 -15.78 -9.21
C ILE C 94 0.48 -14.37 -9.39
N SER C 95 -0.83 -14.25 -9.18
CA SER C 95 -1.55 -12.97 -9.22
C SER C 95 -0.86 -11.89 -8.39
N ALA C 96 -0.59 -12.21 -7.12
CA ALA C 96 0.06 -11.27 -6.21
C ALA C 96 1.44 -10.87 -6.74
N ILE C 97 2.24 -11.85 -7.18
CA ILE C 97 3.54 -11.57 -7.79
C ILE C 97 3.38 -10.57 -8.95
N GLY C 98 2.43 -10.84 -9.84
CA GLY C 98 2.12 -9.96 -10.95
C GLY C 98 1.72 -8.55 -10.54
N ILE C 99 0.84 -8.44 -9.55
CA ILE C 99 0.40 -7.12 -9.06
C ILE C 99 1.56 -6.34 -8.40
N VAL C 100 2.43 -7.05 -7.69
CA VAL C 100 3.62 -6.45 -7.07
C VAL C 100 4.54 -5.89 -8.16
N ALA C 101 4.90 -6.72 -9.12
CA ALA C 101 5.82 -6.34 -10.20
C ALA C 101 5.29 -5.18 -11.06
N LEU C 102 3.99 -5.19 -11.34
CA LEU C 102 3.40 -4.15 -12.19
C LEU C 102 3.31 -2.81 -11.49
N SER C 103 2.99 -2.83 -10.19
CA SER C 103 2.73 -1.61 -9.43
C SER C 103 3.99 -0.94 -8.86
N THR C 104 5.00 -1.73 -8.51
CA THR C 104 6.29 -1.16 -8.10
C THR C 104 6.98 -0.45 -9.27
N THR C 105 7.04 -1.11 -10.43
CA THR C 105 7.68 -0.50 -11.60
C THR C 105 6.94 0.77 -12.01
N CYS C 106 5.62 0.74 -11.90
CA CYS C 106 4.81 1.91 -12.18
C CYS C 106 5.11 3.04 -11.19
N ALA C 107 5.08 2.71 -9.89
CA ALA C 107 5.37 3.66 -8.82
C ALA C 107 6.73 4.33 -8.95
N TYR C 108 7.73 3.56 -9.37
CA TYR C 108 9.09 4.08 -9.57
C TYR C 108 9.10 5.28 -10.52
N ALA C 109 8.40 5.16 -11.64
CA ALA C 109 8.27 6.27 -12.59
C ALA C 109 7.55 7.46 -11.97
N PHE C 110 6.43 7.20 -11.28
CA PHE C 110 5.68 8.27 -10.62
C PHE C 110 6.47 8.95 -9.51
N ALA C 111 7.32 8.20 -8.82
CA ALA C 111 8.10 8.72 -7.69
C ALA C 111 9.43 9.38 -8.07
N ARG C 112 10.09 8.89 -9.11
CA ARG C 112 11.48 9.29 -9.39
C ARG C 112 11.70 9.95 -10.75
N MET C 113 10.77 9.72 -11.68
CA MET C 113 10.89 10.24 -13.03
C MET C 113 9.84 11.31 -13.29
N ARG C 114 10.03 12.08 -14.35
CA ARG C 114 9.07 13.10 -14.75
C ARG C 114 8.65 12.91 -16.20
N PHE C 115 7.36 13.05 -16.44
CA PHE C 115 6.78 12.90 -17.78
C PHE C 115 5.46 13.67 -17.87
N PRO C 116 5.29 14.48 -18.92
CA PRO C 116 4.11 15.32 -19.10
C PRO C 116 2.78 14.62 -18.77
N GLY C 117 1.92 15.34 -18.07
CA GLY C 117 0.62 14.82 -17.64
C GLY C 117 0.74 13.67 -16.66
N LYS C 118 1.69 13.79 -15.73
CA LYS C 118 1.91 12.78 -14.70
C LYS C 118 0.86 12.87 -13.60
N ALA C 119 0.59 14.10 -13.16
CA ALA C 119 -0.37 14.38 -12.08
C ALA C 119 -1.81 14.05 -12.46
N THR C 120 -2.13 14.25 -13.74
CA THR C 120 -3.45 13.91 -14.27
C THR C 120 -3.63 12.38 -14.34
N LEU C 121 -2.56 11.69 -14.72
CA LEU C 121 -2.58 10.21 -14.82
C LEU C 121 -2.79 9.53 -13.48
N LEU C 122 -2.04 9.98 -12.46
CA LEU C 122 -2.17 9.45 -11.10
C LEU C 122 -3.57 9.63 -10.55
N LYS C 123 -4.10 10.84 -10.70
CA LYS C 123 -5.43 11.15 -10.20
C LYS C 123 -6.53 10.59 -11.11
N GLY C 124 -6.13 10.21 -12.32
CA GLY C 124 -7.02 9.45 -13.20
C GLY C 124 -7.13 8.02 -12.73
N MET C 125 -6.00 7.43 -12.35
CA MET C 125 -5.92 6.06 -11.81
C MET C 125 -6.74 5.89 -10.54
N LEU C 126 -6.66 6.86 -9.65
CA LEU C 126 -7.37 6.80 -8.38
C LEU C 126 -8.89 6.97 -8.59
N ILE C 127 -9.27 7.75 -9.59
CA ILE C 127 -10.69 8.02 -9.87
C ILE C 127 -11.36 6.89 -10.66
N PHE C 128 -10.75 6.48 -11.78
CA PHE C 128 -11.35 5.49 -12.66
C PHE C 128 -11.54 4.10 -12.04
N GLN C 129 -10.67 3.75 -11.08
CA GLN C 129 -10.81 2.47 -10.38
C GLN C 129 -11.91 2.55 -9.30
N MET C 130 -12.35 3.76 -8.97
CA MET C 130 -13.41 3.94 -7.99
C MET C 130 -14.80 4.03 -8.64
N PHE C 131 -14.87 3.70 -9.93
CA PHE C 131 -16.13 3.60 -10.65
C PHE C 131 -16.89 2.34 -10.21
N PRO C 132 -18.21 2.45 -9.98
CA PRO C 132 -19.06 1.32 -9.58
C PRO C 132 -19.02 0.13 -10.54
N ALA C 133 -18.28 -0.91 -10.14
CA ALA C 133 -18.21 -2.16 -10.88
C ALA C 133 -19.51 -2.94 -10.74
N VAL C 134 -20.44 -2.70 -11.66
CA VAL C 134 -21.79 -3.29 -11.61
C VAL C 134 -22.16 -4.02 -12.91
N LEU C 135 -21.78 -3.44 -14.04
CA LEU C 135 -21.98 -4.05 -15.35
C LEU C 135 -20.63 -4.49 -15.94
N SER C 136 -19.66 -4.70 -15.06
CA SER C 136 -18.31 -5.05 -15.48
C SER C 136 -18.19 -6.50 -16.00
N LEU C 137 -18.91 -7.41 -15.36
CA LEU C 137 -18.87 -8.83 -15.75
C LEU C 137 -19.38 -9.09 -17.16
N VAL C 138 -20.30 -8.24 -17.63
CA VAL C 138 -20.77 -8.27 -19.01
C VAL C 138 -19.60 -7.94 -19.95
N ALA C 139 -18.89 -6.86 -19.64
CA ALA C 139 -17.73 -6.44 -20.41
C ALA C 139 -16.59 -7.45 -20.35
N LEU C 140 -16.29 -7.94 -19.15
CA LEU C 140 -15.22 -8.90 -18.93
C LEU C 140 -15.40 -10.22 -19.67
N TYR C 141 -16.62 -10.78 -19.64
CA TYR C 141 -16.88 -12.04 -20.30
C TYR C 141 -16.65 -11.92 -21.80
N ALA C 142 -17.21 -10.88 -22.39
CA ALA C 142 -17.02 -10.56 -23.81
C ALA C 142 -15.53 -10.42 -24.15
N LEU C 143 -14.76 -9.85 -23.22
CA LEU C 143 -13.33 -9.67 -23.42
C LEU C 143 -12.58 -11.00 -23.48
N PHE C 144 -12.82 -11.87 -22.51
CA PHE C 144 -12.09 -13.14 -22.44
C PHE C 144 -12.60 -14.19 -23.41
N ASP C 145 -13.86 -14.06 -23.82
CA ASP C 145 -14.42 -14.91 -24.85
C ASP C 145 -13.66 -14.65 -26.15
N ARG C 146 -13.46 -13.37 -26.45
CA ARG C 146 -12.75 -12.94 -27.64
C ARG C 146 -11.26 -13.23 -27.57
N LEU C 147 -10.67 -13.04 -26.40
CA LEU C 147 -9.24 -13.25 -26.21
C LEU C 147 -8.83 -14.71 -26.37
N GLY C 148 -9.71 -15.61 -25.92
CA GLY C 148 -9.43 -17.04 -25.89
C GLY C 148 -9.12 -17.68 -27.23
N GLU C 149 -9.75 -17.20 -28.29
CA GLU C 149 -9.56 -17.76 -29.62
C GLU C 149 -8.25 -17.32 -30.29
N TYR C 150 -7.49 -16.47 -29.60
CA TYR C 150 -6.18 -16.03 -30.09
C TYR C 150 -5.05 -16.49 -29.15
N ILE C 151 -5.22 -16.24 -27.85
CA ILE C 151 -4.34 -16.82 -26.83
C ILE C 151 -5.21 -17.64 -25.86
N PRO C 152 -5.35 -18.95 -26.12
CA PRO C 152 -6.23 -19.82 -25.32
C PRO C 152 -5.79 -19.93 -23.85
N PHE C 153 -4.49 -19.82 -23.61
CA PHE C 153 -3.89 -19.92 -22.28
C PHE C 153 -4.48 -18.93 -21.27
N ILE C 154 -5.04 -17.83 -21.79
CA ILE C 154 -5.61 -16.76 -20.96
C ILE C 154 -7.06 -16.42 -21.32
N GLY C 155 -7.81 -17.40 -21.81
CA GLY C 155 -9.23 -17.21 -22.13
C GLY C 155 -10.13 -17.72 -21.03
N LEU C 156 -11.40 -17.93 -21.36
CA LEU C 156 -12.39 -18.51 -20.44
C LEU C 156 -11.96 -19.90 -20.00
N ASN C 157 -12.35 -20.28 -18.78
CA ASN C 157 -12.02 -21.57 -18.19
C ASN C 157 -10.52 -21.83 -18.02
N THR C 158 -9.76 -20.78 -17.71
CA THR C 158 -8.33 -20.90 -17.45
C THR C 158 -7.90 -20.08 -16.24
N HIS C 159 -6.95 -20.62 -15.47
CA HIS C 159 -6.33 -19.86 -14.40
C HIS C 159 -5.63 -18.62 -14.92
N GLY C 160 -4.97 -18.74 -16.08
CA GLY C 160 -4.32 -17.63 -16.75
C GLY C 160 -5.22 -16.41 -16.93
N GLY C 161 -6.42 -16.65 -17.45
CA GLY C 161 -7.41 -15.60 -17.64
C GLY C 161 -7.80 -14.94 -16.33
N VAL C 162 -7.98 -15.75 -15.29
CA VAL C 162 -8.31 -15.24 -13.96
C VAL C 162 -7.19 -14.35 -13.43
N ILE C 163 -5.96 -14.86 -13.44
CA ILE C 163 -4.78 -14.11 -13.03
C ILE C 163 -4.69 -12.80 -13.82
N PHE C 164 -4.79 -12.91 -15.15
CA PHE C 164 -4.78 -11.77 -16.05
C PHE C 164 -5.80 -10.71 -15.64
N ALA C 165 -7.02 -11.15 -15.34
CA ALA C 165 -8.10 -10.23 -14.95
C ALA C 165 -7.80 -9.37 -13.72
N TYR C 166 -7.01 -9.90 -12.78
CA TYR C 166 -6.71 -9.20 -11.53
C TYR C 166 -5.60 -8.17 -11.69
N LEU C 167 -4.77 -8.34 -12.72
CA LEU C 167 -3.60 -7.52 -12.93
C LEU C 167 -3.94 -6.05 -13.21
N GLY C 168 -5.21 -5.78 -13.49
CA GLY C 168 -5.68 -4.41 -13.70
C GLY C 168 -5.89 -3.62 -12.43
N GLY C 169 -6.11 -4.29 -11.30
CA GLY C 169 -6.42 -3.63 -10.05
C GLY C 169 -5.22 -3.13 -9.26
N ILE C 170 -4.41 -2.28 -9.90
CA ILE C 170 -3.13 -1.82 -9.33
C ILE C 170 -3.12 -0.37 -8.82
N ALA C 171 -4.10 0.44 -9.24
CA ALA C 171 -4.10 1.88 -8.98
C ALA C 171 -3.72 2.25 -7.54
N LEU C 172 -4.41 1.64 -6.57
CA LEU C 172 -4.17 1.93 -5.16
C LEU C 172 -2.78 1.49 -4.72
N HIS C 173 -2.40 0.28 -5.14
CA HIS C 173 -1.07 -0.26 -4.84
C HIS C 173 0.03 0.63 -5.39
N VAL C 174 -0.20 1.20 -6.58
CA VAL C 174 0.75 2.16 -7.16
C VAL C 174 0.98 3.35 -6.22
N TRP C 175 -0.11 3.98 -5.78
CA TRP C 175 -0.05 5.11 -4.84
C TRP C 175 0.66 4.74 -3.54
N THR C 176 0.33 3.56 -3.00
CA THR C 176 0.92 3.07 -1.76
C THR C 176 2.45 2.94 -1.87
N ILE C 177 2.91 2.36 -2.97
CA ILE C 177 4.33 2.18 -3.21
C ILE C 177 5.02 3.51 -3.60
N LYS C 178 4.32 4.34 -4.37
CA LYS C 178 4.77 5.71 -4.66
C LYS C 178 5.05 6.44 -3.35
N GLY C 179 4.08 6.42 -2.45
CA GLY C 179 4.18 7.07 -1.16
C GLY C 179 5.36 6.59 -0.35
N TYR C 180 5.57 5.28 -0.33
CA TYR C 180 6.66 4.70 0.44
C TYR C 180 8.01 5.05 -0.16
N PHE C 181 8.10 4.96 -1.50
CA PHE C 181 9.33 5.33 -2.21
C PHE C 181 9.80 6.73 -1.80
N GLU C 182 8.82 7.61 -1.54
CA GLU C 182 9.07 9.01 -1.24
C GLU C 182 9.58 9.29 0.18
N THR C 183 9.38 8.34 1.09
CA THR C 183 9.97 8.43 2.43
C THR C 183 11.47 8.17 2.40
N ILE C 184 11.95 7.52 1.34
CA ILE C 184 13.35 7.15 1.20
C ILE C 184 14.15 8.28 0.52
N ASP C 185 15.25 8.68 1.16
CA ASP C 185 16.04 9.82 0.72
C ASP C 185 16.59 9.59 -0.69
N SER C 186 16.41 10.60 -1.54
CA SER C 186 16.77 10.53 -2.95
C SER C 186 18.27 10.32 -3.16
N SER C 187 19.06 10.83 -2.21
CA SER C 187 20.50 10.86 -2.35
C SER C 187 21.12 9.47 -2.38
N LEU C 188 20.38 8.47 -1.92
CA LEU C 188 20.86 7.09 -2.00
C LEU C 188 20.92 6.62 -3.45
N GLU C 189 19.89 6.98 -4.22
CA GLU C 189 19.87 6.70 -5.66
C GLU C 189 20.72 7.70 -6.42
N GLU C 190 20.82 8.93 -5.91
CA GLU C 190 21.73 9.93 -6.47
C GLU C 190 23.17 9.43 -6.43
N ALA C 191 23.60 8.92 -5.27
CA ALA C 191 24.92 8.30 -5.14
C ALA C 191 25.06 7.08 -6.06
N ALA C 192 23.99 6.28 -6.14
CA ALA C 192 23.96 5.13 -7.04
C ALA C 192 24.24 5.55 -8.47
N ALA C 193 23.49 6.55 -8.95
CA ALA C 193 23.66 7.08 -10.29
C ALA C 193 25.11 7.52 -10.57
N LEU C 194 25.74 8.20 -9.62
CA LEU C 194 27.13 8.63 -9.76
C LEU C 194 28.13 7.47 -9.78
N ASP C 195 27.76 6.32 -9.21
CA ASP C 195 28.58 5.12 -9.34
C ASP C 195 28.40 4.47 -10.73
N GLY C 196 27.53 5.06 -11.53
CA GLY C 196 27.28 4.59 -12.90
C GLY C 196 26.02 3.76 -13.08
N ALA C 197 25.26 3.59 -11.99
CA ALA C 197 24.03 2.81 -12.03
C ALA C 197 23.00 3.42 -12.96
N THR C 198 22.44 2.59 -13.83
CA THR C 198 21.30 2.97 -14.65
C THR C 198 20.08 3.17 -13.76
N PRO C 199 19.02 3.82 -14.28
CA PRO C 199 17.79 3.95 -13.50
C PRO C 199 17.20 2.59 -13.05
N TRP C 200 17.38 1.56 -13.88
CA TRP C 200 16.95 0.20 -13.51
C TRP C 200 17.80 -0.38 -12.37
N GLN C 201 19.13 -0.23 -12.48
CA GLN C 201 20.05 -0.73 -11.46
C GLN C 201 19.81 -0.06 -10.11
N ALA C 202 19.60 1.25 -10.13
CA ALA C 202 19.30 2.02 -8.92
C ALA C 202 18.00 1.55 -8.27
N PHE C 203 17.01 1.29 -9.11
CA PHE C 203 15.70 0.76 -8.71
C PHE C 203 15.83 -0.61 -8.04
N ARG C 204 16.53 -1.53 -8.69
CA ARG C 204 16.66 -2.91 -8.21
C ARG C 204 17.62 -3.05 -7.03
N LEU C 205 18.78 -2.41 -7.12
CA LEU C 205 19.88 -2.67 -6.19
C LEU C 205 19.91 -1.78 -4.95
N VAL C 206 19.25 -0.63 -5.03
CA VAL C 206 19.21 0.31 -3.90
C VAL C 206 17.80 0.50 -3.34
N LEU C 207 16.89 0.99 -4.17
CA LEU C 207 15.56 1.39 -3.72
C LEU C 207 14.69 0.21 -3.22
N LEU C 208 14.57 -0.85 -4.01
CA LEU C 208 13.74 -2.00 -3.64
C LEU C 208 14.07 -2.65 -2.28
N PRO C 209 15.36 -2.92 -2.00
CA PRO C 209 15.69 -3.53 -0.70
C PRO C 209 15.28 -2.68 0.51
N LEU C 210 15.21 -1.36 0.32
CA LEU C 210 14.82 -0.44 1.38
C LEU C 210 13.30 -0.24 1.39
N SER C 211 12.64 -0.75 0.36
CA SER C 211 11.20 -0.61 0.17
C SER C 211 10.47 -1.89 0.54
N VAL C 212 11.26 -2.89 0.92
CA VAL C 212 10.80 -4.25 1.19
C VAL C 212 9.57 -4.42 2.10
N PRO C 213 9.39 -3.54 3.12
CA PRO C 213 8.16 -3.63 3.92
C PRO C 213 6.89 -3.42 3.11
N ILE C 214 6.90 -2.43 2.21
CA ILE C 214 5.69 -2.08 1.46
C ILE C 214 5.39 -3.08 0.33
N LEU C 215 6.44 -3.75 -0.14
CA LEU C 215 6.29 -4.84 -1.07
C LEU C 215 5.53 -6.00 -0.41
N ALA C 216 5.89 -6.29 0.84
CA ALA C 216 5.20 -7.29 1.64
C ALA C 216 3.74 -6.94 1.87
N VAL C 217 3.46 -5.67 2.17
CA VAL C 217 2.09 -5.18 2.33
C VAL C 217 1.27 -5.45 1.07
N VAL C 218 1.77 -4.98 -0.07
CA VAL C 218 1.04 -5.10 -1.34
C VAL C 218 0.85 -6.57 -1.73
N PHE C 219 1.84 -7.41 -1.43
CA PHE C 219 1.71 -8.85 -1.66
C PHE C 219 0.60 -9.44 -0.79
N ILE C 220 0.63 -9.13 0.50
CA ILE C 220 -0.37 -9.63 1.45
C ILE C 220 -1.77 -9.23 1.00
N LEU C 221 -1.97 -7.93 0.80
CA LEU C 221 -3.27 -7.39 0.43
C LEU C 221 -3.82 -8.00 -0.85
N SER C 222 -2.95 -8.23 -1.82
CA SER C 222 -3.32 -8.84 -3.10
C SER C 222 -3.66 -10.32 -2.96
N PHE C 223 -2.84 -11.04 -2.20
CA PHE C 223 -3.11 -12.44 -1.91
C PHE C 223 -4.50 -12.62 -1.28
N ILE C 224 -4.80 -11.83 -0.25
CA ILE C 224 -6.10 -11.85 0.43
C ILE C 224 -7.24 -11.58 -0.56
N ALA C 225 -7.09 -10.53 -1.36
CA ALA C 225 -8.07 -10.16 -2.38
C ALA C 225 -8.37 -11.34 -3.31
N ALA C 226 -7.31 -11.96 -3.83
CA ALA C 226 -7.43 -13.08 -4.75
C ALA C 226 -8.08 -14.32 -4.16
N ILE C 227 -7.67 -14.72 -2.95
CA ILE C 227 -8.24 -15.88 -2.27
C ILE C 227 -9.76 -15.74 -2.04
N THR C 228 -10.21 -14.55 -1.69
CA THR C 228 -11.60 -14.32 -1.31
C THR C 228 -12.50 -13.92 -2.49
N GLU C 229 -11.87 -13.71 -3.66
CA GLU C 229 -12.57 -13.24 -4.86
CA GLU C 229 -12.57 -13.24 -4.86
C GLU C 229 -13.54 -14.29 -5.39
N VAL C 230 -14.78 -13.88 -5.65
CA VAL C 230 -15.80 -14.79 -6.18
C VAL C 230 -16.33 -14.45 -7.59
N PRO C 231 -16.94 -13.26 -7.79
CA PRO C 231 -17.68 -13.00 -9.04
C PRO C 231 -16.88 -13.15 -10.35
N VAL C 232 -15.66 -12.64 -10.41
CA VAL C 232 -14.86 -12.73 -11.65
C VAL C 232 -14.42 -14.17 -11.91
N ALA C 233 -13.88 -14.83 -10.89
CA ALA C 233 -13.43 -16.22 -11.01
C ALA C 233 -14.60 -17.18 -11.29
N SER C 234 -15.75 -16.90 -10.69
CA SER C 234 -16.93 -17.71 -10.91
C SER C 234 -17.44 -17.55 -12.35
N LEU C 235 -17.29 -16.34 -12.89
CA LEU C 235 -17.69 -16.01 -14.26
C LEU C 235 -16.78 -16.64 -15.30
N LEU C 236 -15.49 -16.77 -15.00
CA LEU C 236 -14.54 -17.27 -16.00
C LEU C 236 -14.28 -18.77 -15.95
N LEU C 237 -14.35 -19.37 -14.76
CA LEU C 237 -14.05 -20.79 -14.59
C LEU C 237 -15.30 -21.69 -14.75
N ARG C 238 -15.20 -22.68 -15.65
CA ARG C 238 -16.31 -23.61 -15.91
C ARG C 238 -16.09 -24.98 -15.26
N ASP C 239 -14.89 -25.55 -15.44
CA ASP C 239 -14.56 -26.89 -14.95
C ASP C 239 -14.42 -26.97 -13.43
N VAL C 240 -15.08 -27.97 -12.84
CA VAL C 240 -15.06 -28.21 -11.39
C VAL C 240 -13.63 -28.33 -10.85
N ASN C 241 -12.78 -29.07 -11.56
CA ASN C 241 -11.41 -29.31 -11.12
C ASN C 241 -10.46 -28.12 -11.26
N SER C 242 -10.96 -27.04 -11.86
CA SER C 242 -10.17 -25.81 -11.97
C SER C 242 -10.70 -24.70 -11.05
N TYR C 243 -11.81 -24.97 -10.36
CA TYR C 243 -12.38 -24.01 -9.41
C TYR C 243 -11.37 -23.59 -8.34
N THR C 244 -11.40 -22.31 -7.99
CA THR C 244 -10.76 -21.85 -6.76
C THR C 244 -11.71 -22.19 -5.62
N LEU C 245 -11.20 -22.15 -4.40
CA LEU C 245 -11.99 -22.52 -3.22
C LEU C 245 -13.19 -21.59 -3.00
N ALA C 246 -13.00 -20.30 -3.25
CA ALA C 246 -14.09 -19.32 -3.15
C ALA C 246 -15.22 -19.60 -4.15
N VAL C 247 -14.85 -20.01 -5.36
CA VAL C 247 -15.83 -20.40 -6.37
C VAL C 247 -16.51 -21.71 -5.98
N GLY C 248 -15.70 -22.70 -5.60
CA GLY C 248 -16.20 -24.03 -5.27
C GLY C 248 -17.22 -24.04 -4.14
N MET C 249 -16.95 -23.28 -3.09
CA MET C 249 -17.81 -23.29 -1.90
C MET C 249 -19.20 -22.67 -2.13
N GLN C 250 -19.39 -22.03 -3.28
CA GLN C 250 -20.70 -21.53 -3.68
C GLN C 250 -21.68 -22.68 -3.97
N GLN C 251 -21.15 -23.87 -4.24
CA GLN C 251 -21.98 -25.07 -4.43
C GLN C 251 -22.81 -25.39 -3.19
N TYR C 252 -22.34 -24.93 -2.03
CA TYR C 252 -23.02 -25.16 -0.76
C TYR C 252 -24.18 -24.20 -0.54
N LEU C 253 -24.33 -23.21 -1.40
CA LEU C 253 -25.39 -22.23 -1.25
C LEU C 253 -26.50 -22.48 -2.26
N ASN C 254 -27.70 -22.74 -1.73
CA ASN C 254 -28.89 -22.98 -2.55
C ASN C 254 -29.98 -21.96 -2.20
N PRO C 255 -30.95 -21.76 -3.12
CA PRO C 255 -31.97 -20.72 -2.94
C PRO C 255 -32.70 -20.75 -1.60
N GLN C 256 -32.88 -21.92 -1.01
CA GLN C 256 -33.65 -22.06 0.23
C GLN C 256 -32.88 -22.52 1.48
N ASN C 257 -31.68 -23.06 1.29
CA ASN C 257 -30.87 -23.56 2.40
C ASN C 257 -29.40 -23.60 2.05
N TYR C 258 -28.54 -23.63 3.07
CA TYR C 258 -27.10 -23.74 2.87
C TYR C 258 -26.55 -25.01 3.53
N LEU C 259 -25.53 -25.60 2.94
CA LEU C 259 -24.79 -26.67 3.60
C LEU C 259 -23.74 -26.03 4.51
N TRP C 260 -24.24 -25.38 5.56
CA TRP C 260 -23.46 -24.53 6.46
C TRP C 260 -22.17 -25.17 6.96
N GLY C 261 -22.22 -26.45 7.31
CA GLY C 261 -21.07 -27.15 7.85
C GLY C 261 -19.97 -27.31 6.84
N ASP C 262 -20.35 -27.66 5.62
CA ASP C 262 -19.41 -27.74 4.51
C ASP C 262 -18.89 -26.34 4.16
N PHE C 263 -19.77 -25.35 4.19
CA PHE C 263 -19.44 -23.98 3.84
C PHE C 263 -18.48 -23.36 4.86
N ALA C 264 -18.71 -23.66 6.14
CA ALA C 264 -17.86 -23.14 7.21
C ALA C 264 -16.47 -23.75 7.15
N ALA C 265 -16.40 -25.06 6.92
CA ALA C 265 -15.12 -25.73 6.79
C ALA C 265 -14.29 -25.13 5.65
N ALA C 266 -14.99 -24.76 4.56
CA ALA C 266 -14.36 -24.11 3.42
C ALA C 266 -13.87 -22.71 3.76
N ALA C 267 -14.70 -21.98 4.51
CA ALA C 267 -14.36 -20.64 4.96
C ALA C 267 -13.09 -20.67 5.85
N VAL C 268 -13.07 -21.60 6.81
CA VAL C 268 -11.95 -21.76 7.74
C VAL C 268 -10.68 -22.19 7.00
N MET C 269 -10.84 -23.06 6.01
CA MET C 269 -9.74 -23.55 5.18
C MET C 269 -9.08 -22.44 4.38
N SER C 270 -9.89 -21.50 3.88
CA SER C 270 -9.37 -20.43 3.03
C SER C 270 -8.53 -19.42 3.83
N ALA C 271 -8.69 -19.43 5.15
CA ALA C 271 -7.92 -18.54 6.04
C ALA C 271 -6.50 -19.05 6.26
N LEU C 272 -6.30 -20.34 6.01
CA LEU C 272 -5.02 -20.99 6.24
C LEU C 272 -3.87 -20.48 5.34
N PRO C 273 -4.10 -20.39 4.01
CA PRO C 273 -3.06 -19.83 3.14
C PRO C 273 -2.76 -18.34 3.41
N ILE C 274 -3.79 -17.59 3.78
CA ILE C 274 -3.63 -16.16 4.07
C ILE C 274 -2.74 -15.98 5.30
N THR C 275 -2.96 -16.83 6.31
CA THR C 275 -2.19 -16.81 7.55
C THR C 275 -0.70 -17.13 7.31
N ILE C 276 -0.43 -18.14 6.49
CA ILE C 276 0.94 -18.56 6.21
C ILE C 276 1.70 -17.48 5.43
N VAL C 277 1.00 -16.88 4.46
CA VAL C 277 1.59 -15.78 3.69
C VAL C 277 1.87 -14.61 4.62
N PHE C 278 0.92 -14.31 5.50
CA PHE C 278 1.08 -13.21 6.45
C PHE C 278 2.27 -13.48 7.39
N LEU C 279 2.41 -14.72 7.83
CA LEU C 279 3.53 -15.11 8.69
C LEU C 279 4.86 -14.96 7.94
N LEU C 280 4.94 -15.51 6.73
CA LEU C 280 6.15 -15.49 5.94
C LEU C 280 6.58 -14.07 5.52
N ALA C 281 5.60 -13.19 5.32
CA ALA C 281 5.87 -11.82 4.91
C ALA C 281 6.51 -10.97 6.00
N GLN C 282 6.44 -11.45 7.25
CA GLN C 282 6.94 -10.69 8.40
C GLN C 282 8.43 -10.42 8.35
N ARG C 283 9.18 -11.34 7.76
CA ARG C 283 10.64 -11.20 7.66
C ARG C 283 11.06 -9.99 6.80
N TRP C 284 10.13 -9.49 5.99
CA TRP C 284 10.34 -8.29 5.19
C TRP C 284 9.72 -7.04 5.84
N LEU C 285 9.06 -7.24 6.98
CA LEU C 285 8.47 -6.13 7.73
C LEU C 285 9.38 -5.72 8.89
N VAL C 286 10.42 -4.97 8.58
CA VAL C 286 11.43 -4.58 9.56
C VAL C 286 11.61 -3.06 9.65
N ASN C 287 12.05 -2.58 10.81
CA ASN C 287 12.35 -1.16 11.01
C ASN C 287 13.81 -0.86 10.71
N GLY C 288 14.12 0.43 10.61
CA GLY C 288 15.50 0.92 10.55
C GLY C 288 16.31 0.42 9.38
N LEU C 289 15.66 0.29 8.23
CA LEU C 289 16.34 -0.14 7.01
C LEU C 289 17.24 0.96 6.45
N THR C 290 16.85 2.20 6.71
CA THR C 290 17.55 3.37 6.14
C THR C 290 18.49 4.08 7.12
N ALA C 291 18.67 3.49 8.30
CA ALA C 291 19.53 4.06 9.35
C ALA C 291 21.00 4.02 8.95
N GLY C 292 21.69 5.14 9.18
CA GLY C 292 23.12 5.27 8.84
C GLY C 292 23.37 5.72 7.41
N GLY C 293 22.31 5.93 6.64
CA GLY C 293 22.42 6.31 5.25
C GLY C 293 22.58 7.80 5.00
N VAL C 294 21.72 8.59 5.65
CA VAL C 294 21.68 10.03 5.42
C VAL C 294 21.72 10.81 6.73
N LYS C 295 22.82 11.54 6.92
CA LYS C 295 22.96 12.49 8.03
C LYS C 295 21.91 13.59 7.89
N GLY C 296 21.20 13.88 8.98
CA GLY C 296 20.14 14.90 8.97
C GLY C 296 19.07 14.60 10.00
N ALA D 2 39.04 15.57 -15.86
CA ALA D 2 38.76 16.52 -16.98
C ALA D 2 38.61 17.96 -16.48
N SER D 3 38.67 18.91 -17.40
CA SER D 3 38.41 20.30 -17.08
C SER D 3 36.94 20.50 -16.74
N VAL D 4 36.66 21.49 -15.89
CA VAL D 4 35.30 21.85 -15.53
C VAL D 4 35.17 23.36 -15.51
N GLN D 5 34.20 23.89 -16.25
CA GLN D 5 34.01 25.32 -16.40
C GLN D 5 32.54 25.70 -16.28
N LEU D 6 32.27 26.70 -15.46
CA LEU D 6 30.92 27.23 -15.29
C LEU D 6 30.86 28.65 -15.85
N GLN D 7 30.05 28.85 -16.89
CA GLN D 7 29.84 30.17 -17.50
C GLN D 7 28.47 30.71 -17.15
N ASN D 8 28.45 31.84 -16.42
CA ASN D 8 27.20 32.51 -16.03
C ASN D 8 26.18 31.62 -15.31
N VAL D 9 26.68 30.57 -14.64
CA VAL D 9 25.81 29.62 -13.94
C VAL D 9 25.02 30.30 -12.83
N THR D 10 23.70 30.26 -12.97
CA THR D 10 22.76 30.86 -12.02
C THR D 10 21.87 29.75 -11.46
N LYS D 11 21.52 29.86 -10.18
CA LYS D 11 20.57 28.93 -9.56
C LYS D 11 19.54 29.66 -8.73
N ALA D 12 18.27 29.34 -8.96
CA ALA D 12 17.18 29.92 -8.20
C ALA D 12 16.21 28.87 -7.68
N TRP D 13 15.79 29.03 -6.43
CA TRP D 13 14.69 28.27 -5.86
C TRP D 13 13.46 29.18 -5.85
N GLY D 14 12.80 29.28 -7.00
CA GLY D 14 11.74 30.26 -7.18
C GLY D 14 12.36 31.65 -7.22
N GLU D 15 11.89 32.51 -6.32
CA GLU D 15 12.41 33.89 -6.22
C GLU D 15 13.64 34.00 -5.30
N VAL D 16 14.02 32.88 -4.69
CA VAL D 16 15.22 32.79 -3.84
C VAL D 16 16.42 32.38 -4.69
N VAL D 17 17.40 33.28 -4.82
CA VAL D 17 18.56 33.04 -5.67
C VAL D 17 19.80 32.68 -4.84
N VAL D 18 20.27 31.44 -4.97
CA VAL D 18 21.40 30.95 -4.17
C VAL D 18 22.71 30.87 -4.96
N SER D 19 22.65 31.24 -6.25
CA SER D 19 23.83 31.36 -7.10
C SER D 19 23.57 32.46 -8.16
N LYS D 20 24.31 33.56 -8.06
CA LYS D 20 24.20 34.65 -9.03
C LYS D 20 25.40 34.71 -9.97
N ASP D 21 25.12 34.59 -11.27
CA ASP D 21 26.12 34.81 -12.33
C ASP D 21 27.52 34.31 -12.00
N ILE D 22 27.65 33.04 -11.62
CA ILE D 22 28.95 32.54 -11.19
C ILE D 22 29.78 32.06 -12.39
N ASN D 23 31.03 32.52 -12.44
CA ASN D 23 31.97 32.15 -13.48
C ASN D 23 33.22 31.48 -12.90
N LEU D 24 33.45 30.22 -13.26
CA LEU D 24 34.61 29.48 -12.80
C LEU D 24 35.31 28.73 -13.93
N ASP D 25 36.63 28.58 -13.80
CA ASP D 25 37.44 27.91 -14.80
C ASP D 25 38.45 26.97 -14.14
N ILE D 26 38.05 25.73 -13.94
CA ILE D 26 38.92 24.73 -13.31
C ILE D 26 39.59 23.86 -14.38
N HIS D 27 40.91 23.97 -14.47
CA HIS D 27 41.70 23.24 -15.45
C HIS D 27 41.89 21.78 -15.05
N GLU D 28 42.35 20.95 -15.99
CA GLU D 28 42.63 19.54 -15.75
C GLU D 28 43.73 19.35 -14.70
N GLY D 29 43.50 18.40 -13.80
CA GLY D 29 44.48 18.07 -12.75
C GLY D 29 44.65 19.14 -11.70
N GLU D 30 43.82 20.18 -11.78
CA GLU D 30 43.85 21.28 -10.82
C GLU D 30 43.10 20.88 -9.55
N PHE D 31 43.68 21.24 -8.40
CA PHE D 31 43.07 20.99 -7.10
C PHE D 31 42.48 22.31 -6.60
N VAL D 32 41.15 22.42 -6.66
CA VAL D 32 40.47 23.67 -6.32
C VAL D 32 39.65 23.49 -5.05
N VAL D 33 39.93 24.31 -4.06
CA VAL D 33 39.19 24.29 -2.79
C VAL D 33 38.14 25.40 -2.76
N PHE D 34 36.91 25.02 -2.43
CA PHE D 34 35.81 25.95 -2.25
C PHE D 34 35.66 26.29 -0.77
N VAL D 35 35.74 27.58 -0.43
CA VAL D 35 35.41 28.03 0.92
C VAL D 35 34.30 29.09 0.89
N GLY D 36 33.63 29.26 2.03
CA GLY D 36 32.55 30.24 2.16
C GLY D 36 31.69 30.02 3.40
N PRO D 37 30.92 31.06 3.77
CA PRO D 37 30.01 31.03 4.93
C PRO D 37 28.96 29.95 4.82
N SER D 38 28.57 29.38 5.96
CA SER D 38 27.52 28.39 6.02
C SER D 38 26.29 28.84 5.24
N GLY D 39 25.83 27.98 4.33
CA GLY D 39 24.61 28.22 3.56
C GLY D 39 24.75 29.17 2.39
N CYS D 40 25.98 29.36 1.90
CA CYS D 40 26.26 30.33 0.83
C CYS D 40 26.13 29.75 -0.58
N GLY D 41 26.07 28.42 -0.69
CA GLY D 41 25.90 27.77 -1.99
C GLY D 41 27.01 26.83 -2.44
N LYS D 42 27.85 26.39 -1.50
CA LYS D 42 28.99 25.53 -1.84
C LYS D 42 28.59 24.14 -2.37
N SER D 43 27.62 23.50 -1.69
CA SER D 43 27.11 22.20 -2.11
C SER D 43 26.25 22.32 -3.36
N THR D 44 25.42 23.37 -3.42
CA THR D 44 24.62 23.67 -4.60
C THR D 44 25.47 23.68 -5.87
N LEU D 45 26.69 24.22 -5.76
CA LEU D 45 27.61 24.22 -6.89
C LEU D 45 28.04 22.82 -7.29
N LEU D 46 28.47 22.04 -6.30
CA LEU D 46 28.85 20.64 -6.54
C LEU D 46 27.70 19.84 -7.16
N ARG D 47 26.49 20.04 -6.63
CA ARG D 47 25.30 19.29 -7.08
C ARG D 47 24.91 19.62 -8.52
N MET D 48 25.10 20.88 -8.91
CA MET D 48 24.87 21.28 -10.29
C MET D 48 25.95 20.73 -11.20
N ILE D 49 27.19 20.67 -10.71
CA ILE D 49 28.29 20.04 -11.41
C ILE D 49 28.00 18.53 -11.63
N ALA D 50 27.58 17.87 -10.56
CA ALA D 50 27.34 16.42 -10.57
C ALA D 50 26.09 16.01 -11.36
N GLY D 51 25.12 16.93 -11.45
CA GLY D 51 23.89 16.70 -12.20
C GLY D 51 22.70 16.39 -11.32
N LEU D 52 22.86 16.62 -10.03
CA LEU D 52 21.83 16.31 -9.04
C LEU D 52 20.84 17.47 -8.89
N GLU D 53 21.29 18.67 -9.23
CA GLU D 53 20.44 19.85 -9.24
C GLU D 53 20.40 20.45 -10.65
N THR D 54 19.27 21.04 -11.02
CA THR D 54 19.14 21.68 -12.32
C THR D 54 19.78 23.07 -12.30
N ILE D 55 20.24 23.53 -13.46
CA ILE D 55 20.79 24.87 -13.63
C ILE D 55 19.69 25.79 -14.17
N THR D 56 19.45 26.91 -13.49
CA THR D 56 18.41 27.86 -13.88
C THR D 56 18.75 28.54 -15.21
N SER D 57 19.92 29.18 -15.26
CA SER D 57 20.47 29.72 -16.50
C SER D 57 22.00 29.66 -16.46
N GLY D 58 22.63 29.72 -17.62
CA GLY D 58 24.08 29.60 -17.71
C GLY D 58 24.48 28.19 -18.13
N ASP D 59 25.76 28.03 -18.45
CA ASP D 59 26.24 26.79 -19.05
C ASP D 59 27.36 26.16 -18.27
N LEU D 60 27.29 24.84 -18.10
CA LEU D 60 28.33 24.08 -17.44
C LEU D 60 29.03 23.22 -18.47
N PHE D 61 30.36 23.22 -18.43
CA PHE D 61 31.15 22.40 -19.34
C PHE D 61 32.06 21.46 -18.55
N ILE D 62 32.03 20.19 -18.90
CA ILE D 62 32.97 19.21 -18.36
C ILE D 62 33.69 18.54 -19.53
N GLY D 63 35.02 18.59 -19.50
CA GLY D 63 35.83 18.08 -20.59
C GLY D 63 35.48 18.75 -21.90
N GLU D 64 35.10 20.02 -21.81
CA GLU D 64 34.74 20.84 -22.96
C GLU D 64 33.43 20.44 -23.65
N LYS D 65 32.58 19.69 -22.93
CA LYS D 65 31.26 19.32 -23.44
C LYS D 65 30.21 19.94 -22.52
N ARG D 66 29.21 20.59 -23.11
CA ARG D 66 28.13 21.19 -22.33
C ARG D 66 27.31 20.09 -21.63
N MET D 67 27.17 20.21 -20.31
CA MET D 67 26.65 19.12 -19.49
C MET D 67 25.29 19.38 -18.84
N ASN D 68 24.79 20.61 -18.93
CA ASN D 68 23.52 21.01 -18.32
C ASN D 68 22.43 19.93 -18.30
N ASP D 69 22.26 19.23 -19.41
CA ASP D 69 21.17 18.27 -19.58
C ASP D 69 21.64 16.79 -19.63
N THR D 70 22.89 16.55 -19.27
CA THR D 70 23.44 15.19 -19.21
C THR D 70 23.03 14.53 -17.89
N PRO D 71 22.55 13.27 -17.95
CA PRO D 71 22.34 12.51 -16.72
C PRO D 71 23.64 12.32 -15.91
N PRO D 72 23.54 12.35 -14.56
CA PRO D 72 24.68 12.24 -13.64
C PRO D 72 25.62 11.07 -13.93
N ALA D 73 25.08 9.93 -14.34
CA ALA D 73 25.86 8.72 -14.60
C ALA D 73 26.84 8.90 -15.76
N GLU D 74 26.51 9.80 -16.68
CA GLU D 74 27.33 10.04 -17.86
C GLU D 74 28.13 11.33 -17.75
N ARG D 75 28.49 11.73 -16.53
CA ARG D 75 29.25 12.96 -16.32
C ARG D 75 30.74 12.76 -16.00
N GLY D 76 31.10 11.53 -15.62
CA GLY D 76 32.46 11.22 -15.21
C GLY D 76 32.80 11.89 -13.88
N VAL D 77 31.81 11.93 -13.00
CA VAL D 77 31.90 12.66 -11.74
C VAL D 77 31.64 11.72 -10.54
N GLY D 78 32.43 11.89 -9.49
CA GLY D 78 32.17 11.23 -8.21
C GLY D 78 32.01 12.27 -7.12
N MET D 79 31.25 11.94 -6.07
CA MET D 79 31.07 12.86 -4.95
C MET D 79 31.10 12.23 -3.58
N VAL D 80 31.78 12.89 -2.65
CA VAL D 80 31.72 12.53 -1.25
C VAL D 80 30.66 13.45 -0.65
N PHE D 81 29.42 12.97 -0.63
CA PHE D 81 28.26 13.70 -0.12
C PHE D 81 28.52 14.27 1.27
N GLN D 82 28.05 15.48 1.50
CA GLN D 82 28.15 16.10 2.83
C GLN D 82 27.39 15.26 3.85
N SER D 83 26.25 14.70 3.43
CA SER D 83 25.46 13.82 4.29
C SER D 83 25.86 12.34 4.16
N TYR D 84 26.99 12.09 3.49
CA TYR D 84 27.57 10.75 3.27
C TYR D 84 26.79 9.89 2.27
N ALA D 85 25.47 9.85 2.43
CA ALA D 85 24.55 9.06 1.58
C ALA D 85 25.03 7.64 1.35
N LEU D 86 25.37 6.93 2.43
CA LEU D 86 25.80 5.55 2.35
C LEU D 86 24.63 4.61 2.07
N TYR D 87 24.90 3.50 1.38
CA TYR D 87 23.87 2.48 1.14
C TYR D 87 23.68 1.69 2.43
N PRO D 88 22.57 1.96 3.15
CA PRO D 88 22.38 1.45 4.50
C PRO D 88 22.09 -0.05 4.58
N HIS D 89 21.76 -0.66 3.45
CA HIS D 89 21.46 -2.10 3.38
C HIS D 89 22.68 -2.95 2.96
N LEU D 90 23.80 -2.26 2.70
CA LEU D 90 25.05 -2.91 2.32
C LEU D 90 26.17 -2.58 3.29
N SER D 91 27.11 -3.51 3.44
CA SER D 91 28.23 -3.34 4.34
C SER D 91 29.23 -2.32 3.80
N VAL D 92 30.24 -1.99 4.60
CA VAL D 92 31.29 -1.06 4.19
C VAL D 92 31.92 -1.53 2.86
N ALA D 93 32.38 -2.78 2.84
CA ALA D 93 32.96 -3.38 1.65
C ALA D 93 32.04 -3.26 0.43
N GLU D 94 30.78 -3.68 0.61
CA GLU D 94 29.78 -3.62 -0.46
C GLU D 94 29.53 -2.19 -0.96
N ASN D 95 29.50 -1.23 -0.04
CA ASN D 95 29.40 0.20 -0.38
C ASN D 95 30.56 0.67 -1.25
N MET D 96 31.77 0.23 -0.92
CA MET D 96 32.97 0.65 -1.62
C MET D 96 33.16 -0.06 -2.96
N SER D 97 32.53 -1.23 -3.10
CA SER D 97 32.73 -2.08 -4.26
C SER D 97 31.55 -2.07 -5.22
N PHE D 98 30.52 -1.29 -4.88
CA PHE D 98 29.27 -1.21 -5.62
C PHE D 98 29.48 -0.71 -7.05
N GLY D 99 30.19 0.42 -7.19
CA GLY D 99 30.50 0.99 -8.49
C GLY D 99 31.27 0.05 -9.40
N LEU D 100 32.19 -0.71 -8.81
CA LEU D 100 32.97 -1.71 -9.54
C LEU D 100 32.12 -2.91 -9.99
N LYS D 101 31.19 -3.33 -9.14
CA LYS D 101 30.26 -4.43 -9.47
C LYS D 101 29.35 -4.11 -10.65
N LEU D 102 29.03 -2.83 -10.82
CA LEU D 102 28.21 -2.37 -11.94
C LEU D 102 28.95 -2.48 -13.26
N ALA D 103 30.27 -2.28 -13.22
CA ALA D 103 31.14 -2.67 -14.32
C ALA D 103 31.40 -4.17 -14.24
N GLY D 104 31.96 -4.76 -15.29
CA GLY D 104 32.24 -6.20 -15.28
C GLY D 104 33.57 -6.54 -14.61
N ALA D 105 33.80 -5.96 -13.44
CA ALA D 105 35.09 -6.10 -12.75
C ALA D 105 35.26 -7.46 -12.09
N LYS D 106 36.48 -8.00 -12.19
CA LYS D 106 36.86 -9.26 -11.55
C LYS D 106 36.78 -9.11 -10.03
N LYS D 107 36.40 -10.19 -9.35
CA LYS D 107 36.27 -10.19 -7.89
C LYS D 107 37.61 -9.88 -7.20
N GLU D 108 38.69 -10.49 -7.69
CA GLU D 108 40.02 -10.26 -7.11
C GLU D 108 40.54 -8.85 -7.37
N VAL D 109 40.15 -8.27 -8.50
CA VAL D 109 40.41 -6.86 -8.81
C VAL D 109 39.61 -5.98 -7.85
N ILE D 110 38.34 -6.34 -7.63
CA ILE D 110 37.48 -5.63 -6.69
C ILE D 110 38.04 -5.68 -5.27
N ASN D 111 38.39 -6.89 -4.82
CA ASN D 111 38.94 -7.10 -3.48
C ASN D 111 40.29 -6.42 -3.24
N GLN D 112 41.10 -6.34 -4.29
CA GLN D 112 42.41 -5.70 -4.22
C GLN D 112 42.29 -4.21 -3.89
N ARG D 113 41.58 -3.47 -4.75
CA ARG D 113 41.48 -2.01 -4.60
C ARG D 113 40.45 -1.53 -3.57
N VAL D 114 39.62 -2.43 -3.07
CA VAL D 114 38.76 -2.12 -1.93
C VAL D 114 39.58 -2.17 -0.64
N ASN D 115 40.32 -3.26 -0.45
CA ASN D 115 41.17 -3.44 0.73
C ASN D 115 42.31 -2.44 0.80
N GLN D 116 42.77 -2.01 -0.37
CA GLN D 116 43.84 -1.00 -0.48
C GLN D 116 43.37 0.33 0.08
N VAL D 117 42.27 0.84 -0.44
CA VAL D 117 41.66 2.09 0.03
C VAL D 117 41.17 1.96 1.48
N ALA D 118 40.73 0.76 1.86
CA ALA D 118 40.24 0.51 3.21
C ALA D 118 41.33 0.59 4.28
N GLU D 119 42.54 0.19 3.93
CA GLU D 119 43.64 0.17 4.89
C GLU D 119 44.28 1.55 5.11
N VAL D 120 44.19 2.42 4.11
CA VAL D 120 44.70 3.80 4.25
C VAL D 120 43.72 4.71 4.97
N LEU D 121 42.44 4.32 4.99
CA LEU D 121 41.40 5.09 5.67
C LEU D 121 41.08 4.52 7.05
N GLN D 122 41.85 3.50 7.44
CA GLN D 122 41.72 2.82 8.74
C GLN D 122 40.30 2.23 8.96
N LEU D 123 39.73 1.67 7.89
CA LEU D 123 38.43 1.00 7.95
C LEU D 123 38.58 -0.53 7.83
N ALA D 124 39.83 -1.00 7.78
CA ALA D 124 40.15 -2.41 7.53
C ALA D 124 39.42 -3.42 8.43
N HIS D 125 39.14 -3.01 9.67
CA HIS D 125 38.49 -3.87 10.66
C HIS D 125 36.97 -3.73 10.65
N LEU D 126 36.44 -2.94 9.72
CA LEU D 126 35.02 -2.58 9.71
C LEU D 126 34.29 -2.97 8.43
N LEU D 127 34.96 -3.73 7.56
CA LEU D 127 34.44 -4.11 6.25
C LEU D 127 33.05 -4.77 6.26
N ASP D 128 32.80 -5.59 7.27
CA ASP D 128 31.56 -6.36 7.37
C ASP D 128 30.40 -5.59 8.01
N ARG D 129 30.70 -4.43 8.58
CA ARG D 129 29.70 -3.60 9.27
C ARG D 129 28.80 -2.85 8.29
N LYS D 130 27.53 -2.73 8.65
CA LYS D 130 26.60 -1.83 7.95
C LYS D 130 26.72 -0.42 8.52
N PRO D 131 26.37 0.61 7.72
CA PRO D 131 26.48 2.02 8.14
C PRO D 131 25.84 2.32 9.51
N LYS D 132 24.76 1.62 9.84
CA LYS D 132 24.10 1.77 11.14
C LYS D 132 25.01 1.33 12.31
N ALA D 133 25.88 0.36 12.06
CA ALA D 133 26.80 -0.13 13.08
C ALA D 133 28.16 0.58 12.99
N LEU D 134 28.11 1.88 12.71
CA LEU D 134 29.30 2.71 12.58
C LEU D 134 29.11 4.07 13.26
N SER D 135 30.22 4.65 13.70
CA SER D 135 30.23 6.02 14.17
C SER D 135 30.12 6.98 12.98
N GLY D 136 29.72 8.22 13.25
CA GLY D 136 29.60 9.26 12.21
C GLY D 136 30.90 9.54 11.46
N GLY D 137 32.00 9.51 12.20
CA GLY D 137 33.33 9.70 11.62
C GLY D 137 33.75 8.52 10.75
N GLN D 138 33.30 7.32 11.14
CA GLN D 138 33.56 6.12 10.35
C GLN D 138 32.73 6.12 9.06
N ARG D 139 31.44 6.47 9.19
CA ARG D 139 30.54 6.61 8.04
C ARG D 139 31.09 7.59 7.01
N GLN D 140 31.66 8.70 7.50
CA GLN D 140 32.32 9.71 6.66
C GLN D 140 33.51 9.16 5.87
N ARG D 141 34.36 8.36 6.52
CA ARG D 141 35.48 7.70 5.83
C ARG D 141 34.99 6.70 4.77
N VAL D 142 33.86 6.04 5.04
CA VAL D 142 33.26 5.10 4.09
C VAL D 142 32.82 5.85 2.82
N ALA D 143 32.29 7.06 3.00
CA ALA D 143 31.88 7.89 1.88
C ALA D 143 33.10 8.31 1.04
N ILE D 144 34.19 8.67 1.71
CA ILE D 144 35.45 8.99 1.03
C ILE D 144 35.90 7.79 0.22
N GLY D 145 35.92 6.61 0.84
CA GLY D 145 36.40 5.37 0.22
C GLY D 145 35.60 4.91 -0.98
N ARG D 146 34.31 5.20 -0.97
CA ARG D 146 33.45 4.85 -2.09
C ARG D 146 33.84 5.63 -3.34
N THR D 147 34.10 6.93 -3.17
CA THR D 147 34.49 7.77 -4.29
C THR D 147 35.96 7.53 -4.67
N LEU D 148 36.79 7.16 -3.70
CA LEU D 148 38.22 6.89 -3.94
C LEU D 148 38.42 5.64 -4.79
N VAL D 149 37.64 4.60 -4.52
CA VAL D 149 37.70 3.36 -5.30
C VAL D 149 37.23 3.60 -6.74
N ALA D 150 36.21 4.43 -6.89
CA ALA D 150 35.64 4.76 -8.21
C ALA D 150 36.61 5.47 -9.15
N GLU D 151 37.53 6.26 -8.58
CA GLU D 151 38.54 7.02 -9.34
C GLU D 151 37.96 7.75 -10.56
N PRO D 152 37.01 8.67 -10.33
CA PRO D 152 36.35 9.34 -11.46
C PRO D 152 37.23 10.40 -12.12
N SER D 153 36.76 10.97 -13.24
CA SER D 153 37.44 12.08 -13.91
C SER D 153 37.49 13.32 -13.02
N VAL D 154 36.42 13.52 -12.25
CA VAL D 154 36.27 14.69 -11.39
C VAL D 154 35.84 14.23 -10.00
N PHE D 155 36.68 14.50 -9.01
CA PHE D 155 36.34 14.27 -7.61
C PHE D 155 35.63 15.49 -7.05
N LEU D 156 34.49 15.27 -6.40
CA LEU D 156 33.91 16.30 -5.58
C LEU D 156 33.86 15.81 -4.13
N LEU D 157 34.56 16.51 -3.24
CA LEU D 157 34.56 16.18 -1.82
C LEU D 157 33.92 17.33 -1.07
N ASP D 158 32.78 17.06 -0.44
CA ASP D 158 32.02 18.10 0.25
C ASP D 158 32.23 17.96 1.75
N GLU D 159 33.15 18.75 2.29
CA GLU D 159 33.53 18.72 3.73
C GLU D 159 33.83 17.30 4.23
N PRO D 160 34.74 16.59 3.56
CA PRO D 160 34.94 15.16 3.80
C PRO D 160 35.60 14.81 5.14
N LEU D 161 36.07 15.80 5.90
CA LEU D 161 36.82 15.52 7.13
C LEU D 161 36.19 16.14 8.38
N SER D 162 35.03 16.78 8.20
CA SER D 162 34.39 17.57 9.25
C SER D 162 34.19 16.85 10.58
N ASN D 163 34.11 15.52 10.56
CA ASN D 163 33.80 14.75 11.76
C ASN D 163 34.89 13.77 12.19
N LEU D 164 36.14 14.19 12.01
CA LEU D 164 37.30 13.35 12.35
C LEU D 164 38.19 14.07 13.36
N ASP D 165 38.88 13.29 14.18
CA ASP D 165 39.85 13.86 15.13
C ASP D 165 41.01 14.50 14.38
N ALA D 166 41.63 15.50 15.01
CA ALA D 166 42.70 16.30 14.40
C ALA D 166 43.83 15.45 13.83
N ALA D 167 44.30 14.48 14.62
CA ALA D 167 45.38 13.58 14.18
C ALA D 167 45.01 12.79 12.92
N LEU D 168 43.82 12.21 12.90
CA LEU D 168 43.34 11.45 11.75
C LEU D 168 43.10 12.38 10.56
N ARG D 169 42.57 13.58 10.85
CA ARG D 169 42.36 14.63 9.86
C ARG D 169 43.66 14.94 9.10
N VAL D 170 44.78 14.93 9.81
CA VAL D 170 46.10 15.13 9.20
C VAL D 170 46.45 13.98 8.25
N GLN D 171 46.22 12.75 8.69
CA GLN D 171 46.51 11.56 7.88
C GLN D 171 45.63 11.47 6.63
N MET D 172 44.37 11.89 6.75
CA MET D 172 43.44 11.91 5.62
C MET D 172 43.83 12.98 4.60
N ARG D 173 44.21 14.15 5.11
N ARG D 173 44.21 14.15 5.10
CA ARG D 173 44.68 15.28 4.30
CA ARG D 173 44.66 15.26 4.25
C ARG D 173 45.81 14.86 3.36
C ARG D 173 45.81 14.83 3.33
N ILE D 174 46.79 14.14 3.92
CA ILE D 174 47.97 13.65 3.17
C ILE D 174 47.59 12.62 2.10
N GLU D 175 46.70 11.68 2.46
CA GLU D 175 46.28 10.62 1.53
C GLU D 175 45.54 11.17 0.30
N ILE D 176 44.67 12.15 0.52
CA ILE D 176 43.97 12.83 -0.58
C ILE D 176 44.98 13.55 -1.47
N SER D 177 45.89 14.29 -0.84
CA SER D 177 46.97 15.00 -1.52
C SER D 177 47.86 14.06 -2.35
N ARG D 178 48.16 12.88 -1.81
CA ARG D 178 48.98 11.87 -2.48
C ARG D 178 48.27 11.31 -3.71
N LEU D 179 46.96 11.14 -3.59
CA LEU D 179 46.14 10.62 -4.69
C LEU D 179 46.11 11.60 -5.86
N HIS D 180 45.97 12.88 -5.54
CA HIS D 180 45.93 13.93 -6.55
C HIS D 180 47.25 14.02 -7.32
N LYS D 181 48.34 13.66 -6.66
CA LYS D 181 49.66 13.66 -7.29
C LYS D 181 49.88 12.43 -8.17
N ARG D 182 49.33 11.30 -7.73
CA ARG D 182 49.47 10.04 -8.47
C ARG D 182 48.65 10.05 -9.75
N LEU D 183 47.36 10.37 -9.62
CA LEU D 183 46.43 10.34 -10.75
C LEU D 183 46.44 11.61 -11.58
N GLY D 184 46.77 12.74 -10.95
CA GLY D 184 46.78 14.03 -11.63
C GLY D 184 45.43 14.39 -12.21
N ARG D 185 44.38 14.16 -11.42
CA ARG D 185 43.00 14.36 -11.86
C ARG D 185 42.35 15.54 -11.13
N THR D 186 41.31 16.09 -11.74
CA THR D 186 40.61 17.27 -11.20
C THR D 186 39.88 16.95 -9.89
N MET D 187 40.12 17.78 -8.89
CA MET D 187 39.48 17.63 -7.59
C MET D 187 38.90 18.95 -7.11
N ILE D 188 37.61 18.93 -6.80
CA ILE D 188 36.91 20.08 -6.22
C ILE D 188 36.49 19.73 -4.79
N TYR D 189 37.05 20.48 -3.84
CA TYR D 189 37.07 20.09 -2.44
C TYR D 189 36.53 21.24 -1.59
N VAL D 190 35.42 21.00 -0.90
CA VAL D 190 34.81 22.00 -0.05
C VAL D 190 35.21 21.75 1.39
N THR D 191 35.67 22.78 2.09
CA THR D 191 36.09 22.65 3.48
C THR D 191 35.79 23.91 4.29
N HIS D 192 35.66 23.73 5.60
CA HIS D 192 35.51 24.86 6.51
C HIS D 192 36.79 25.06 7.31
N ASP D 193 37.67 24.07 7.23
CA ASP D 193 38.93 24.07 7.95
C ASP D 193 39.98 24.82 7.14
N GLN D 194 40.40 25.97 7.65
CA GLN D 194 41.35 26.86 6.96
C GLN D 194 42.70 26.20 6.66
N VAL D 195 43.11 25.25 7.49
CA VAL D 195 44.35 24.50 7.25
C VAL D 195 44.25 23.62 6.00
N GLU D 196 43.15 22.87 5.89
CA GLU D 196 42.89 22.06 4.68
C GLU D 196 43.02 22.92 3.44
N ALA D 197 42.27 24.02 3.43
CA ALA D 197 42.31 25.01 2.34
C ALA D 197 43.72 25.46 1.96
N MET D 198 44.52 25.82 2.96
CA MET D 198 45.88 26.34 2.72
C MET D 198 46.85 25.27 2.24
N THR D 199 46.70 24.05 2.75
CA THR D 199 47.65 22.97 2.46
C THR D 199 47.37 22.20 1.17
N LEU D 200 46.11 22.10 0.78
CA LEU D 200 45.71 21.24 -0.34
C LEU D 200 45.57 21.97 -1.69
N ALA D 201 45.08 23.20 -1.65
CA ALA D 201 44.69 23.92 -2.87
C ALA D 201 45.82 24.37 -3.77
N ASP D 202 45.60 24.22 -5.07
CA ASP D 202 46.34 24.97 -6.08
C ASP D 202 45.71 26.34 -6.17
N LYS D 203 44.42 26.41 -5.83
CA LYS D 203 43.60 27.58 -6.04
C LYS D 203 42.43 27.54 -5.06
N ILE D 204 42.11 28.69 -4.47
CA ILE D 204 40.95 28.77 -3.58
C ILE D 204 39.88 29.70 -4.15
N VAL D 205 38.65 29.19 -4.17
CA VAL D 205 37.47 30.00 -4.52
C VAL D 205 36.73 30.38 -3.25
N VAL D 206 36.53 31.67 -3.05
CA VAL D 206 35.80 32.20 -1.91
C VAL D 206 34.41 32.63 -2.39
N LEU D 207 33.38 32.03 -1.81
CA LEU D 207 32.00 32.35 -2.16
C LEU D 207 31.33 33.16 -1.07
N ASP D 208 30.40 34.02 -1.45
CA ASP D 208 29.67 34.87 -0.51
C ASP D 208 28.23 35.04 -0.97
N ALA D 209 27.34 34.23 -0.42
CA ALA D 209 25.89 34.30 -0.72
C ALA D 209 25.60 34.50 -2.21
N GLY D 210 25.98 33.52 -3.02
CA GLY D 210 25.66 33.52 -4.46
C GLY D 210 26.80 33.90 -5.39
N ARG D 211 27.53 34.95 -5.03
CA ARG D 211 28.61 35.47 -5.86
C ARG D 211 29.97 34.83 -5.51
N VAL D 212 30.89 34.85 -6.49
CA VAL D 212 32.28 34.54 -6.23
C VAL D 212 32.95 35.82 -5.77
N ALA D 213 33.48 35.82 -4.56
CA ALA D 213 34.11 36.99 -3.99
C ALA D 213 35.53 37.17 -4.54
N GLN D 214 36.30 36.08 -4.53
CA GLN D 214 37.67 36.09 -5.04
C GLN D 214 38.20 34.68 -5.27
N VAL D 215 38.91 34.52 -6.38
CA VAL D 215 39.61 33.29 -6.70
C VAL D 215 41.11 33.59 -6.69
N GLY D 216 41.89 32.76 -6.01
CA GLY D 216 43.35 32.92 -6.02
C GLY D 216 44.12 31.86 -5.27
N LYS D 217 45.45 31.90 -5.39
CA LYS D 217 46.35 31.04 -4.62
C LYS D 217 46.14 31.23 -3.11
N PRO D 218 46.50 30.23 -2.30
CA PRO D 218 46.34 30.33 -0.85
C PRO D 218 46.99 31.58 -0.25
N LEU D 219 48.28 31.78 -0.53
CA LEU D 219 49.05 32.91 0.01
C LEU D 219 48.64 34.23 -0.61
N GLU D 220 48.16 34.16 -1.85
CA GLU D 220 47.65 35.31 -2.60
C GLU D 220 46.39 35.89 -1.94
N LEU D 221 45.51 35.02 -1.43
CA LEU D 221 44.30 35.47 -0.75
C LEU D 221 44.55 35.97 0.68
N TYR D 222 45.52 35.34 1.35
CA TYR D 222 45.91 35.69 2.70
C TYR D 222 46.54 37.10 2.75
N HIS D 223 47.54 37.32 1.89
CA HIS D 223 48.28 38.58 1.86
C HIS D 223 47.52 39.68 1.13
N TYR D 224 46.86 39.34 0.03
CA TYR D 224 46.20 40.36 -0.79
C TYR D 224 44.72 40.06 -1.06
N PRO D 225 43.86 40.21 -0.02
CA PRO D 225 42.43 40.12 -0.27
C PRO D 225 41.96 41.30 -1.11
N ALA D 226 41.02 41.04 -2.02
CA ALA D 226 40.52 42.08 -2.92
C ALA D 226 39.53 43.00 -2.24
N ASP D 227 38.95 42.51 -1.13
CA ASP D 227 37.98 43.29 -0.36
C ASP D 227 37.89 42.90 1.12
N ARG D 228 37.10 43.67 1.84
CA ARG D 228 36.87 43.52 3.27
C ARG D 228 36.32 42.14 3.66
N PHE D 229 35.39 41.60 2.86
CA PHE D 229 34.83 40.29 3.15
C PHE D 229 35.89 39.18 3.10
N VAL D 230 36.62 39.09 2.00
CA VAL D 230 37.67 38.09 1.85
C VAL D 230 38.67 38.18 3.00
N ALA D 231 39.11 39.42 3.28
CA ALA D 231 40.08 39.70 4.34
C ALA D 231 39.66 39.17 5.70
N GLY D 232 38.37 39.25 5.99
CA GLY D 232 37.80 38.78 7.25
C GLY D 232 37.40 37.31 7.23
N PHE D 233 37.46 36.69 6.05
CA PHE D 233 37.11 35.27 5.92
C PHE D 233 38.32 34.32 5.85
N ILE D 234 39.40 34.75 5.19
CA ILE D 234 40.61 33.92 5.12
C ILE D 234 41.52 34.24 6.29
N GLY D 235 41.90 33.20 7.04
CA GLY D 235 42.65 33.36 8.27
C GLY D 235 41.70 33.43 9.43
N SER D 236 41.99 32.64 10.47
CA SER D 236 41.18 32.64 11.68
C SER D 236 42.07 32.43 12.90
N PRO D 237 41.87 33.24 13.96
CA PRO D 237 40.90 34.32 14.17
C PRO D 237 40.89 35.42 13.09
N LYS D 238 39.68 35.90 12.83
CA LYS D 238 39.39 36.99 11.88
C LYS D 238 40.29 38.23 12.04
N MET D 239 40.53 38.90 10.91
CA MET D 239 41.29 40.14 10.87
C MET D 239 40.58 41.22 11.67
N ASN D 240 41.35 41.99 12.43
CA ASN D 240 40.87 43.18 13.11
C ASN D 240 40.62 44.31 12.13
N PHE D 241 39.58 45.10 12.41
CA PHE D 241 39.26 46.26 11.58
C PHE D 241 39.08 47.51 12.43
N LEU D 242 39.77 48.58 12.02
CA LEU D 242 39.74 49.87 12.71
C LEU D 242 39.33 50.96 11.72
N PRO D 243 38.32 51.78 12.08
CA PRO D 243 37.98 52.94 11.25
C PRO D 243 39.04 54.03 11.31
N VAL D 244 39.49 54.49 10.15
CA VAL D 244 40.53 55.51 10.05
C VAL D 244 40.13 56.60 9.06
N LYS D 245 40.80 57.75 9.14
CA LYS D 245 40.58 58.85 8.20
C LYS D 245 41.84 59.12 7.40
N VAL D 246 41.70 59.20 6.07
CA VAL D 246 42.79 59.61 5.19
C VAL D 246 43.17 61.04 5.51
N THR D 247 44.48 61.29 5.61
CA THR D 247 44.99 62.64 5.87
C THR D 247 45.85 63.16 4.73
N ALA D 248 46.55 62.24 4.03
CA ALA D 248 47.40 62.59 2.90
C ALA D 248 47.61 61.39 1.98
N THR D 249 48.04 61.64 0.75
CA THR D 249 48.25 60.59 -0.24
C THR D 249 49.52 60.80 -1.07
N ALA D 250 50.27 59.72 -1.26
CA ALA D 250 51.28 59.64 -2.31
C ALA D 250 50.83 58.53 -3.26
N ILE D 251 51.41 58.48 -4.46
CA ILE D 251 51.03 57.47 -5.46
C ILE D 251 51.23 56.04 -4.96
N ASP D 252 52.11 55.88 -3.98
CA ASP D 252 52.66 54.62 -3.50
CA ASP D 252 52.48 54.54 -3.53
C ASP D 252 52.26 54.32 -2.05
N GLN D 253 51.59 55.28 -1.40
CA GLN D 253 51.26 55.18 0.02
C GLN D 253 50.07 56.03 0.45
N VAL D 254 49.46 55.66 1.58
CA VAL D 254 48.33 56.41 2.14
C VAL D 254 48.60 56.69 3.63
N GLN D 255 48.38 57.93 4.04
CA GLN D 255 48.51 58.31 5.45
C GLN D 255 47.15 58.37 6.12
N VAL D 256 47.03 57.69 7.25
CA VAL D 256 45.76 57.63 7.96
C VAL D 256 45.85 58.05 9.43
N GLU D 257 44.75 58.60 9.94
CA GLU D 257 44.63 58.99 11.33
C GLU D 257 43.89 57.90 12.12
N LEU D 258 44.55 57.36 13.15
CA LEU D 258 43.95 56.39 14.05
C LEU D 258 42.84 57.03 14.89
N PRO D 259 41.77 56.26 15.23
CA PRO D 259 40.57 56.81 15.90
C PRO D 259 40.74 57.26 17.36
N MET D 260 41.86 56.88 17.99
N MET D 260 41.85 56.86 17.99
CA MET D 260 42.15 57.22 19.38
CA MET D 260 42.13 57.20 19.39
C MET D 260 42.26 58.74 19.59
C MET D 260 42.29 58.72 19.60
N PRO D 261 42.00 59.21 20.83
CA PRO D 261 42.11 60.63 21.19
C PRO D 261 43.43 61.34 20.82
N ASN D 262 44.52 60.58 20.68
CA ASN D 262 45.80 61.16 20.26
C ASN D 262 45.90 61.38 18.74
N ARG D 263 44.97 60.80 17.98
CA ARG D 263 44.86 61.00 16.53
C ARG D 263 46.17 60.78 15.78
N GLN D 264 46.88 59.71 16.13
CA GLN D 264 48.18 59.40 15.55
C GLN D 264 48.10 59.16 14.04
N GLN D 265 49.07 59.70 13.33
CA GLN D 265 49.18 59.59 11.87
C GLN D 265 50.17 58.49 11.48
N VAL D 266 49.85 57.74 10.43
CA VAL D 266 50.71 56.66 9.94
C VAL D 266 50.58 56.44 8.43
N TRP D 267 51.73 56.37 7.75
CA TRP D 267 51.80 56.03 6.33
C TRP D 267 51.76 54.51 6.12
N LEU D 268 50.94 54.06 5.17
CA LEU D 268 50.85 52.64 4.84
C LEU D 268 51.28 52.39 3.38
N PRO D 269 52.09 51.35 3.14
CA PRO D 269 52.51 51.06 1.77
C PRO D 269 51.35 50.41 1.00
N VAL D 270 50.44 51.25 0.53
CA VAL D 270 49.17 50.86 -0.05
C VAL D 270 48.80 51.87 -1.13
N GLU D 271 48.18 51.41 -2.21
CA GLU D 271 47.85 52.30 -3.34
C GLU D 271 46.88 53.41 -2.93
N SER D 272 46.99 54.55 -3.60
CA SER D 272 46.14 55.71 -3.32
C SER D 272 45.10 55.93 -4.41
N ARG D 273 45.07 55.00 -5.37
CA ARG D 273 44.06 54.99 -6.42
C ARG D 273 42.65 55.08 -5.83
N ASP D 274 41.92 56.11 -6.24
CA ASP D 274 40.57 56.41 -5.73
C ASP D 274 40.49 56.53 -4.20
N VAL D 275 41.37 57.36 -3.64
CA VAL D 275 41.42 57.61 -2.19
C VAL D 275 41.57 59.12 -1.97
N GLN D 276 40.49 59.75 -1.49
CA GLN D 276 40.48 61.19 -1.22
C GLN D 276 40.82 61.50 0.23
N VAL D 277 41.53 62.61 0.44
CA VAL D 277 41.84 63.09 1.78
C VAL D 277 40.56 63.42 2.54
N GLY D 278 40.42 62.84 3.73
CA GLY D 278 39.26 63.09 4.58
C GLY D 278 38.29 61.92 4.64
N ALA D 279 38.37 61.04 3.66
CA ALA D 279 37.47 59.89 3.55
C ALA D 279 37.64 58.89 4.70
N ASN D 280 36.56 58.16 5.01
CA ASN D 280 36.60 57.14 6.04
C ASN D 280 36.89 55.75 5.49
N MET D 281 37.95 55.14 5.99
CA MET D 281 38.36 53.81 5.54
C MET D 281 38.28 52.83 6.69
N SER D 282 38.58 51.57 6.38
CA SER D 282 38.73 50.54 7.39
C SER D 282 40.15 50.00 7.32
N LEU D 283 40.84 50.02 8.46
CA LEU D 283 42.21 49.52 8.51
C LEU D 283 42.20 48.07 8.97
N GLY D 284 42.88 47.22 8.22
CA GLY D 284 42.93 45.81 8.54
C GLY D 284 44.28 45.41 9.09
N ILE D 285 44.28 44.63 10.16
CA ILE D 285 45.50 44.09 10.74
C ILE D 285 45.19 42.74 11.41
N ARG D 286 45.96 41.72 11.03
CA ARG D 286 45.72 40.37 11.53
C ARG D 286 46.29 40.21 12.93
N PRO D 287 45.63 39.38 13.77
CA PRO D 287 46.11 39.09 15.12
C PRO D 287 47.57 38.62 15.16
N GLU D 288 47.97 37.81 14.18
CA GLU D 288 49.34 37.28 14.11
C GLU D 288 50.36 38.35 13.74
N HIS D 289 49.88 39.45 13.17
CA HIS D 289 50.76 40.47 12.62
C HIS D 289 51.00 41.66 13.55
N LEU D 290 50.17 41.80 14.57
CA LEU D 290 50.39 42.78 15.61
C LEU D 290 51.71 42.47 16.32
N LEU D 291 52.37 43.51 16.81
CA LEU D 291 53.71 43.38 17.39
C LEU D 291 53.69 43.58 18.90
N PRO D 292 54.66 43.00 19.62
CA PRO D 292 54.84 43.37 21.02
C PRO D 292 55.16 44.86 21.11
N SER D 293 54.67 45.52 22.15
CA SER D 293 54.76 46.99 22.27
C SER D 293 56.18 47.55 22.38
N ASP D 294 57.05 46.85 23.12
CA ASP D 294 58.38 47.35 23.49
C ASP D 294 59.16 48.06 22.37
N ILE D 295 59.12 47.49 21.16
CA ILE D 295 59.84 48.07 20.01
C ILE D 295 58.90 48.30 18.82
N ALA D 296 58.16 49.41 18.86
CA ALA D 296 57.19 49.75 17.81
C ALA D 296 56.86 51.24 17.80
N ASP D 297 56.67 51.79 16.61
CA ASP D 297 56.39 53.22 16.44
C ASP D 297 54.93 53.57 16.72
N VAL D 298 54.01 52.67 16.35
CA VAL D 298 52.59 52.88 16.59
C VAL D 298 52.10 51.93 17.68
N ILE D 299 51.58 52.50 18.76
CA ILE D 299 51.16 51.75 19.93
C ILE D 299 49.66 51.95 20.19
N LEU D 300 48.94 50.85 20.31
CA LEU D 300 47.54 50.87 20.74
C LEU D 300 47.46 50.20 22.10
N GLU D 301 46.84 50.88 23.06
CA GLU D 301 46.74 50.38 24.43
C GLU D 301 45.29 50.36 24.91
N GLY D 302 44.97 49.36 25.74
CA GLY D 302 43.65 49.24 26.31
C GLY D 302 43.55 48.21 27.42
N GLU D 303 42.31 47.83 27.75
CA GLU D 303 42.02 46.90 28.83
C GLU D 303 41.66 45.51 28.30
N VAL D 304 42.29 44.49 28.87
CA VAL D 304 42.08 43.10 28.46
C VAL D 304 40.65 42.64 28.78
N GLN D 305 39.95 42.16 27.75
CA GLN D 305 38.58 41.66 27.92
C GLN D 305 38.52 40.13 27.99
N VAL D 306 39.31 39.46 27.15
CA VAL D 306 39.32 38.00 27.08
C VAL D 306 40.74 37.47 26.98
N VAL D 307 41.03 36.39 27.70
CA VAL D 307 42.27 35.64 27.53
C VAL D 307 41.92 34.18 27.21
N GLU D 308 42.39 33.72 26.05
CA GLU D 308 42.19 32.33 25.64
C GLU D 308 43.52 31.60 25.60
N GLN D 309 43.70 30.65 26.51
CA GLN D 309 44.94 29.88 26.63
C GLN D 309 44.88 28.63 25.75
N LEU D 310 45.60 28.66 24.63
CA LEU D 310 45.54 27.56 23.67
C LEU D 310 46.67 26.54 23.79
N GLY D 311 47.57 26.75 24.76
CA GLY D 311 48.73 25.90 24.94
C GLY D 311 49.92 26.38 24.14
N ASN D 312 49.86 26.18 22.82
CA ASN D 312 50.91 26.61 21.91
C ASN D 312 51.06 28.13 21.85
N GLU D 313 49.98 28.83 22.18
CA GLU D 313 49.91 30.27 22.07
C GLU D 313 48.88 30.82 23.05
N THR D 314 48.81 32.14 23.14
CA THR D 314 47.81 32.80 23.96
C THR D 314 47.12 33.86 23.10
N GLN D 315 45.79 33.91 23.16
CA GLN D 315 45.05 34.95 22.47
C GLN D 315 44.44 35.93 23.45
N ILE D 316 44.62 37.22 23.14
CA ILE D 316 44.22 38.31 24.03
C ILE D 316 43.34 39.30 23.29
N HIS D 317 42.14 39.52 23.82
CA HIS D 317 41.20 40.47 23.24
C HIS D 317 41.28 41.76 24.06
N ILE D 318 41.48 42.89 23.38
CA ILE D 318 41.71 44.16 24.05
C ILE D 318 40.69 45.22 23.63
N GLN D 319 40.03 45.82 24.63
CA GLN D 319 39.14 46.95 24.38
C GLN D 319 39.96 48.23 24.38
N ILE D 320 39.99 48.89 23.23
CA ILE D 320 40.75 50.12 23.04
C ILE D 320 39.77 51.27 22.80
N PRO D 321 39.88 52.35 23.59
CA PRO D 321 38.97 53.48 23.52
C PRO D 321 38.79 54.06 22.10
N SER D 322 37.57 54.50 21.80
CA SER D 322 37.19 55.05 20.49
C SER D 322 37.10 54.00 19.37
N ILE D 323 37.25 52.74 19.73
CA ILE D 323 36.97 51.62 18.81
C ILE D 323 35.94 50.71 19.47
N ARG D 324 34.85 50.44 18.76
CA ARG D 324 33.74 49.65 19.29
C ARG D 324 34.11 48.18 19.49
N GLN D 325 34.75 47.59 18.49
CA GLN D 325 35.13 46.18 18.52
C GLN D 325 36.45 45.95 19.23
N ASN D 326 36.54 44.83 19.95
CA ASN D 326 37.78 44.41 20.59
C ASN D 326 38.87 44.07 19.58
N LEU D 327 40.12 44.22 20.01
CA LEU D 327 41.27 43.89 19.18
C LEU D 327 41.83 42.53 19.61
N VAL D 328 41.94 41.60 18.67
CA VAL D 328 42.44 40.27 18.98
C VAL D 328 43.92 40.17 18.64
N TYR D 329 44.69 39.57 19.53
CA TYR D 329 46.14 39.50 19.42
C TYR D 329 46.63 38.11 19.79
N ARG D 330 47.60 37.61 19.02
CA ARG D 330 48.16 36.28 19.25
C ARG D 330 49.63 36.35 19.68
N GLN D 331 49.90 35.87 20.90
CA GLN D 331 51.25 35.72 21.41
C GLN D 331 51.63 34.26 21.35
N ASN D 332 52.90 33.97 21.09
CA ASN D 332 53.41 32.61 21.18
C ASN D 332 53.64 32.21 22.65
N ASP D 333 53.41 30.92 22.94
CA ASP D 333 53.58 30.34 24.27
C ASP D 333 52.53 30.82 25.30
N VAL D 334 52.59 30.25 26.51
CA VAL D 334 51.62 30.57 27.57
C VAL D 334 52.00 31.86 28.29
N VAL D 335 51.27 32.93 28.00
CA VAL D 335 51.49 34.24 28.62
C VAL D 335 50.48 34.45 29.75
N LEU D 336 50.98 34.71 30.95
CA LEU D 336 50.12 34.92 32.12
C LEU D 336 49.65 36.37 32.21
N VAL D 337 48.40 36.59 31.80
CA VAL D 337 47.80 37.92 31.78
C VAL D 337 46.36 37.82 32.30
N GLU D 338 45.98 38.79 33.13
CA GLU D 338 44.66 38.81 33.75
C GLU D 338 43.65 39.61 32.93
N GLU D 339 42.38 39.26 33.07
CA GLU D 339 41.27 40.01 32.47
C GLU D 339 41.08 41.32 33.24
N GLY D 340 41.20 42.44 32.54
CA GLY D 340 41.11 43.76 33.16
C GLY D 340 42.44 44.50 33.23
N ALA D 341 43.52 43.81 32.91
CA ALA D 341 44.86 44.39 32.94
C ALA D 341 45.12 45.32 31.76
N THR D 342 46.13 46.17 31.91
CA THR D 342 46.57 47.06 30.84
C THR D 342 47.40 46.28 29.84
N PHE D 343 47.13 46.48 28.55
CA PHE D 343 47.89 45.82 27.51
C PHE D 343 48.09 46.70 26.29
N ALA D 344 49.33 46.74 25.81
CA ALA D 344 49.70 47.52 24.65
C ALA D 344 50.31 46.64 23.57
N ILE D 345 49.94 46.91 22.33
CA ILE D 345 50.52 46.19 21.20
C ILE D 345 51.03 47.14 20.11
N GLY D 346 51.92 46.64 19.28
CA GLY D 346 52.48 47.41 18.17
C GLY D 346 51.71 47.19 16.89
N LEU D 347 51.58 48.26 16.12
CA LEU D 347 50.86 48.24 14.86
C LEU D 347 51.83 48.53 13.70
N PRO D 348 52.20 47.48 12.93
CA PRO D 348 53.21 47.58 11.86
C PRO D 348 52.62 48.06 10.52
N PRO D 349 53.11 49.20 10.00
CA PRO D 349 52.55 49.83 8.80
C PRO D 349 52.51 48.90 7.59
N GLU D 350 53.61 48.18 7.31
CA GLU D 350 53.71 47.29 6.15
C GLU D 350 52.67 46.17 6.04
N ARG D 351 52.13 45.77 7.19
CA ARG D 351 51.19 44.64 7.26
C ARG D 351 49.73 45.07 7.41
N CYS D 352 49.47 46.36 7.26
CA CYS D 352 48.12 46.89 7.36
C CYS D 352 47.41 46.81 6.03
N HIS D 353 46.16 46.36 6.06
CA HIS D 353 45.32 46.39 4.87
C HIS D 353 44.45 47.63 4.99
N LEU D 354 43.98 48.15 3.87
CA LEU D 354 43.12 49.32 3.88
C LEU D 354 41.97 49.18 2.87
N PHE D 355 40.75 49.45 3.35
CA PHE D 355 39.55 49.20 2.56
C PHE D 355 38.71 50.46 2.44
N ARG D 356 38.26 50.74 1.20
CA ARG D 356 37.42 51.89 0.91
C ARG D 356 36.03 51.70 1.51
N GLU D 357 35.19 52.74 1.42
N GLU D 357 35.20 52.74 1.42
CA GLU D 357 33.85 52.72 2.02
CA GLU D 357 33.85 52.75 1.99
C GLU D 357 32.96 51.60 1.47
C GLU D 357 32.98 51.60 1.47
N ASP D 358 33.18 51.23 0.20
CA ASP D 358 32.48 50.12 -0.42
C ASP D 358 33.11 48.76 -0.10
N GLY D 359 34.11 48.78 0.78
CA GLY D 359 34.77 47.56 1.25
C GLY D 359 35.86 47.03 0.35
N THR D 360 36.09 47.67 -0.79
CA THR D 360 37.10 47.22 -1.74
C THR D 360 38.51 47.61 -1.26
N ALA D 361 39.49 46.73 -1.51
CA ALA D 361 40.83 46.90 -0.94
C ALA D 361 41.74 47.83 -1.75
N CYS D 362 42.44 48.70 -1.02
CA CYS D 362 43.56 49.44 -1.59
C CYS D 362 44.72 48.46 -1.69
N ARG D 363 45.06 48.07 -2.91
CA ARG D 363 46.07 47.04 -3.15
C ARG D 363 47.38 47.32 -2.39
N ARG D 364 47.76 46.37 -1.55
CA ARG D 364 49.01 46.42 -0.81
C ARG D 364 50.21 46.42 -1.74
N LEU D 365 51.16 47.30 -1.46
CA LEU D 365 52.33 47.46 -2.32
C LEU D 365 53.61 46.91 -1.66
N HIS D 366 53.52 46.58 -0.38
CA HIS D 366 54.59 45.85 0.31
C HIS D 366 54.65 44.42 -0.22
N LYS D 367 55.75 44.09 -0.89
CA LYS D 367 55.95 42.74 -1.43
C LYS D 367 56.18 41.72 -0.32
N GLU D 368 55.18 40.87 -0.09
CA GLU D 368 55.26 39.86 0.95
C GLU D 368 55.88 38.59 0.38
N PRO D 369 56.89 38.02 1.10
CA PRO D 369 57.59 36.82 0.65
C PRO D 369 56.66 35.61 0.52
N GLY D 370 56.82 34.84 -0.56
CA GLY D 370 56.00 33.65 -0.82
C GLY D 370 55.03 33.79 -1.96
N VAL D 371 54.75 35.03 -2.37
CA VAL D 371 53.80 35.33 -3.44
C VAL D 371 54.52 35.85 -4.68
N ALA D 372 54.24 35.23 -5.83
CA ALA D 372 54.82 35.66 -7.10
C ALA D 372 53.88 36.59 -7.86
N ALA E 2 21.98 20.77 36.94
CA ALA E 2 22.18 19.52 37.73
C ALA E 2 23.57 18.93 37.52
N SER E 3 24.10 18.29 38.56
CA SER E 3 25.39 17.60 38.49
C SER E 3 25.22 16.25 37.80
N VAL E 4 26.34 15.66 37.39
CA VAL E 4 26.32 14.35 36.72
C VAL E 4 27.57 13.54 37.07
N GLN E 5 27.36 12.30 37.53
CA GLN E 5 28.49 11.44 37.86
C GLN E 5 28.30 9.98 37.45
N LEU E 6 29.39 9.41 36.95
CA LEU E 6 29.42 8.02 36.52
C LEU E 6 30.33 7.23 37.46
N GLN E 7 29.94 6.00 37.76
CA GLN E 7 30.68 5.20 38.72
C GLN E 7 30.87 3.76 38.22
N ASN E 8 32.09 3.46 37.79
CA ASN E 8 32.45 2.16 37.23
C ASN E 8 31.55 1.75 36.05
N VAL E 9 31.13 2.74 35.27
CA VAL E 9 30.21 2.54 34.15
C VAL E 9 30.87 1.76 33.01
N THR E 10 30.24 0.66 32.65
CA THR E 10 30.71 -0.23 31.59
C THR E 10 29.59 -0.46 30.59
N LYS E 11 29.95 -0.59 29.32
CA LYS E 11 28.98 -0.86 28.25
C LYS E 11 29.50 -1.90 27.26
N ALA E 12 28.69 -2.92 26.98
CA ALA E 12 29.06 -3.98 26.06
C ALA E 12 27.97 -4.27 25.03
N TRP E 13 28.37 -4.45 23.78
CA TRP E 13 27.47 -4.95 22.73
C TRP E 13 27.62 -6.46 22.63
N GLY E 14 26.98 -7.17 23.57
CA GLY E 14 27.11 -8.62 23.66
C GLY E 14 28.38 -9.01 24.39
N GLU E 15 29.52 -8.84 23.71
CA GLU E 15 30.82 -9.17 24.28
C GLU E 15 31.88 -8.11 23.96
N VAL E 16 31.66 -7.35 22.90
CA VAL E 16 32.56 -6.27 22.50
C VAL E 16 32.39 -5.06 23.43
N VAL E 17 33.44 -4.76 24.18
CA VAL E 17 33.43 -3.68 25.17
C VAL E 17 33.67 -2.32 24.50
N VAL E 18 32.64 -1.48 24.51
CA VAL E 18 32.71 -0.16 23.88
C VAL E 18 32.96 0.96 24.93
N SER E 19 32.82 0.60 26.20
CA SER E 19 33.16 1.47 27.33
C SER E 19 33.58 0.60 28.50
N LYS E 20 34.80 0.78 28.98
CA LYS E 20 35.34 -0.05 30.05
C LYS E 20 35.58 0.72 31.35
N ASP E 21 34.71 0.46 32.33
CA ASP E 21 34.89 0.91 33.72
C ASP E 21 35.23 2.40 33.85
N ILE E 22 34.41 3.26 33.25
CA ILE E 22 34.68 4.69 33.25
C ILE E 22 34.13 5.41 34.49
N ASN E 23 34.91 6.36 35.02
CA ASN E 23 34.57 7.10 36.24
C ASN E 23 34.67 8.62 36.06
N LEU E 24 33.54 9.30 36.26
CA LEU E 24 33.47 10.75 36.06
C LEU E 24 32.67 11.45 37.14
N ASP E 25 33.17 12.60 37.57
CA ASP E 25 32.49 13.44 38.54
C ASP E 25 32.36 14.85 37.97
N ILE E 26 31.19 15.16 37.43
CA ILE E 26 30.93 16.45 36.82
C ILE E 26 30.06 17.29 37.74
N HIS E 27 30.68 18.32 38.33
CA HIS E 27 30.02 19.18 39.30
C HIS E 27 29.01 20.12 38.65
N GLU E 28 28.03 20.57 39.42
CA GLU E 28 27.00 21.49 38.93
C GLU E 28 27.62 22.78 38.41
N GLY E 29 27.26 23.15 37.17
CA GLY E 29 27.75 24.37 36.54
C GLY E 29 29.09 24.20 35.84
N GLU E 30 29.52 22.94 35.68
CA GLU E 30 30.80 22.63 35.05
C GLU E 30 30.63 22.40 33.56
N PHE E 31 31.59 22.91 32.79
CA PHE E 31 31.62 22.69 31.35
C PHE E 31 32.68 21.63 31.04
N VAL E 32 32.23 20.45 30.63
CA VAL E 32 33.15 19.34 30.35
C VAL E 32 33.15 18.99 28.86
N VAL E 33 34.34 18.89 28.27
CA VAL E 33 34.41 18.46 26.88
C VAL E 33 35.05 17.06 26.72
N PHE E 34 34.42 16.23 25.89
CA PHE E 34 34.94 14.92 25.51
C PHE E 34 35.75 15.03 24.22
N VAL E 35 36.98 14.54 24.26
CA VAL E 35 37.78 14.39 23.04
C VAL E 35 38.26 12.94 22.91
N GLY E 36 38.68 12.58 21.71
CA GLY E 36 39.17 11.22 21.42
C GLY E 36 39.10 10.86 19.95
N PRO E 37 39.86 9.83 19.54
CA PRO E 37 39.89 9.41 18.13
C PRO E 37 38.52 9.04 17.60
N SER E 38 38.36 9.14 16.28
CA SER E 38 37.14 8.78 15.59
C SER E 38 36.71 7.36 15.96
N GLY E 39 35.51 7.23 16.52
CA GLY E 39 34.96 5.94 16.91
C GLY E 39 35.53 5.36 18.20
N CYS E 40 36.01 6.22 19.09
CA CYS E 40 36.57 5.77 20.37
C CYS E 40 35.49 5.49 21.42
N GLY E 41 34.31 6.09 21.22
CA GLY E 41 33.17 5.88 22.12
C GLY E 41 32.62 7.14 22.76
N LYS E 42 32.83 8.28 22.11
CA LYS E 42 32.39 9.58 22.65
C LYS E 42 30.87 9.69 22.68
N SER E 43 30.24 9.50 21.52
CA SER E 43 28.79 9.60 21.39
C SER E 43 28.05 8.51 22.18
N THR E 44 28.66 7.32 22.26
CA THR E 44 28.12 6.23 23.07
C THR E 44 28.00 6.67 24.52
N LEU E 45 29.07 7.26 25.03
CA LEU E 45 29.11 7.74 26.42
C LEU E 45 28.02 8.79 26.65
N LEU E 46 27.94 9.75 25.74
CA LEU E 46 26.94 10.82 25.79
C LEU E 46 25.52 10.26 25.76
N ARG E 47 25.29 9.24 24.94
CA ARG E 47 23.98 8.62 24.78
C ARG E 47 23.60 7.79 26.01
N MET E 48 24.61 7.20 26.65
CA MET E 48 24.40 6.51 27.92
C MET E 48 23.96 7.48 29.01
N ILE E 49 24.56 8.68 29.00
CA ILE E 49 24.14 9.76 29.89
C ILE E 49 22.72 10.25 29.53
N ALA E 50 22.41 10.31 28.24
CA ALA E 50 21.10 10.73 27.76
C ALA E 50 20.01 9.72 28.12
N GLY E 51 20.35 8.44 28.03
CA GLY E 51 19.38 7.37 28.22
C GLY E 51 18.97 6.71 26.92
N LEU E 52 19.62 7.10 25.83
CA LEU E 52 19.36 6.50 24.52
C LEU E 52 20.11 5.19 24.35
N GLU E 53 21.02 4.91 25.27
CA GLU E 53 21.70 3.63 25.33
C GLU E 53 21.63 3.13 26.76
N THR E 54 21.58 1.81 26.92
CA THR E 54 21.53 1.20 28.25
C THR E 54 22.93 1.12 28.84
N ILE E 55 23.00 0.90 30.16
CA ILE E 55 24.27 0.75 30.86
C ILE E 55 24.37 -0.68 31.38
N THR E 56 25.42 -1.39 30.99
CA THR E 56 25.60 -2.80 31.38
C THR E 56 25.86 -2.94 32.88
N SER E 57 26.96 -2.36 33.35
CA SER E 57 27.25 -2.31 34.79
C SER E 57 27.73 -0.90 35.17
N GLY E 58 27.68 -0.60 36.46
CA GLY E 58 28.06 0.72 36.96
C GLY E 58 26.87 1.56 37.35
N ASP E 59 27.15 2.77 37.85
CA ASP E 59 26.11 3.67 38.35
C ASP E 59 26.18 5.04 37.68
N LEU E 60 25.01 5.55 37.29
CA LEU E 60 24.89 6.90 36.73
C LEU E 60 23.96 7.76 37.59
N PHE E 61 24.45 8.92 38.00
CA PHE E 61 23.69 9.83 38.84
C PHE E 61 23.58 11.20 38.19
N ILE E 62 22.37 11.76 38.20
CA ILE E 62 22.14 13.12 37.76
C ILE E 62 21.41 13.90 38.84
N GLY E 63 22.07 14.94 39.36
CA GLY E 63 21.54 15.73 40.46
C GLY E 63 21.40 14.89 41.72
N GLU E 64 22.44 14.10 42.00
CA GLU E 64 22.52 13.23 43.18
C GLU E 64 21.40 12.18 43.28
N LYS E 65 20.96 11.67 42.13
CA LYS E 65 19.97 10.57 42.09
C LYS E 65 20.21 9.64 40.90
N ARG E 66 20.10 8.33 41.16
CA ARG E 66 20.45 7.30 40.18
C ARG E 66 19.52 7.31 38.96
N MET E 67 20.11 7.22 37.76
CA MET E 67 19.38 7.39 36.52
C MET E 67 19.40 6.19 35.57
N ASN E 68 20.22 5.17 35.85
CA ASN E 68 20.33 3.95 35.04
C ASN E 68 19.01 3.43 34.45
N ASP E 69 17.96 3.42 35.28
CA ASP E 69 16.68 2.83 34.91
C ASP E 69 15.62 3.88 34.59
N THR E 70 15.97 5.15 34.78
CA THR E 70 15.11 6.26 34.38
C THR E 70 15.13 6.39 32.86
N PRO E 71 13.95 6.49 32.22
CA PRO E 71 13.87 6.70 30.77
C PRO E 71 14.38 8.09 30.34
N PRO E 72 15.03 8.18 29.16
CA PRO E 72 15.60 9.41 28.63
C PRO E 72 14.75 10.67 28.84
N ALA E 73 13.45 10.58 28.62
CA ALA E 73 12.56 11.74 28.72
C ALA E 73 12.41 12.31 30.14
N GLU E 74 12.69 11.49 31.15
CA GLU E 74 12.53 11.91 32.54
C GLU E 74 13.85 12.29 33.22
N ARG E 75 14.91 12.47 32.43
CA ARG E 75 16.25 12.73 32.97
C ARG E 75 16.64 14.21 33.10
N GLY E 76 15.78 15.09 32.60
CA GLY E 76 16.04 16.54 32.65
C GLY E 76 17.18 16.92 31.73
N VAL E 77 17.30 16.20 30.62
CA VAL E 77 18.44 16.33 29.71
C VAL E 77 17.95 16.75 28.32
N GLY E 78 18.82 17.39 27.56
CA GLY E 78 18.59 17.71 26.14
C GLY E 78 19.84 17.38 25.35
N MET E 79 19.72 17.25 24.03
CA MET E 79 20.87 16.87 23.22
C MET E 79 20.88 17.45 21.82
N VAL E 80 22.05 17.96 21.43
CA VAL E 80 22.35 18.31 20.04
C VAL E 80 23.01 17.08 19.41
N PHE E 81 22.25 16.38 18.57
CA PHE E 81 22.68 15.16 17.93
C PHE E 81 23.78 15.39 16.91
N GLN E 82 24.70 14.43 16.80
CA GLN E 82 25.79 14.47 15.82
C GLN E 82 25.21 14.50 14.40
N SER E 83 24.11 13.77 14.21
CA SER E 83 23.45 13.70 12.91
C SER E 83 22.24 14.65 12.82
N TYR E 84 22.08 15.50 13.83
CA TYR E 84 21.03 16.53 13.89
C TYR E 84 19.65 15.98 14.29
N ALA E 85 19.21 14.93 13.59
CA ALA E 85 17.94 14.26 13.89
C ALA E 85 16.76 15.22 13.91
N LEU E 86 16.65 16.07 12.89
CA LEU E 86 15.58 17.05 12.81
C LEU E 86 14.23 16.40 12.46
N TYR E 87 13.15 17.04 12.86
CA TYR E 87 11.83 16.56 12.50
C TYR E 87 11.53 17.03 11.08
N PRO E 88 11.37 16.06 10.14
CA PRO E 88 11.28 16.40 8.72
C PRO E 88 9.97 17.08 8.35
N HIS E 89 8.92 16.78 9.12
CA HIS E 89 7.58 17.27 8.84
C HIS E 89 7.31 18.65 9.45
N LEU E 90 8.30 19.17 10.17
CA LEU E 90 8.15 20.42 10.91
C LEU E 90 9.08 21.51 10.40
N SER E 91 8.63 22.76 10.49
CA SER E 91 9.46 23.90 10.09
C SER E 91 10.62 24.09 11.06
N VAL E 92 11.52 25.02 10.74
CA VAL E 92 12.61 25.40 11.65
C VAL E 92 12.02 25.86 13.00
N ALA E 93 11.10 26.80 12.96
CA ALA E 93 10.40 27.30 14.15
C ALA E 93 9.77 26.17 14.95
N GLU E 94 9.06 25.27 14.27
CA GLU E 94 8.38 24.15 14.91
C GLU E 94 9.38 23.13 15.49
N ASN E 95 10.49 22.91 14.78
CA ASN E 95 11.57 22.07 15.30
C ASN E 95 12.18 22.62 16.58
N MET E 96 12.39 23.93 16.62
CA MET E 96 13.00 24.60 17.76
C MET E 96 12.06 24.70 18.96
N SER E 97 10.76 24.85 18.71
CA SER E 97 9.77 25.03 19.77
C SER E 97 9.10 23.72 20.20
N PHE E 98 9.64 22.58 19.75
CA PHE E 98 9.02 21.27 19.97
C PHE E 98 8.98 20.86 21.45
N GLY E 99 10.12 20.95 22.13
CA GLY E 99 10.22 20.59 23.56
C GLY E 99 9.40 21.49 24.46
N LEU E 100 9.43 22.79 24.17
CA LEU E 100 8.64 23.78 24.92
C LEU E 100 7.15 23.58 24.74
N LYS E 101 6.74 23.16 23.55
CA LYS E 101 5.33 22.87 23.25
C LYS E 101 4.84 21.65 24.04
N LEU E 102 5.79 20.77 24.39
CA LEU E 102 5.49 19.56 25.16
C LEU E 102 5.33 19.79 26.66
N ALA E 103 6.14 20.69 27.21
CA ALA E 103 6.25 20.86 28.67
C ALA E 103 5.37 21.96 29.26
N GLY E 104 4.42 22.48 28.47
CA GLY E 104 3.59 23.60 28.90
C GLY E 104 3.69 24.75 27.92
N ALA E 105 2.81 24.73 26.91
CA ALA E 105 2.85 25.68 25.81
C ALA E 105 2.37 27.08 26.22
N LYS E 106 3.28 28.04 26.18
CA LYS E 106 2.95 29.44 26.40
C LYS E 106 3.27 30.21 25.12
N LYS E 107 2.24 30.47 24.31
CA LYS E 107 2.39 31.04 22.96
C LYS E 107 3.47 32.13 22.84
N GLU E 108 3.39 33.15 23.70
CA GLU E 108 4.34 34.26 23.69
C GLU E 108 5.74 33.85 24.16
N VAL E 109 5.79 33.17 25.31
CA VAL E 109 7.06 32.68 25.88
C VAL E 109 7.80 31.78 24.89
N ILE E 110 7.05 30.99 24.14
CA ILE E 110 7.61 30.14 23.10
C ILE E 110 8.16 31.00 21.95
N ASN E 111 7.32 31.85 21.38
CA ASN E 111 7.72 32.73 20.28
C ASN E 111 8.95 33.58 20.60
N GLN E 112 8.98 34.16 21.79
CA GLN E 112 10.06 35.05 22.19
C GLN E 112 11.40 34.33 22.29
N ARG E 113 11.42 33.20 23.00
CA ARG E 113 12.66 32.45 23.19
C ARG E 113 13.15 31.78 21.90
N VAL E 114 12.21 31.47 21.02
CA VAL E 114 12.54 30.96 19.68
C VAL E 114 13.18 32.07 18.84
N ASN E 115 12.56 33.24 18.81
CA ASN E 115 13.09 34.39 18.07
C ASN E 115 14.42 34.90 18.59
N GLN E 116 14.66 34.76 19.90
CA GLN E 116 15.93 35.16 20.50
C GLN E 116 17.06 34.20 20.13
N VAL E 117 16.82 32.90 20.33
CA VAL E 117 17.80 31.86 20.01
C VAL E 117 18.08 31.77 18.51
N ALA E 118 17.04 31.99 17.69
CA ALA E 118 17.20 32.00 16.23
C ALA E 118 18.05 33.17 15.75
N GLU E 119 18.00 34.28 16.47
CA GLU E 119 18.76 35.47 16.12
C GLU E 119 20.25 35.26 16.34
N VAL E 120 20.64 34.65 17.46
CA VAL E 120 22.04 34.43 17.77
C VAL E 120 22.68 33.28 16.98
N LEU E 121 21.84 32.38 16.46
CA LEU E 121 22.32 31.30 15.59
C LEU E 121 22.18 31.68 14.12
N GLN E 122 21.75 32.91 13.89
CA GLN E 122 21.54 33.46 12.55
C GLN E 122 20.64 32.55 11.71
N LEU E 123 19.43 32.34 12.21
CA LEU E 123 18.45 31.43 11.60
C LEU E 123 17.12 32.12 11.32
N ALA E 124 17.00 33.38 11.74
CA ALA E 124 15.74 34.13 11.69
C ALA E 124 15.08 34.22 10.31
N HIS E 125 15.90 34.18 9.27
CA HIS E 125 15.40 34.23 7.88
C HIS E 125 14.95 32.85 7.36
N LEU E 126 15.10 31.81 8.19
CA LEU E 126 14.81 30.44 7.79
C LEU E 126 13.67 29.78 8.60
N LEU E 127 13.07 30.54 9.51
CA LEU E 127 12.01 30.04 10.40
C LEU E 127 10.89 29.23 9.71
N ASP E 128 10.57 29.58 8.47
CA ASP E 128 9.50 28.90 7.72
C ASP E 128 9.95 27.72 6.87
N ARG E 129 11.27 27.49 6.81
CA ARG E 129 11.84 26.41 5.99
C ARG E 129 11.61 25.04 6.61
N LYS E 130 11.47 24.04 5.76
CA LYS E 130 11.54 22.65 6.18
C LYS E 130 12.99 22.18 6.06
N PRO E 131 13.43 21.22 6.91
CA PRO E 131 14.83 20.77 6.91
C PRO E 131 15.36 20.37 5.54
N LYS E 132 14.51 19.80 4.69
CA LYS E 132 14.90 19.43 3.31
C LYS E 132 15.44 20.63 2.51
N ALA E 133 14.94 21.83 2.81
CA ALA E 133 15.32 23.05 2.11
C ALA E 133 16.39 23.88 2.87
N LEU E 134 17.28 23.18 3.55
CA LEU E 134 18.35 23.83 4.33
C LEU E 134 19.70 23.21 4.01
N SER E 135 20.77 23.96 4.28
CA SER E 135 22.13 23.43 4.12
C SER E 135 22.46 22.56 5.34
N GLY E 136 23.45 21.70 5.19
CA GLY E 136 23.96 20.90 6.30
C GLY E 136 24.22 21.77 7.52
N GLY E 137 24.94 22.88 7.31
CA GLY E 137 25.34 23.78 8.40
C GLY E 137 24.16 24.44 9.09
N GLN E 138 23.16 24.83 8.30
CA GLN E 138 21.93 25.41 8.82
C GLN E 138 21.16 24.41 9.68
N ARG E 139 21.03 23.17 9.19
CA ARG E 139 20.40 22.10 9.97
C ARG E 139 21.08 21.89 11.33
N GLN E 140 22.42 21.89 11.30
CA GLN E 140 23.22 21.80 12.53
C GLN E 140 22.82 22.87 13.54
N ARG E 141 22.61 24.10 13.07
CA ARG E 141 22.21 25.19 13.95
C ARG E 141 20.75 25.10 14.42
N VAL E 142 19.91 24.41 13.65
CA VAL E 142 18.54 24.14 14.08
C VAL E 142 18.57 23.11 15.21
N ALA E 143 19.39 22.08 15.05
CA ALA E 143 19.63 21.07 16.09
C ALA E 143 20.03 21.73 17.40
N ILE E 144 21.00 22.64 17.32
CA ILE E 144 21.45 23.44 18.46
C ILE E 144 20.28 24.26 19.03
N GLY E 145 19.58 24.98 18.15
CA GLY E 145 18.48 25.85 18.55
C GLY E 145 17.36 25.12 19.27
N ARG E 146 17.12 23.89 18.86
CA ARG E 146 16.10 23.04 19.47
C ARG E 146 16.43 22.72 20.94
N THR E 147 17.70 22.43 21.21
CA THR E 147 18.15 22.10 22.56
C THR E 147 18.27 23.34 23.45
N LEU E 148 18.84 24.41 22.90
CA LEU E 148 19.03 25.66 23.66
C LEU E 148 17.70 26.27 24.10
N VAL E 149 16.70 26.22 23.22
CA VAL E 149 15.37 26.75 23.52
C VAL E 149 14.71 26.03 24.70
N ALA E 150 14.87 24.71 24.74
CA ALA E 150 14.24 23.88 25.77
C ALA E 150 14.82 24.08 27.17
N GLU E 151 16.06 24.59 27.22
CA GLU E 151 16.78 24.83 28.46
C GLU E 151 16.71 23.66 29.44
N PRO E 152 17.33 22.52 29.08
CA PRO E 152 17.37 21.38 29.99
C PRO E 152 18.30 21.65 31.17
N SER E 153 18.26 20.76 32.17
CA SER E 153 19.16 20.85 33.32
C SER E 153 20.59 20.47 32.94
N VAL E 154 20.71 19.59 31.96
CA VAL E 154 22.00 19.16 31.45
C VAL E 154 22.01 19.28 29.92
N PHE E 155 22.95 20.04 29.40
CA PHE E 155 23.13 20.19 27.96
C PHE E 155 24.13 19.16 27.46
N LEU E 156 23.71 18.37 26.48
CA LEU E 156 24.60 17.45 25.77
C LEU E 156 24.75 17.92 24.34
N LEU E 157 25.98 18.26 23.95
CA LEU E 157 26.24 18.74 22.60
C LEU E 157 27.27 17.83 21.94
N ASP E 158 26.87 17.19 20.84
CA ASP E 158 27.74 16.25 20.14
C ASP E 158 28.25 16.82 18.82
N GLU E 159 29.52 17.27 18.82
CA GLU E 159 30.18 17.86 17.65
C GLU E 159 29.32 18.93 17.00
N PRO E 160 28.82 19.90 17.80
CA PRO E 160 27.77 20.79 17.33
C PRO E 160 28.21 21.89 16.36
N LEU E 161 29.52 22.00 16.08
CA LEU E 161 30.02 23.06 15.20
C LEU E 161 30.79 22.53 13.98
N SER E 162 30.81 21.21 13.82
CA SER E 162 31.63 20.52 12.81
C SER E 162 31.43 20.98 11.36
N ASN E 163 30.23 21.46 11.05
CA ASN E 163 29.94 21.87 9.67
C ASN E 163 29.64 23.37 9.54
N LEU E 164 30.31 24.16 10.38
CA LEU E 164 30.23 25.61 10.34
C LEU E 164 31.58 26.19 10.00
N ASP E 165 31.57 27.28 9.21
CA ASP E 165 32.79 27.99 8.82
C ASP E 165 33.53 28.57 10.03
N ALA E 166 34.83 28.83 9.84
CA ALA E 166 35.72 29.30 10.91
C ALA E 166 35.13 30.46 11.72
N ALA E 167 34.69 31.51 11.01
CA ALA E 167 34.17 32.73 11.63
C ALA E 167 32.86 32.49 12.39
N LEU E 168 31.98 31.67 11.85
CA LEU E 168 30.71 31.36 12.52
C LEU E 168 30.95 30.50 13.76
N ARG E 169 31.85 29.52 13.65
CA ARG E 169 32.29 28.71 14.80
C ARG E 169 32.73 29.58 15.98
N VAL E 170 33.52 30.62 15.71
CA VAL E 170 33.95 31.57 16.74
C VAL E 170 32.75 32.18 17.47
N GLN E 171 31.81 32.74 16.69
CA GLN E 171 30.57 33.32 17.22
C GLN E 171 29.69 32.33 18.02
N MET E 172 29.70 31.06 17.63
CA MET E 172 28.88 30.06 18.31
C MET E 172 29.47 29.66 19.67
N ARG E 173 30.79 29.45 19.71
CA ARG E 173 31.50 29.21 20.96
C ARG E 173 31.16 30.26 22.00
N ILE E 174 31.21 31.53 21.60
CA ILE E 174 30.94 32.67 22.47
C ILE E 174 29.52 32.61 23.04
N GLU E 175 28.53 32.41 22.16
CA GLU E 175 27.13 32.29 22.58
C GLU E 175 26.88 31.07 23.47
N ILE E 176 27.60 29.98 23.22
CA ILE E 176 27.53 28.79 24.07
C ILE E 176 28.12 29.08 25.45
N SER E 177 29.17 29.89 25.49
CA SER E 177 29.79 30.33 26.75
C SER E 177 28.92 31.33 27.50
N ARG E 178 28.35 32.28 26.75
CA ARG E 178 27.43 33.28 27.30
C ARG E 178 26.23 32.62 27.99
N LEU E 179 25.71 31.55 27.40
CA LEU E 179 24.58 30.82 27.96
C LEU E 179 25.01 29.95 29.14
N HIS E 180 26.24 29.44 29.09
CA HIS E 180 26.76 28.61 30.17
C HIS E 180 26.97 29.38 31.46
N LYS E 181 27.42 30.63 31.36
CA LYS E 181 27.63 31.46 32.54
C LYS E 181 26.31 32.03 33.08
N ARG E 182 25.34 32.26 32.20
CA ARG E 182 24.06 32.86 32.58
C ARG E 182 23.16 31.86 33.31
N LEU E 183 23.05 30.65 32.76
CA LEU E 183 22.26 29.59 33.38
C LEU E 183 23.01 28.91 34.51
N GLY E 184 24.32 28.76 34.34
CA GLY E 184 25.17 28.08 35.32
C GLY E 184 24.85 26.60 35.44
N ARG E 185 24.36 26.02 34.35
CA ARG E 185 24.01 24.60 34.33
C ARG E 185 25.11 23.79 33.63
N THR E 186 25.11 22.48 33.90
CA THR E 186 26.17 21.59 33.43
C THR E 186 26.09 21.32 31.93
N MET E 187 27.24 21.42 31.25
CA MET E 187 27.33 21.15 29.82
C MET E 187 28.38 20.10 29.50
N ILE E 188 27.96 19.03 28.82
CA ILE E 188 28.89 18.03 28.27
C ILE E 188 28.97 18.19 26.74
N TYR E 189 30.18 18.36 26.24
CA TYR E 189 30.40 18.88 24.90
C TYR E 189 31.43 18.01 24.18
N VAL E 190 31.03 17.45 23.05
CA VAL E 190 31.94 16.63 22.26
C VAL E 190 32.39 17.43 21.05
N THR E 191 33.71 17.49 20.86
CA THR E 191 34.28 18.19 19.72
C THR E 191 35.61 17.58 19.27
N HIS E 192 35.88 17.73 17.98
CA HIS E 192 37.15 17.32 17.39
C HIS E 192 38.05 18.53 17.16
N ASP E 193 37.52 19.71 17.45
CA ASP E 193 38.27 20.96 17.33
C ASP E 193 39.03 21.24 18.63
N GLN E 194 40.35 21.36 18.52
CA GLN E 194 41.20 21.56 19.71
C GLN E 194 41.03 22.95 20.33
N VAL E 195 40.77 23.95 19.49
CA VAL E 195 40.53 25.32 19.97
C VAL E 195 39.21 25.40 20.75
N GLU E 196 38.21 24.64 20.32
CA GLU E 196 36.95 24.52 21.08
C GLU E 196 37.18 23.87 22.44
N ALA E 197 37.97 22.80 22.46
CA ALA E 197 38.26 22.06 23.68
C ALA E 197 39.03 22.90 24.69
N MET E 198 39.99 23.67 24.21
CA MET E 198 40.87 24.44 25.08
C MET E 198 40.16 25.64 25.72
N THR E 199 39.26 26.28 24.96
CA THR E 199 38.68 27.56 25.36
C THR E 199 37.36 27.43 26.13
N LEU E 200 36.61 26.36 25.84
CA LEU E 200 35.31 26.16 26.47
C LEU E 200 35.39 25.41 27.80
N ALA E 201 36.28 24.42 27.85
CA ALA E 201 36.29 23.43 28.91
C ALA E 201 36.77 23.92 30.26
N ASP E 202 36.02 23.58 31.30
CA ASP E 202 36.54 23.64 32.66
C ASP E 202 37.40 22.41 32.86
N LYS E 203 37.01 21.32 32.20
CA LYS E 203 37.65 20.03 32.35
C LYS E 203 37.55 19.28 31.02
N ILE E 204 38.66 18.71 30.55
CA ILE E 204 38.66 17.88 29.34
C ILE E 204 38.83 16.40 29.70
N VAL E 205 37.97 15.57 29.12
CA VAL E 205 38.04 14.11 29.26
C VAL E 205 38.57 13.52 27.96
N VAL E 206 39.75 12.91 28.03
CA VAL E 206 40.35 12.27 26.85
C VAL E 206 40.01 10.79 26.86
N LEU E 207 39.33 10.34 25.81
CA LEU E 207 38.92 8.94 25.69
C LEU E 207 39.75 8.17 24.68
N ASP E 208 40.01 6.90 24.98
CA ASP E 208 40.74 6.01 24.08
C ASP E 208 40.15 4.61 24.07
N ALA E 209 39.62 4.22 22.91
CA ALA E 209 39.03 2.88 22.71
C ALA E 209 38.05 2.49 23.81
N GLY E 210 37.24 3.45 24.25
CA GLY E 210 36.19 3.19 25.23
C GLY E 210 36.50 3.50 26.67
N ARG E 211 37.79 3.63 27.00
CA ARG E 211 38.21 3.93 28.36
C ARG E 211 38.77 5.34 28.50
N VAL E 212 38.75 5.86 29.72
CA VAL E 212 39.30 7.18 30.00
C VAL E 212 40.81 7.11 30.11
N ALA E 213 41.50 7.88 29.26
CA ALA E 213 42.96 7.93 29.26
C ALA E 213 43.46 8.95 30.28
N GLN E 214 42.73 10.07 30.38
CA GLN E 214 43.06 11.15 31.29
C GLN E 214 41.92 12.16 31.43
N VAL E 215 41.82 12.76 32.61
CA VAL E 215 40.87 13.83 32.89
C VAL E 215 41.62 14.96 33.61
N GLY E 216 41.48 16.18 33.13
CA GLY E 216 42.14 17.34 33.74
C GLY E 216 41.88 18.67 33.05
N LYS E 217 42.54 19.71 33.53
CA LYS E 217 42.45 21.04 32.95
C LYS E 217 43.10 21.08 31.56
N PRO E 218 42.58 21.94 30.66
CA PRO E 218 43.16 22.06 29.32
C PRO E 218 44.69 22.19 29.33
N LEU E 219 45.21 23.07 30.18
CA LEU E 219 46.64 23.34 30.24
C LEU E 219 47.38 22.23 30.99
N GLU E 220 46.68 21.58 31.92
CA GLU E 220 47.18 20.41 32.62
C GLU E 220 47.50 19.28 31.63
N LEU E 221 46.57 19.03 30.71
CA LEU E 221 46.73 17.95 29.73
C LEU E 221 47.77 18.26 28.66
N TYR E 222 47.90 19.55 28.32
CA TYR E 222 48.86 20.02 27.33
C TYR E 222 50.30 19.92 27.84
N HIS E 223 50.55 20.46 29.03
CA HIS E 223 51.89 20.46 29.62
C HIS E 223 52.27 19.14 30.29
N TYR E 224 51.27 18.47 30.90
CA TYR E 224 51.53 17.26 31.68
C TYR E 224 50.56 16.12 31.34
N PRO E 225 50.73 15.49 30.16
CA PRO E 225 49.96 14.30 29.84
C PRO E 225 50.46 13.08 30.62
N ALA E 226 49.53 12.16 30.94
CA ALA E 226 49.83 10.97 31.74
C ALA E 226 50.59 9.91 30.94
N ASP E 227 50.37 9.88 29.63
CA ASP E 227 50.94 8.85 28.76
C ASP E 227 51.06 9.27 27.28
N ARG E 228 51.89 8.52 26.56
CA ARG E 228 52.15 8.67 25.12
C ARG E 228 50.91 8.99 24.25
N PHE E 229 49.80 8.29 24.48
CA PHE E 229 48.60 8.49 23.69
C PHE E 229 48.01 9.89 23.84
N VAL E 230 47.90 10.35 25.08
CA VAL E 230 47.35 11.68 25.38
C VAL E 230 48.28 12.76 24.82
N ALA E 231 49.57 12.56 25.01
CA ALA E 231 50.59 13.46 24.47
C ALA E 231 50.43 13.60 22.97
N GLY E 232 50.23 12.47 22.28
CA GLY E 232 50.07 12.44 20.84
C GLY E 232 48.73 12.91 20.33
N PHE E 233 47.72 12.91 21.21
CA PHE E 233 46.38 13.31 20.80
C PHE E 233 46.04 14.77 21.08
N ILE E 234 46.50 15.30 22.21
CA ILE E 234 46.26 16.70 22.56
C ILE E 234 47.34 17.58 21.93
N GLY E 235 46.90 18.64 21.26
CA GLY E 235 47.80 19.54 20.56
C GLY E 235 48.08 19.03 19.16
N SER E 236 47.64 19.80 18.17
CA SER E 236 47.82 19.44 16.76
C SER E 236 48.43 20.61 15.97
N PRO E 237 49.44 20.34 15.13
CA PRO E 237 50.19 19.11 14.84
C PRO E 237 50.62 18.26 16.04
N LYS E 238 50.60 16.95 15.84
CA LYS E 238 50.99 15.94 16.81
C LYS E 238 52.38 16.19 17.38
N MET E 239 52.57 15.83 18.66
CA MET E 239 53.86 15.84 19.32
C MET E 239 54.80 14.83 18.66
N ASN E 240 56.05 15.25 18.43
CA ASN E 240 57.08 14.38 17.85
C ASN E 240 57.60 13.35 18.84
N PHE E 241 57.96 12.18 18.35
CA PHE E 241 58.46 11.09 19.19
C PHE E 241 59.77 10.49 18.68
N LEU E 242 60.74 10.39 19.57
CA LEU E 242 62.06 9.83 19.25
C LEU E 242 62.42 8.70 20.22
N PRO E 243 62.88 7.55 19.69
CA PRO E 243 63.16 6.39 20.53
C PRO E 243 64.52 6.44 21.24
N VAL E 244 64.53 7.04 22.43
CA VAL E 244 65.76 7.20 23.21
C VAL E 244 66.00 6.03 24.16
N THR E 247 70.59 5.25 29.73
CA THR E 247 72.04 5.31 29.84
C THR E 247 72.49 5.61 31.27
N ALA E 248 72.00 6.70 31.83
CA ALA E 248 72.27 7.09 33.21
C ALA E 248 71.07 7.82 33.81
N THR E 249 70.80 7.55 35.08
CA THR E 249 69.68 8.18 35.78
C THR E 249 70.14 8.81 37.09
N ALA E 250 69.68 10.03 37.34
CA ALA E 250 69.97 10.74 38.59
C ALA E 250 68.82 10.59 39.58
N ILE E 251 68.99 11.16 40.77
CA ILE E 251 67.99 11.06 41.84
C ILE E 251 66.75 11.91 41.51
N ASP E 252 66.94 12.98 40.73
CA ASP E 252 65.88 13.95 40.44
C ASP E 252 65.56 14.07 38.95
N GLN E 253 66.43 13.54 38.08
CA GLN E 253 66.25 13.65 36.63
C GLN E 253 66.80 12.42 35.88
N VAL E 254 66.45 12.33 34.60
CA VAL E 254 66.85 11.18 33.76
C VAL E 254 67.68 11.64 32.57
N GLN E 255 68.72 10.89 32.25
CA GLN E 255 69.54 11.14 31.07
C GLN E 255 69.35 10.07 30.01
N VAL E 256 69.10 10.50 28.78
CA VAL E 256 68.88 9.61 27.64
C VAL E 256 69.80 9.93 26.47
N GLU E 257 69.92 9.00 25.53
CA GLU E 257 70.80 9.16 24.38
C GLU E 257 69.99 9.20 23.08
N LEU E 258 70.31 10.17 22.22
CA LEU E 258 69.64 10.33 20.92
C LEU E 258 70.11 9.26 19.92
N PRO E 259 69.18 8.72 19.12
CA PRO E 259 69.48 7.63 18.17
C PRO E 259 70.32 8.07 16.96
N MET E 260 70.35 9.37 16.69
CA MET E 260 71.15 9.93 15.60
C MET E 260 72.66 9.63 15.77
N PRO E 261 73.37 9.39 14.65
CA PRO E 261 74.73 8.81 14.61
C PRO E 261 75.77 9.40 15.59
N ASN E 262 75.61 10.67 15.97
CA ASN E 262 76.53 11.30 16.91
C ASN E 262 76.36 10.83 18.36
N ARG E 263 75.16 10.31 18.66
CA ARG E 263 74.83 9.74 19.98
C ARG E 263 75.03 10.75 21.12
N GLN E 264 74.28 11.84 21.07
CA GLN E 264 74.37 12.90 22.08
C GLN E 264 73.59 12.55 23.34
N GLN E 265 74.16 12.86 24.50
CA GLN E 265 73.54 12.59 25.78
C GLN E 265 72.98 13.87 26.40
N VAL E 266 71.71 13.82 26.83
CA VAL E 266 71.02 14.99 27.36
C VAL E 266 70.19 14.67 28.61
N TRP E 267 70.27 15.55 29.61
CA TRP E 267 69.52 15.42 30.85
C TRP E 267 68.12 16.04 30.73
N LEU E 268 67.13 15.36 31.29
CA LEU E 268 65.74 15.83 31.25
C LEU E 268 65.13 15.83 32.65
N PRO E 269 64.56 16.99 33.07
CA PRO E 269 63.92 17.12 34.38
C PRO E 269 62.61 16.33 34.50
N VAL E 270 62.73 15.01 34.65
CA VAL E 270 61.58 14.12 34.81
C VAL E 270 61.81 13.10 35.93
N GLU E 271 60.82 12.22 36.14
CA GLU E 271 60.84 11.23 37.22
C GLU E 271 62.08 10.33 37.20
N ASN E 280 65.05 1.32 26.94
CA ASN E 280 64.39 1.88 25.76
C ASN E 280 63.16 2.72 26.12
N MET E 281 63.21 3.99 25.76
CA MET E 281 62.11 4.93 26.05
C MET E 281 61.83 5.83 24.84
N SER E 282 60.78 6.64 24.93
CA SER E 282 60.40 7.55 23.84
C SER E 282 60.33 9.01 24.30
N LEU E 283 61.16 9.85 23.68
CA LEU E 283 61.19 11.27 23.98
C LEU E 283 60.14 12.03 23.17
N GLY E 284 59.37 12.88 23.86
CA GLY E 284 58.36 13.70 23.23
C GLY E 284 58.74 15.17 23.19
N ILE E 285 58.57 15.80 22.03
CA ILE E 285 58.78 17.23 21.88
C ILE E 285 57.79 17.82 20.87
N ARG E 286 57.07 18.86 21.30
CA ARG E 286 56.08 19.52 20.48
C ARG E 286 56.72 20.40 19.40
N PRO E 287 56.10 20.46 18.21
CA PRO E 287 56.52 21.31 17.10
C PRO E 287 56.67 22.79 17.44
N GLU E 288 55.89 23.27 18.41
CA GLU E 288 55.92 24.67 18.82
C GLU E 288 57.03 24.96 19.82
N HIS E 289 57.54 23.91 20.45
CA HIS E 289 58.54 24.03 21.50
C HIS E 289 59.98 23.94 21.01
N LEU E 290 60.16 23.33 19.84
CA LEU E 290 61.46 23.29 19.17
C LEU E 290 61.93 24.72 18.86
N LEU E 291 63.23 24.95 18.98
CA LEU E 291 63.80 26.28 18.82
C LEU E 291 64.64 26.41 17.55
N PRO E 292 64.91 27.65 17.11
CA PRO E 292 65.89 27.88 16.04
C PRO E 292 67.25 27.30 16.35
N SER E 293 68.00 26.96 15.31
CA SER E 293 69.28 26.24 15.41
C SER E 293 70.32 26.88 16.32
N ASP E 294 70.68 28.13 16.04
CA ASP E 294 71.80 28.82 16.72
C ASP E 294 71.59 29.12 18.20
N ILE E 295 70.34 29.04 18.66
CA ILE E 295 70.00 29.35 20.06
C ILE E 295 70.44 28.24 21.02
N ALA E 296 69.80 27.06 20.90
CA ALA E 296 69.98 25.97 21.86
C ALA E 296 71.35 25.29 21.82
N ASP E 297 71.61 24.46 22.82
CA ASP E 297 72.84 23.67 22.91
C ASP E 297 72.69 22.35 22.14
N VAL E 298 71.51 21.75 22.21
CA VAL E 298 71.23 20.49 21.52
C VAL E 298 70.73 20.77 20.10
N ILE E 299 71.67 20.78 19.15
CA ILE E 299 71.35 20.96 17.73
C ILE E 299 70.86 19.64 17.16
N LEU E 300 69.90 19.72 16.23
CA LEU E 300 69.35 18.55 15.57
C LEU E 300 69.09 18.88 14.10
N GLU E 301 69.83 18.21 13.21
CA GLU E 301 69.85 18.56 11.79
C GLU E 301 69.37 17.41 10.91
N GLY E 302 68.61 17.75 9.87
CA GLY E 302 68.11 16.78 8.92
C GLY E 302 67.72 17.41 7.58
N GLU E 303 66.96 16.68 6.77
CA GLU E 303 66.54 17.14 5.46
C GLU E 303 65.04 17.46 5.42
N VAL E 304 64.70 18.58 4.79
CA VAL E 304 63.31 19.02 4.65
C VAL E 304 62.54 18.11 3.67
N GLN E 305 61.40 17.60 4.11
CA GLN E 305 60.56 16.73 3.28
C GLN E 305 59.30 17.43 2.80
N VAL E 306 58.59 18.07 3.73
CA VAL E 306 57.34 18.78 3.44
C VAL E 306 57.40 20.20 4.02
N VAL E 307 56.89 21.16 3.25
CA VAL E 307 56.74 22.54 3.73
C VAL E 307 55.31 22.99 3.48
N GLU E 308 54.63 23.41 4.54
CA GLU E 308 53.24 23.85 4.44
C GLU E 308 53.09 25.30 4.89
N GLN E 309 52.62 26.14 3.96
CA GLN E 309 52.50 27.58 4.16
C GLN E 309 51.08 27.92 4.61
N LEU E 310 50.94 28.26 5.89
CA LEU E 310 49.61 28.48 6.47
C LEU E 310 49.22 29.95 6.54
N GLY E 311 50.14 30.82 6.14
CA GLY E 311 49.91 32.26 6.20
C GLY E 311 50.50 32.85 7.47
N ASN E 312 49.89 32.50 8.61
CA ASN E 312 50.34 32.98 9.90
C ASN E 312 51.65 32.33 10.36
N GLU E 313 51.89 31.12 9.87
CA GLU E 313 53.05 30.34 10.26
C GLU E 313 53.47 29.37 9.16
N THR E 314 54.66 28.81 9.33
CA THR E 314 55.21 27.83 8.40
C THR E 314 55.50 26.54 9.17
N GLN E 315 54.94 25.44 8.69
CA GLN E 315 55.18 24.12 9.28
C GLN E 315 56.10 23.30 8.37
N ILE E 316 57.19 22.80 8.95
CA ILE E 316 58.27 22.18 8.19
C ILE E 316 58.55 20.74 8.68
N HIS E 317 58.53 19.79 7.75
CA HIS E 317 58.82 18.38 8.04
C HIS E 317 60.27 18.08 7.72
N ILE E 318 60.98 17.54 8.70
CA ILE E 318 62.43 17.32 8.62
C ILE E 318 62.80 15.86 8.82
N GLN E 319 63.42 15.24 7.81
CA GLN E 319 63.88 13.86 7.91
C GLN E 319 65.30 13.79 8.45
N ILE E 320 65.41 13.49 9.73
CA ILE E 320 66.69 13.35 10.42
C ILE E 320 67.30 11.99 10.08
N PRO E 321 68.63 11.96 9.81
CA PRO E 321 69.33 10.69 9.65
C PRO E 321 69.17 9.79 10.88
N SER E 322 69.03 8.48 10.62
CA SER E 322 68.87 7.45 11.65
C SER E 322 67.55 7.57 12.46
N ILE E 323 66.73 8.55 12.11
CA ILE E 323 65.40 8.72 12.70
C ILE E 323 64.34 8.50 11.62
N ARG E 324 63.71 7.32 11.66
CA ARG E 324 62.75 6.90 10.64
C ARG E 324 61.52 7.81 10.52
N GLN E 325 61.03 8.27 11.67
CA GLN E 325 59.92 9.22 11.69
C GLN E 325 60.41 10.64 11.43
N ASN E 326 59.61 11.40 10.68
CA ASN E 326 59.91 12.79 10.39
C ASN E 326 59.72 13.68 11.61
N LEU E 327 60.37 14.84 11.60
CA LEU E 327 60.25 15.80 12.69
C LEU E 327 59.52 17.06 12.21
N VAL E 328 58.43 17.39 12.89
CA VAL E 328 57.58 18.52 12.49
C VAL E 328 57.92 19.75 13.32
N TYR E 329 58.19 20.86 12.64
CA TYR E 329 58.56 22.12 13.30
C TYR E 329 57.64 23.26 12.85
N ARG E 330 57.16 24.04 13.82
CA ARG E 330 56.34 25.21 13.56
C ARG E 330 57.12 26.48 13.85
N GLN E 331 56.98 27.46 12.95
CA GLN E 331 57.62 28.76 13.14
C GLN E 331 56.73 29.87 12.60
N ASN E 332 56.66 30.97 13.35
CA ASN E 332 55.82 32.10 13.02
C ASN E 332 56.17 32.76 11.68
N ASP E 333 55.16 33.32 11.03
CA ASP E 333 55.31 34.08 9.78
C ASP E 333 55.62 33.18 8.56
N VAL E 334 55.73 33.80 7.38
CA VAL E 334 56.00 33.08 6.15
C VAL E 334 57.50 32.85 5.97
N VAL E 335 57.91 31.58 6.05
CA VAL E 335 59.31 31.19 5.89
C VAL E 335 59.52 30.54 4.52
N LEU E 336 60.48 31.08 3.77
CA LEU E 336 60.79 30.56 2.44
C LEU E 336 61.85 29.45 2.52
N VAL E 337 61.37 28.22 2.64
CA VAL E 337 62.22 27.03 2.67
C VAL E 337 61.59 25.97 1.75
N GLU E 338 62.44 25.30 0.96
CA GLU E 338 61.98 24.35 -0.04
C GLU E 338 62.42 22.92 0.24
N GLU E 339 61.62 21.96 -0.24
CA GLU E 339 61.88 20.53 -0.08
C GLU E 339 63.28 20.12 -0.52
N GLY E 340 63.92 19.26 0.26
CA GLY E 340 65.25 18.75 -0.05
C GLY E 340 66.40 19.52 0.57
N ALA E 341 66.13 20.74 1.03
CA ALA E 341 67.14 21.59 1.65
C ALA E 341 67.45 21.13 3.08
N THR E 342 68.63 21.48 3.56
CA THR E 342 69.04 21.14 4.93
C THR E 342 68.42 22.09 5.96
N PHE E 343 68.03 21.55 7.11
CA PHE E 343 67.44 22.34 8.18
C PHE E 343 67.87 21.82 9.54
N ALA E 344 68.16 22.74 10.45
CA ALA E 344 68.55 22.40 11.80
C ALA E 344 67.66 23.09 12.84
N ILE E 345 67.28 22.35 13.88
CA ILE E 345 66.49 22.89 14.97
C ILE E 345 67.13 22.59 16.33
N GLY E 346 66.81 23.42 17.32
CA GLY E 346 67.27 23.22 18.69
C GLY E 346 66.28 22.40 19.50
N LEU E 347 66.81 21.46 20.27
CA LEU E 347 66.00 20.57 21.11
C LEU E 347 66.11 21.00 22.58
N PRO E 348 65.01 21.57 23.15
CA PRO E 348 65.02 22.11 24.51
C PRO E 348 64.74 21.05 25.58
N PRO E 349 65.73 20.81 26.46
CA PRO E 349 65.67 19.74 27.47
C PRO E 349 64.50 19.85 28.46
N GLU E 350 64.23 21.07 28.94
CA GLU E 350 63.17 21.28 29.94
C GLU E 350 61.77 21.10 29.37
N ARG E 351 61.65 21.25 28.05
CA ARG E 351 60.37 21.10 27.36
C ARG E 351 60.15 19.70 26.80
N CYS E 352 61.08 18.79 27.08
CA CYS E 352 61.00 17.41 26.60
C CYS E 352 60.17 16.52 27.50
N HIS E 353 59.29 15.74 26.88
CA HIS E 353 58.52 14.71 27.57
C HIS E 353 59.27 13.38 27.47
N LEU E 354 58.91 12.42 28.32
CA LEU E 354 59.54 11.10 28.30
C LEU E 354 58.53 10.01 28.66
N PHE E 355 58.56 8.92 27.91
CA PHE E 355 57.59 7.83 28.07
C PHE E 355 58.25 6.47 28.16
N ARG E 356 57.73 5.64 29.07
CA ARG E 356 58.29 4.32 29.36
C ARG E 356 57.91 3.27 28.31
N GLU E 357 58.41 2.05 28.51
CA GLU E 357 58.15 0.90 27.63
C GLU E 357 56.66 0.62 27.45
N ASP E 358 55.90 0.75 28.54
CA ASP E 358 54.46 0.52 28.53
C ASP E 358 53.65 1.65 27.89
N GLY E 359 54.17 2.87 27.99
CA GLY E 359 53.52 4.04 27.40
C GLY E 359 53.30 5.19 28.36
N THR E 360 53.43 4.91 29.65
CA THR E 360 53.20 5.92 30.71
C THR E 360 54.33 6.95 30.77
N ALA E 361 53.96 8.17 31.16
CA ALA E 361 54.89 9.30 31.19
C ALA E 361 55.65 9.42 32.50
N CYS E 362 56.92 9.83 32.41
CA CYS E 362 57.70 10.21 33.58
C CYS E 362 57.37 11.67 33.88
N ARG E 363 56.81 11.91 35.07
CA ARG E 363 56.29 13.22 35.45
C ARG E 363 57.30 14.35 35.25
N ARG E 364 56.90 15.34 34.46
CA ARG E 364 57.72 16.54 34.22
C ARG E 364 57.76 17.41 35.47
N LEU E 365 58.95 17.89 35.80
CA LEU E 365 59.15 18.67 37.01
C LEU E 365 59.35 20.16 36.75
N HIS E 366 59.54 20.52 35.48
CA HIS E 366 59.67 21.91 35.07
C HIS E 366 58.31 22.61 35.16
N LYS E 367 58.19 23.55 36.10
CA LYS E 367 56.94 24.25 36.36
C LYS E 367 56.59 25.22 35.23
N GLU E 368 55.47 24.96 34.56
CA GLU E 368 55.00 25.78 33.44
C GLU E 368 54.03 26.85 33.93
N PRO E 369 54.03 28.03 33.26
CA PRO E 369 53.16 29.16 33.62
C PRO E 369 51.67 28.84 33.53
C1 GLC F . -9.89 -2.51 -0.79
C2 GLC F . -9.63 -3.84 -0.08
C3 GLC F . -10.86 -4.28 0.72
C4 GLC F . -11.32 -3.19 1.69
C5 GLC F . -11.47 -1.84 0.97
C6 GLC F . -11.62 -0.74 2.01
O1 GLC F . -10.85 -2.65 -1.83
O2 GLC F . -9.31 -4.86 -1.03
O3 GLC F . -10.55 -5.48 1.44
O4 GLC F . -12.59 -3.53 2.24
O5 GLC F . -10.34 -1.52 0.14
O6 GLC F . -11.74 0.51 1.33
C1 GLC F . -12.56 -4.03 3.59
C2 GLC F . -13.47 -5.27 3.71
C3 GLC F . -14.92 -4.89 3.45
C4 GLC F . -15.36 -3.76 4.38
C5 GLC F . -14.37 -2.60 4.32
C6 GLC F . -14.67 -1.52 5.36
O2 GLC F . -13.06 -6.29 2.79
O3 GLC F . -15.75 -6.04 3.63
O4 GLC F . -16.67 -3.33 3.99
O5 GLC F . -13.02 -3.04 4.51
O6 GLC F . -14.06 -0.29 4.94
P PGV G . 7.01 4.59 22.53
C01 PGV G . 3.34 1.95 21.89
C02 PGV G . 3.78 2.42 23.27
C03 PGV G . 5.29 2.66 23.25
C04 PGV G . 8.42 4.77 20.29
C05 PGV G . 8.21 3.64 19.28
C06 PGV G . 7.57 4.22 18.03
O01 PGV G . 3.45 1.41 24.24
O02 PGV G . 2.83 2.40 26.24
O03 PGV G . 3.07 3.11 21.10
O04 PGV G . 1.29 3.35 19.69
O05 PGV G . 7.34 2.62 19.81
O06 PGV G . 8.12 3.57 16.87
O11 PGV G . 5.58 3.84 22.48
O12 PGV G . 7.21 5.06 20.99
O13 PGV G . 8.08 3.57 22.85
O14 PGV G . 6.86 5.83 23.37
C1 PGV G . 2.45 1.84 25.22
C2 PGV G . 0.98 1.56 25.00
C3 PGV G . 0.09 2.50 25.80
C4 PGV G . -1.23 1.82 26.17
C5 PGV G . -2.35 2.22 25.21
C6 PGV G . -3.46 1.17 25.17
C7 PGV G . -4.26 1.26 23.88
C8 PGV G . -5.54 0.44 23.94
C9 PGV G . -5.35 -0.94 23.31
C10 PGV G . -6.68 -1.56 22.87
C11 PGV G . -6.71 -1.83 21.37
C12 PGV G . -8.05 -1.45 20.76
C13 PGV G . -7.95 -0.20 19.88
C14 PGV G . -9.18 0.70 20.07
C15 PGV G . -8.93 2.10 19.51
C16 PGV G . -10.25 2.81 19.22
C17 PGV G . -10.04 4.25 18.78
C18 PGV G . -11.36 4.95 18.49
C19 PGV G . 1.71 3.53 20.81
C20 PGV G . 0.84 4.16 21.89
C21 PGV G . -0.64 4.02 21.55
C22 PGV G . -1.17 5.30 20.90
C23 PGV G . -1.95 6.15 21.90
C24 PGV G . -2.99 7.01 21.19
C25 PGV G . -4.39 6.44 21.33
C26 PGV G . -5.44 7.39 20.80
C27 PGV G . -6.02 6.87 19.49
C28 PGV G . -7.32 7.59 19.12
C29 PGV G . -7.06 8.74 18.15
C30 PGV G . -7.42 8.34 16.72
C31 PGV G . -6.24 8.51 15.77
C32 PGV G . -6.62 9.38 14.57
C33 PGV G . -6.71 8.56 13.29
C34 PGV G . -7.59 9.25 12.27
C2 PGV H . 15.13 -1.03 -20.07
C3 PGV H . 14.50 -0.64 -18.73
C4 PGV H . 13.55 -1.71 -18.21
C5 PGV H . 12.15 -1.16 -17.93
C6 PGV H . 11.37 -2.11 -17.02
C7 PGV H . 9.95 -2.38 -17.52
C8 PGV H . 9.06 -2.93 -16.42
C9 PGV H . 8.37 -4.23 -16.83
C10 PGV H . 7.54 -4.83 -15.69
C3 PGV I . 14.67 -4.17 -22.22
C4 PGV I . 13.86 -5.28 -21.56
C5 PGV I . 12.50 -4.77 -21.09
C6 PGV I . 11.58 -5.90 -20.64
C7 PGV I . 10.26 -5.90 -21.42
C8 PGV I . 9.06 -6.30 -20.57
C9 PGV I . 7.75 -5.90 -21.24
C10 PGV I . 6.59 -6.77 -20.78
C2 PGV J . -27.41 10.62 10.14
C3 PGV J . -27.39 10.08 11.56
C4 PGV J . -26.11 9.29 11.85
C5 PGV J . -26.35 8.20 12.90
C6 PGV J . -25.12 7.96 13.76
C7 PGV J . -24.75 6.49 13.83
C8 PGV J . -24.18 6.10 15.19
C9 PGV J . -22.68 5.92 15.16
C10 PGV J . -22.13 5.40 16.49
C11 PGV J . -20.64 5.05 16.38
C12 PGV J . -20.23 4.01 17.42
C13 PGV J . -19.39 2.90 16.77
C14 PGV J . -18.46 2.22 17.77
C15 PGV J . -17.66 1.11 17.09
C16 PGV J . -16.80 0.34 18.08
C17 PGV J . -15.40 0.08 17.52
C18 PGV J . -15.17 -1.38 17.21
C2 UMQ K . -42.72 -46.95 -30.49
C4 UMQ K . -42.83 -44.74 -31.67
C5 UMQ K . -42.78 -44.05 -30.30
C6 UMQ K . -43.62 -42.78 -30.30
O2 UMQ K . -42.02 -48.19 -30.38
O4 UMQ K . -42.16 -43.93 -32.65
C1 UMQ K . -42.62 -46.21 -29.16
C3 UMQ K . -42.14 -46.10 -31.62
O1 UMQ K . -41.23 -46.06 -28.84
O3 UMQ K . -42.28 -46.75 -32.88
O5 UMQ K . -43.26 -44.92 -29.27
O6 UMQ K . -43.55 -42.19 -29.00
C1' UMQ K . -38.46 -46.75 -25.90
C2' UMQ K . -39.36 -47.95 -26.20
C3' UMQ K . -40.15 -47.73 -27.49
C4' UMQ K . -40.86 -46.36 -27.51
C5' UMQ K . -39.93 -45.24 -27.02
C6' UMQ K . -40.67 -43.92 -26.86
O1' UMQ K . -37.77 -46.97 -24.67
O3' UMQ K . -41.11 -48.78 -27.61
O5' UMQ K . -39.27 -45.57 -25.80
O6' UMQ K . -41.64 -44.04 -25.81
O2' UMQ K . -38.59 -49.15 -26.32
CA UMQ K . -36.54 -46.24 -24.55
CB UMQ K . -35.81 -46.68 -23.29
CC UMQ K . -36.30 -45.91 -22.06
CD UMQ K . -35.30 -45.99 -20.92
CF UMQ K . -35.69 -45.09 -19.75
CG UMQ K . -34.53 -44.19 -19.36
CH UMQ K . -34.23 -44.31 -17.87
CI UMQ K . -32.73 -44.19 -17.59
CJ UMQ K . -32.35 -44.87 -16.28
CK UMQ K . -31.11 -45.73 -16.46
CL UMQ K . -30.21 -45.64 -15.24
C2 PGV L . -1.08 -32.26 -8.94
C3 PGV L . -0.76 -31.13 -7.96
C4 PGV L . -0.36 -31.68 -6.60
C5 PGV L . -0.59 -30.66 -5.49
C6 PGV L . 0.72 -30.12 -4.94
C7 PGV L . 0.47 -28.98 -3.96
C8 PGV L . 1.55 -28.91 -2.87
C9 PGV L . 2.11 -27.50 -2.76
C10 PGV L . 2.55 -27.17 -1.34
C11 PGV L . 1.73 -26.02 -0.76
C12 PGV L . 2.47 -24.68 -0.83
C13 PGV L . 2.15 -23.78 0.36
C14 PGV L . 1.08 -22.75 0.02
C15 PGV L . 1.42 -21.37 0.59
C2 PGV M . -6.27 -35.26 -4.74
C3 PGV M . -6.24 -33.93 -3.98
C4 PGV M . -5.02 -33.09 -4.37
C5 PGV M . -5.09 -31.70 -3.74
C6 PGV M . -3.70 -31.14 -3.41
C7 PGV M . -3.64 -30.58 -2.00
C8 PGV M . -2.77 -29.33 -1.93
C9 PGV M . -3.27 -28.36 -0.87
C10 PGV M . -2.27 -27.23 -0.63
C11 PGV M . -2.50 -26.56 0.73
C12 PGV M . -1.58 -25.37 0.94
C13 PGV M . -1.93 -24.62 2.22
C2 PGV N . -7.69 -41.10 0.56
C3 PGV N . -7.95 -39.93 1.50
C4 PGV N . -6.76 -38.99 1.58
C5 PGV N . -6.91 -38.02 2.74
C6 PGV N . -5.81 -36.96 2.77
C7 PGV N . -5.97 -36.02 3.95
C8 PGV N . -4.69 -35.26 4.26
C9 PGV N . -4.70 -33.86 3.64
C10 PGV N . -4.44 -32.78 4.68
C11 PGV N . -4.12 -31.44 4.00
C12 PGV N . -3.85 -30.34 5.02
C13 PGV N . -4.55 -29.03 4.63
C2 PGV O . -12.46 -45.12 7.84
C3 PGV O . -11.41 -44.37 8.66
C4 PGV O . -11.58 -42.86 8.54
C5 PGV O . -10.81 -42.12 9.64
C6 PGV O . -11.24 -40.66 9.72
C7 PGV O . -10.27 -39.82 10.54
C8 PGV O . -10.10 -38.41 9.93
C9 PGV O . -10.16 -37.33 10.99
C10 PGV O . -9.82 -35.95 10.42
C11 PGV O . -10.58 -34.83 11.14
C12 PGV O . -9.88 -33.48 11.02
C13 PGV O . -10.71 -32.37 11.67
C14 PGV O . -10.09 -30.99 11.48
C15 PGV O . -10.90 -29.93 12.24
C16 PGV O . -10.28 -28.54 12.10
C2 PGV P . -13.01 -40.62 15.31
C3 PGV P . -12.33 -39.55 14.45
C4 PGV P . -11.04 -39.05 15.09
C5 PGV P . -11.13 -37.55 15.41
C6 PGV P . -9.78 -36.88 15.30
C7 PGV P . -9.83 -35.45 15.81
C8 PGV P . -8.85 -34.54 15.07
C9 PGV P . -8.76 -33.16 15.72
C10 PGV P . -7.89 -32.23 14.88
C11 PGV P . -7.69 -30.88 15.57
C12 PGV P . -6.90 -29.93 14.68
C13 PGV P . -6.51 -28.67 15.42
C2 PGV Q . 16.62 -8.94 2.47
C3 PGV Q . 17.30 -8.82 1.11
C4 PGV Q . 16.66 -7.74 0.26
C5 PGV Q . 15.74 -8.32 -0.80
C6 PGV Q . 15.56 -7.37 -1.98
C7 PGV Q . 14.85 -8.07 -3.15
C8 PGV Q . 13.76 -7.20 -3.77
C9 PGV Q . 13.17 -7.87 -5.00
C10 PGV Q . 11.64 -7.89 -4.97
C11 PGV Q . 11.07 -8.43 -6.29
C12 PGV Q . 10.03 -7.46 -6.87
C13 PGV Q . 10.60 -6.63 -8.03
C14 PGV Q . 9.57 -6.34 -9.11
C15 PGV Q . 10.18 -5.55 -10.27
MG MG R . 27.26 22.41 2.19
PB ADP S . 26.43 25.41 1.87
O1B ADP S . 27.27 26.56 1.36
O2B ADP S . 26.84 24.08 1.29
O3B ADP S . 26.24 25.42 3.36
PA ADP S . 24.09 24.77 0.31
O1A ADP S . 23.81 23.45 0.96
O2A ADP S . 24.76 24.78 -1.05
O3A ADP S . 24.95 25.72 1.30
O5' ADP S . 22.71 25.59 0.16
C5' ADP S . 22.74 26.92 -0.35
C4' ADP S . 21.47 27.69 -0.01
O4' ADP S . 20.36 27.11 -0.69
C3' ADP S . 21.14 27.68 1.47
O3' ADP S . 20.89 29.04 1.89
C2' ADP S . 19.89 26.84 1.59
O2' ADP S . 18.98 27.37 2.58
C1' ADP S . 19.27 26.90 0.21
N9 ADP S . 18.56 25.65 -0.18
C8 ADP S . 19.06 24.40 -0.22
N7 ADP S . 18.10 23.55 -0.65
C5 ADP S . 17.00 24.28 -0.90
C6 ADP S . 15.72 23.97 -1.36
N6 ADP S . 15.41 22.69 -1.64
N1 ADP S . 14.81 24.97 -1.50
C2 ADP S . 15.11 26.24 -1.21
N3 ADP S . 16.34 26.57 -0.77
C4 ADP S . 17.29 25.62 -0.60
AL ALF T . 27.18 24.32 4.77
F1 ALF T . 26.22 25.35 5.87
F2 ALF T . 28.14 23.27 3.72
F3 ALF T . 28.49 25.53 4.77
F4 ALF T . 25.90 23.09 4.80
MG MG U . 30.55 10.58 17.44
PB ADP V . 32.59 8.30 18.49
O1B ADP V . 33.64 8.35 19.57
O2B ADP V . 31.30 9.01 18.81
O3B ADP V . 33.14 8.62 17.11
PA ADP V . 30.75 6.13 18.80
O1A ADP V . 29.74 6.57 17.77
O2A ADP V . 30.49 6.38 20.26
O3A ADP V . 32.20 6.74 18.41
O5' ADP V . 30.98 4.54 18.60
C5' ADP V . 32.07 3.86 19.23
C4' ADP V . 32.35 2.55 18.53
O4' ADP V . 31.20 1.69 18.60
C3' ADP V . 32.69 2.73 17.05
O3' ADP V . 33.98 2.17 16.81
C2' ADP V . 31.60 1.96 16.31
O2' ADP V . 32.13 1.22 15.19
C1' ADP V . 31.05 1.01 17.36
N9 ADP V . 29.63 0.61 17.11
C8 ADP V . 28.57 1.42 16.98
N7 ADP V . 27.47 0.67 16.75
C5 ADP V . 27.85 -0.62 16.76
C6 ADP V . 27.16 -1.83 16.59
N6 ADP V . 25.83 -1.83 16.37
N1 ADP V . 27.85 -2.99 16.64
C2 ADP V . 29.17 -3.00 16.86
N3 ADP V . 29.85 -1.86 17.03
C4 ADP V . 29.22 -0.66 16.98
AL ALF W . 33.16 10.05 15.62
F1 ALF W . 34.12 8.97 14.59
F2 ALF W . 32.19 11.07 16.71
F3 ALF W . 34.68 10.69 16.30
F4 ALF W . 31.64 9.40 14.98
#